data_5HYJ
#
_entry.id   5HYJ
#
_cell.length_a   41.440
_cell.length_b   97.310
_cell.length_c   121.370
_cell.angle_alpha   97.290
_cell.angle_beta   97.660
_cell.angle_gamma   92.730
#
_symmetry.space_group_name_H-M   'P 1'
#
loop_
_entity.id
_entity.type
_entity.pdbx_description
1 polymer 'HLA class I histocompatibility antigen, A-2 alpha chain'
2 polymer Beta-2-microglobulin
3 polymer ALA-GLN-TRP-GLY-PRO-ASP-PRO-ALA-ALA-ALA
4 polymer 'Human T-cell Receptor, Class I, Light alpha Chain'
5 polymer 'Human T-cell Receptor, Class I, Heavy beta Chain'
6 water water
#
loop_
_entity_poly.entity_id
_entity_poly.type
_entity_poly.pdbx_seq_one_letter_code
_entity_poly.pdbx_strand_id
1 'polypeptide(L)'
;GSHSMRYFFTSVSRPGRGEPRFIAVGYVDDTQFVRFDSDAASQRMEPRAPWIEQEGPEYWDGETRKVKAHSQTHRVDLGT
LRGYYNQSEAGSHTVQRMYGCDVGSDWRFLRGYHQYAYDGKDYIALKEDLRSWTAADMAAQTTKHKWEAAHVAEQLRAYL
EGTCVEWLRRYLENGKETLQRTDAPKTHMTHHAVSDHEATLRCWALSFYPAEITLTWQRDGEDQTQDTELVETRPAGDGT
FQKWAAVVVPSGQEQRYTCHVQHEGLPKPLTLRWEP
;
A,F
2 'polypeptide(L)'
;MIQRTPKIQVYSRHPAENGKSNFLNCYVSGFHPSDIEVDLLKNGERIEKVEHSDLSFSKDWSFYLLYYTEFTPTEKDEYA
CRVNHVTLSQPKIVKWDRDM
;
B,G
3 'polypeptide(L)' AQWGPDPAAA C,H
4 'polypeptide(L)'
;KEVEQDPGPLSVPEGAIVSLNCTYSNSAFQYFMWYRQYSRKGPELLMYTYSSGNKEDGRFTAQVDKSSKYISLFIRDSQP
SDSATYLCAMRGDSSYKLIFGSGTRLLVRPDIQNPDPAVYQLRDSKSSDKSVCLFTDFDSQTNVSQSKDSDVYITDKCVL
DMRSMDFKSNSAVAWSNKSDFACANAFNNSIIP
;
D,I
5 'polypeptide(L)'
;DAGVIQSPRHEVTEMGQQVTLRCKPISGHDYLFWYRQTMMRGLELLIYFNNNVPIDDSGMPEDRFSAKMPNASFSTLKIQ
PSEPRDSAVYFCASSLWEKLAKNIQYFGAGTRLSVLEDLKNVFPPEVAVFEPSEAEISHTQKATLVCLATGFYPDHVELS
WWVNGKEVHSGVCTDPQPLKEQPALNDSRYALSSRLRVSATFWQDPRNHFRCQVQFYGLSENDEWTQDRAKPVTQIVSAE
AWGRAD
;
E,J
#
# COMPACT_ATOMS: atom_id res chain seq x y z
N GLY A 1 -32.21 19.14 -31.46
CA GLY A 1 -31.81 18.22 -32.57
C GLY A 1 -30.35 17.87 -32.46
N SER A 2 -29.59 18.10 -33.54
CA SER A 2 -28.13 17.90 -33.47
C SER A 2 -27.51 19.00 -32.64
N HIS A 3 -26.28 18.76 -32.21
CA HIS A 3 -25.49 19.82 -31.57
C HIS A 3 -24.01 19.65 -31.87
N SER A 4 -23.31 20.76 -31.93
CA SER A 4 -21.90 20.77 -32.30
C SER A 4 -21.13 21.66 -31.34
N MET A 5 -19.82 21.43 -31.21
CA MET A 5 -18.88 22.41 -30.66
C MET A 5 -17.74 22.52 -31.62
N ARG A 6 -17.51 23.72 -32.17
CA ARG A 6 -16.43 23.96 -33.12
C ARG A 6 -15.53 25.10 -32.67
N TYR A 7 -14.25 24.88 -32.82
CA TYR A 7 -13.27 25.90 -32.65
C TYR A 7 -12.71 26.23 -34.02
N PHE A 8 -12.67 27.50 -34.36
CA PHE A 8 -12.02 27.98 -35.57
C PHE A 8 -10.74 28.79 -35.25
N PHE A 9 -9.61 28.41 -35.78
CA PHE A 9 -8.41 29.23 -35.64
C PHE A 9 -7.91 29.69 -36.98
N THR A 10 -7.33 30.89 -36.96
CA THR A 10 -6.76 31.54 -38.13
C THR A 10 -5.41 32.20 -37.75
N SER A 11 -4.48 32.24 -38.70
CA SER A 11 -3.13 32.76 -38.41
C SER A 11 -2.49 33.32 -39.63
N VAL A 12 -2.07 34.59 -39.53
CA VAL A 12 -1.61 35.32 -40.70
C VAL A 12 -0.24 35.93 -40.46
N SER A 13 0.76 35.38 -41.16
CA SER A 13 2.12 35.95 -41.18
C SER A 13 2.04 37.39 -41.58
N ARG A 14 2.99 38.14 -41.02
CA ARG A 14 3.17 39.53 -41.35
C ARG A 14 4.62 39.83 -41.31
N PRO A 15 5.34 39.46 -42.37
CA PRO A 15 6.79 39.62 -42.38
C PRO A 15 7.31 40.86 -41.61
N GLY A 16 6.93 42.05 -42.09
CA GLY A 16 7.40 43.29 -41.54
C GLY A 16 7.06 43.49 -40.09
N ARG A 17 5.81 43.21 -39.73
CA ARG A 17 5.31 43.64 -38.45
C ARG A 17 5.45 42.56 -37.37
N GLY A 18 6.62 41.90 -37.33
CA GLY A 18 6.88 40.85 -36.33
C GLY A 18 5.87 39.69 -36.32
N GLU A 19 5.51 39.21 -35.13
CA GLU A 19 4.84 37.91 -34.99
C GLU A 19 3.43 37.97 -35.61
N PRO A 20 2.90 36.85 -36.08
CA PRO A 20 1.64 36.86 -36.84
C PRO A 20 0.35 37.13 -36.05
N ARG A 21 -0.72 37.45 -36.78
CA ARG A 21 -2.08 37.60 -36.22
C ARG A 21 -2.73 36.28 -35.94
N PHE A 22 -3.24 36.15 -34.75
CA PHE A 22 -3.98 34.98 -34.35
C PHE A 22 -5.39 35.28 -33.98
N ILE A 23 -6.34 34.52 -34.50
CA ILE A 23 -7.74 34.66 -34.06
C ILE A 23 -8.41 33.30 -33.90
N ALA A 24 -8.59 32.93 -32.64
CA ALA A 24 -9.41 31.79 -32.28
C ALA A 24 -10.80 32.27 -32.00
N VAL A 25 -11.79 31.46 -32.40
CA VAL A 25 -13.16 31.57 -31.85
C VAL A 25 -13.71 30.22 -31.62
N GLY A 26 -14.58 30.11 -30.66
CA GLY A 26 -15.29 28.86 -30.39
C GLY A 26 -16.80 28.98 -30.49
N TYR A 27 -17.45 28.08 -31.21
CA TYR A 27 -18.90 28.06 -31.26
C TYR A 27 -19.47 26.85 -30.55
N VAL A 28 -20.69 27.02 -30.03
CA VAL A 28 -21.64 25.93 -29.77
C VAL A 28 -22.85 26.20 -30.63
N ASP A 29 -23.17 25.22 -31.46
CA ASP A 29 -24.19 25.37 -32.49
C ASP A 29 -23.72 26.51 -33.34
N ASP A 30 -24.51 27.56 -33.45
CA ASP A 30 -24.14 28.74 -34.13
C ASP A 30 -24.06 29.92 -33.11
N THR A 31 -24.01 29.64 -31.80
CA THR A 31 -23.69 30.70 -30.83
C THR A 31 -22.19 30.73 -30.53
N GLN A 32 -21.60 31.90 -30.70
CA GLN A 32 -20.18 32.12 -30.49
C GLN A 32 -20.01 32.23 -28.97
N PHE A 33 -19.02 31.59 -28.38
CA PHE A 33 -18.86 31.68 -26.93
C PHE A 33 -17.48 32.10 -26.39
N VAL A 34 -16.41 31.85 -27.11
CA VAL A 34 -15.09 32.32 -26.63
C VAL A 34 -14.42 32.91 -27.81
N ARG A 35 -13.40 33.75 -27.59
CA ARG A 35 -12.51 34.24 -28.67
C ARG A 35 -11.20 34.59 -28.07
N PHE A 36 -10.19 34.55 -28.89
CA PHE A 36 -8.89 35.08 -28.52
C PHE A 36 -8.43 35.93 -29.66
N ASP A 37 -7.91 37.10 -29.37
CA ASP A 37 -7.18 37.77 -30.41
C ASP A 37 -5.78 38.14 -29.90
N SER A 38 -4.77 37.71 -30.64
CA SER A 38 -3.37 38.06 -30.35
C SER A 38 -3.13 39.57 -30.25
N ASP A 39 -3.74 40.33 -31.17
CA ASP A 39 -3.54 41.77 -31.21
C ASP A 39 -4.28 42.62 -30.21
N ALA A 40 -5.09 41.98 -29.40
CA ALA A 40 -5.85 42.64 -28.40
C ALA A 40 -4.98 42.71 -27.18
N ALA A 41 -5.14 43.78 -26.39
CA ALA A 41 -4.53 43.97 -25.07
C ALA A 41 -4.55 42.81 -24.05
N SER A 42 -5.69 42.17 -23.82
CA SER A 42 -5.76 41.25 -22.69
C SER A 42 -4.88 40.04 -22.78
N GLN A 43 -4.70 39.43 -23.98
CA GLN A 43 -3.96 38.14 -24.11
C GLN A 43 -4.61 37.11 -23.16
N ARG A 44 -5.91 36.98 -23.34
CA ARG A 44 -6.75 36.17 -22.48
C ARG A 44 -7.76 35.64 -23.45
N MET A 45 -8.16 34.40 -23.21
CA MET A 45 -9.29 33.79 -23.90
C MET A 45 -10.51 34.42 -23.26
N GLU A 46 -11.36 35.05 -24.08
CA GLU A 46 -12.44 35.93 -23.62
C GLU A 46 -13.85 35.27 -23.78
N PRO A 47 -14.70 35.27 -22.74
CA PRO A 47 -16.07 34.87 -22.98
C PRO A 47 -16.77 35.71 -24.04
N ARG A 48 -17.72 35.13 -24.72
CA ARG A 48 -18.57 35.86 -25.63
C ARG A 48 -20.00 35.37 -25.54
N ALA A 49 -20.39 34.92 -24.35
CA ALA A 49 -21.76 34.49 -24.06
C ALA A 49 -21.93 34.53 -22.58
N PRO A 50 -23.14 34.84 -22.13
CA PRO A 50 -23.39 34.91 -20.72
C PRO A 50 -23.19 33.57 -19.97
N TRP A 51 -23.39 32.43 -20.62
CA TRP A 51 -23.40 31.11 -19.92
C TRP A 51 -22.06 30.49 -19.54
N ILE A 52 -21.00 30.94 -20.22
CA ILE A 52 -19.62 30.52 -19.98
C ILE A 52 -18.95 31.40 -18.92
N GLU A 53 -19.48 32.60 -18.70
CA GLU A 53 -18.86 33.48 -17.76
C GLU A 53 -18.90 32.87 -16.34
N GLN A 54 -19.81 31.94 -16.10
CA GLN A 54 -19.85 31.20 -14.82
C GLN A 54 -18.54 30.55 -14.52
N GLU A 55 -17.90 30.02 -15.54
CA GLU A 55 -16.65 29.26 -15.39
C GLU A 55 -15.54 29.93 -14.50
N GLY A 56 -14.94 29.07 -13.67
CA GLY A 56 -13.93 29.50 -12.70
C GLY A 56 -12.59 29.90 -13.28
N PRO A 57 -11.69 30.35 -12.42
CA PRO A 57 -10.31 30.61 -12.78
C PRO A 57 -9.56 29.44 -13.44
N GLU A 58 -9.65 28.21 -12.88
CA GLU A 58 -9.04 26.99 -13.48
C GLU A 58 -9.35 27.02 -14.97
N TYR A 59 -10.60 27.25 -15.34
CA TYR A 59 -11.01 27.25 -16.73
C TYR A 59 -10.28 28.32 -17.51
N TRP A 60 -10.32 29.57 -17.05
CA TRP A 60 -9.90 30.71 -17.91
C TRP A 60 -8.42 30.80 -18.09
N ASP A 61 -7.67 30.34 -17.10
CA ASP A 61 -6.24 30.29 -17.25
C ASP A 61 -6.04 29.20 -18.30
N GLY A 62 -6.52 28.00 -18.01
CA GLY A 62 -6.25 26.82 -18.86
C GLY A 62 -6.72 26.88 -20.30
N GLU A 63 -7.75 27.66 -20.56
CA GLU A 63 -8.09 27.91 -21.92
C GLU A 63 -7.07 28.89 -22.56
N THR A 64 -6.64 29.93 -21.80
CA THR A 64 -5.67 30.90 -22.32
C THR A 64 -4.36 30.23 -22.65
N ARG A 65 -3.91 29.32 -21.80
CA ARG A 65 -2.78 28.47 -22.16
C ARG A 65 -3.03 27.69 -23.45
N LYS A 66 -4.03 26.85 -23.47
CA LYS A 66 -4.22 26.04 -24.64
C LYS A 66 -4.09 26.89 -25.93
N VAL A 67 -4.81 28.03 -25.98
CA VAL A 67 -4.85 28.94 -27.16
C VAL A 67 -3.49 29.59 -27.45
N LYS A 68 -2.79 30.03 -26.41
CA LYS A 68 -1.50 30.63 -26.66
C LYS A 68 -0.62 29.63 -27.30
N ALA A 69 -0.43 28.48 -26.66
CA ALA A 69 0.43 27.44 -27.19
C ALA A 69 0.09 27.07 -28.63
N HIS A 70 -1.20 27.12 -28.91
CA HIS A 70 -1.69 26.89 -30.25
C HIS A 70 -1.16 27.95 -31.22
N SER A 71 -1.10 29.22 -30.80
CA SER A 71 -0.64 30.29 -31.71
C SER A 71 0.79 30.13 -32.09
N GLN A 72 1.56 29.69 -31.12
CA GLN A 72 2.95 29.35 -31.33
C GLN A 72 3.10 28.20 -32.33
N THR A 73 2.32 27.14 -32.18
CA THR A 73 2.39 26.08 -33.15
C THR A 73 2.11 26.61 -34.55
N HIS A 74 1.10 27.47 -34.71
CA HIS A 74 0.86 28.12 -36.01
C HIS A 74 1.99 29.00 -36.52
N ARG A 75 2.53 29.81 -35.62
CA ARG A 75 3.75 30.55 -35.88
C ARG A 75 4.86 29.65 -36.55
N VAL A 76 5.29 28.59 -35.88
CA VAL A 76 6.11 27.57 -36.51
C VAL A 76 5.56 27.06 -37.83
N ASP A 77 4.28 26.71 -37.87
CA ASP A 77 3.67 26.02 -39.03
C ASP A 77 3.72 26.89 -40.27
N LEU A 78 3.36 28.16 -40.12
CA LEU A 78 3.69 29.21 -41.13
C LEU A 78 5.11 29.16 -41.69
N GLY A 79 6.11 29.08 -40.80
CA GLY A 79 7.51 28.87 -41.20
C GLY A 79 7.74 27.60 -41.99
N THR A 80 7.36 26.46 -41.40
CA THR A 80 7.44 25.13 -42.08
C THR A 80 6.86 25.12 -43.49
N LEU A 81 5.66 25.72 -43.67
CA LEU A 81 4.98 25.71 -44.97
C LEU A 81 5.57 26.66 -46.02
N ARG A 82 6.02 27.84 -45.57
CA ARG A 82 6.86 28.71 -46.41
C ARG A 82 8.01 27.93 -46.97
N GLY A 83 8.58 27.09 -46.12
CA GLY A 83 9.50 26.05 -46.55
C GLY A 83 8.96 25.11 -47.60
N TYR A 84 8.07 24.20 -47.19
CA TYR A 84 7.64 23.09 -48.05
C TYR A 84 7.23 23.61 -49.41
N TYR A 85 6.52 24.75 -49.45
CA TYR A 85 6.07 25.39 -50.71
C TYR A 85 7.04 26.34 -51.40
N ASN A 86 8.15 26.63 -50.75
CA ASN A 86 9.24 27.41 -51.36
C ASN A 86 8.87 28.89 -51.50
N GLN A 87 8.20 29.51 -50.52
CA GLN A 87 7.67 30.88 -50.74
C GLN A 87 8.58 31.96 -50.21
N SER A 88 8.42 33.15 -50.78
CA SER A 88 9.19 34.34 -50.39
C SER A 88 8.74 34.73 -49.01
N GLU A 89 9.65 35.43 -48.35
CA GLU A 89 9.50 35.84 -46.97
C GLU A 89 8.87 37.20 -46.80
N ALA A 90 8.53 37.93 -47.85
CA ALA A 90 7.80 39.20 -47.71
C ALA A 90 6.33 38.97 -47.97
N GLY A 91 5.98 37.74 -48.29
CA GLY A 91 4.61 37.36 -48.59
C GLY A 91 3.89 37.06 -47.30
N SER A 92 2.60 37.43 -47.23
CA SER A 92 1.77 37.15 -46.06
C SER A 92 1.12 35.88 -46.40
N HIS A 93 1.07 34.93 -45.50
CA HIS A 93 0.36 33.67 -45.71
C HIS A 93 -0.46 33.27 -44.52
N THR A 94 -1.43 32.40 -44.78
CA THR A 94 -2.47 32.08 -43.81
C THR A 94 -2.54 30.59 -43.45
N VAL A 95 -2.46 30.24 -42.17
CA VAL A 95 -2.88 28.94 -41.70
C VAL A 95 -4.25 29.06 -41.07
N GLN A 96 -5.17 28.12 -41.40
CA GLN A 96 -6.52 27.98 -40.73
C GLN A 96 -6.77 26.54 -40.25
N ARG A 97 -7.44 26.38 -39.12
CA ARG A 97 -7.75 25.05 -38.56
C ARG A 97 -9.13 25.05 -37.97
N MET A 98 -9.91 24.00 -38.21
CA MET A 98 -11.13 23.87 -37.47
C MET A 98 -11.34 22.50 -37.03
N TYR A 99 -11.60 22.32 -35.76
CA TYR A 99 -11.98 21.02 -35.25
C TYR A 99 -13.22 21.14 -34.42
N GLY A 100 -13.78 19.98 -34.04
CA GLY A 100 -15.03 19.94 -33.24
C GLY A 100 -15.81 18.65 -33.33
N CYS A 101 -16.91 18.54 -32.61
CA CYS A 101 -17.59 17.24 -32.46
C CYS A 101 -19.05 17.47 -32.46
N ASP A 102 -19.81 16.61 -33.15
CA ASP A 102 -21.26 16.74 -33.18
C ASP A 102 -21.92 15.70 -32.24
N VAL A 103 -23.20 15.91 -31.92
CA VAL A 103 -24.04 14.96 -31.16
C VAL A 103 -25.49 14.99 -31.65
N GLY A 104 -26.23 13.89 -31.46
CA GLY A 104 -27.64 13.77 -31.84
C GLY A 104 -28.59 14.28 -30.78
N SER A 105 -29.88 14.18 -31.04
CA SER A 105 -30.92 14.60 -30.09
C SER A 105 -30.84 13.92 -28.72
N ASP A 106 -30.24 12.73 -28.73
CA ASP A 106 -29.88 11.99 -27.53
C ASP A 106 -28.63 12.51 -26.79
N TRP A 107 -27.97 13.54 -27.35
CA TRP A 107 -26.64 14.10 -26.91
C TRP A 107 -25.49 13.09 -26.90
N ARG A 108 -25.68 11.90 -27.51
CA ARG A 108 -24.58 10.93 -27.65
C ARG A 108 -23.63 11.43 -28.73
N PHE A 109 -22.40 10.97 -28.65
CA PHE A 109 -21.47 11.24 -29.74
C PHE A 109 -22.06 10.72 -31.09
N LEU A 110 -21.96 11.57 -32.13
CA LEU A 110 -22.51 11.27 -33.50
C LEU A 110 -21.40 11.41 -34.60
N ARG A 111 -20.53 12.42 -34.56
CA ARG A 111 -19.29 12.41 -35.40
C ARG A 111 -18.17 13.30 -34.80
N GLY A 112 -17.01 13.36 -35.45
CA GLY A 112 -15.91 14.25 -35.06
C GLY A 112 -15.01 14.71 -36.17
N TYR A 113 -14.40 15.87 -36.03
CA TYR A 113 -13.63 16.41 -37.15
C TYR A 113 -12.52 17.37 -36.80
N HIS A 114 -11.59 17.50 -37.75
CA HIS A 114 -10.40 18.32 -37.62
C HIS A 114 -9.86 18.53 -38.99
N GLN A 115 -9.82 19.77 -39.47
CA GLN A 115 -9.43 20.07 -40.85
C GLN A 115 -8.54 21.32 -40.85
N TYR A 116 -7.57 21.35 -41.75
CA TYR A 116 -6.44 22.30 -41.65
C TYR A 116 -6.14 22.82 -43.03
N ALA A 117 -5.83 24.10 -43.16
CA ALA A 117 -5.62 24.66 -44.47
C ALA A 117 -4.47 25.67 -44.44
N TYR A 118 -3.60 25.60 -45.46
CA TYR A 118 -2.63 26.66 -45.81
C TYR A 118 -3.19 27.48 -46.95
N ASP A 119 -3.05 28.80 -46.87
CA ASP A 119 -3.61 29.77 -47.85
C ASP A 119 -4.97 29.41 -48.42
N GLY A 120 -5.91 29.13 -47.53
CA GLY A 120 -7.32 29.04 -47.91
C GLY A 120 -7.74 27.98 -48.90
N LYS A 121 -6.99 26.88 -48.93
CA LYS A 121 -7.31 25.68 -49.71
C LYS A 121 -7.03 24.49 -48.76
N ASP A 122 -7.73 23.37 -49.00
CA ASP A 122 -7.65 22.18 -48.15
C ASP A 122 -6.24 21.61 -48.14
N TYR A 123 -5.62 21.55 -46.96
CA TYR A 123 -4.28 20.93 -46.73
C TYR A 123 -4.34 19.51 -46.20
N ILE A 124 -4.80 19.33 -44.97
CA ILE A 124 -4.89 18.02 -44.34
C ILE A 124 -6.07 18.02 -43.40
N ALA A 125 -6.76 16.90 -43.38
CA ALA A 125 -7.93 16.71 -42.52
C ALA A 125 -8.06 15.28 -42.01
N LEU A 126 -8.67 15.14 -40.85
CA LEU A 126 -8.84 13.85 -40.21
C LEU A 126 -10.11 13.25 -40.70
N LYS A 127 -10.01 11.99 -41.12
CA LYS A 127 -11.12 11.22 -41.68
C LYS A 127 -12.13 10.95 -40.62
N GLU A 128 -13.34 10.62 -41.07
CA GLU A 128 -14.49 10.39 -40.20
C GLU A 128 -14.21 9.27 -39.19
N ASP A 129 -13.49 8.23 -39.60
CA ASP A 129 -13.13 7.13 -38.67
C ASP A 129 -12.21 7.52 -37.50
N LEU A 130 -11.68 8.73 -37.50
CA LEU A 130 -10.70 9.24 -36.50
C LEU A 130 -9.40 8.43 -36.26
N ARG A 131 -9.13 7.44 -37.13
CA ARG A 131 -7.94 6.65 -37.10
C ARG A 131 -6.91 7.28 -38.05
N SER A 132 -7.35 7.83 -39.21
CA SER A 132 -6.45 8.15 -40.35
C SER A 132 -6.59 9.57 -40.96
N TRP A 133 -5.63 9.96 -41.81
CA TRP A 133 -5.60 11.31 -42.41
C TRP A 133 -5.85 11.34 -43.91
N THR A 134 -6.35 12.48 -44.37
CA THR A 134 -6.43 12.76 -45.81
C THR A 134 -5.76 14.07 -46.16
N ALA A 135 -4.83 13.97 -47.11
CA ALA A 135 -3.85 15.01 -47.35
C ALA A 135 -3.95 15.51 -48.77
N ALA A 136 -3.90 16.83 -48.93
CA ALA A 136 -3.96 17.47 -50.25
C ALA A 136 -2.59 17.44 -50.97
N ASP A 137 -2.41 16.42 -51.80
CA ASP A 137 -1.11 16.13 -52.44
C ASP A 137 0.16 16.74 -51.74
N MET A 138 0.76 17.73 -52.38
CA MET A 138 2.19 17.88 -52.34
C MET A 138 2.87 17.96 -51.00
N ALA A 139 2.51 18.96 -50.23
CA ALA A 139 3.22 19.23 -49.00
C ALA A 139 2.63 18.42 -47.88
N ALA A 140 1.32 18.39 -47.87
CA ALA A 140 0.53 17.67 -46.86
C ALA A 140 1.01 16.24 -46.59
N GLN A 141 1.37 15.53 -47.64
CA GLN A 141 1.96 14.22 -47.48
C GLN A 141 3.10 14.17 -46.47
N THR A 142 3.90 15.22 -46.33
CA THR A 142 4.99 15.22 -45.37
C THR A 142 4.49 15.44 -43.95
N THR A 143 3.48 16.28 -43.84
CA THR A 143 2.86 16.56 -42.57
C THR A 143 2.26 15.28 -42.05
N LYS A 144 1.58 14.59 -42.93
CA LYS A 144 0.89 13.36 -42.55
C LYS A 144 1.87 12.32 -42.03
N HIS A 145 2.95 12.11 -42.78
CA HIS A 145 3.94 11.12 -42.40
C HIS A 145 4.50 11.48 -41.00
N LYS A 146 4.75 12.77 -40.72
CA LYS A 146 5.00 13.21 -39.34
C LYS A 146 3.88 12.87 -38.30
N TRP A 147 2.65 13.17 -38.66
CA TRP A 147 1.51 13.00 -37.76
C TRP A 147 1.21 11.50 -37.50
N GLU A 148 1.32 10.69 -38.55
CA GLU A 148 1.24 9.24 -38.38
C GLU A 148 2.20 8.76 -37.30
N ALA A 149 3.42 9.31 -37.33
CA ALA A 149 4.51 8.86 -36.47
C ALA A 149 4.53 9.42 -35.02
N ALA A 150 3.95 10.57 -34.76
CA ALA A 150 3.72 11.02 -33.37
C ALA A 150 2.37 10.53 -32.79
N HIS A 151 1.61 9.78 -33.59
CA HIS A 151 0.29 9.30 -33.21
C HIS A 151 -0.58 10.46 -32.86
N VAL A 152 -0.63 11.46 -33.73
CA VAL A 152 -1.48 12.62 -33.45
C VAL A 152 -2.97 12.26 -33.45
N ALA A 153 -3.41 11.44 -34.38
CA ALA A 153 -4.84 11.08 -34.38
C ALA A 153 -5.24 10.39 -33.07
N GLU A 154 -4.37 9.54 -32.50
CA GLU A 154 -4.71 8.88 -31.23
C GLU A 154 -5.07 9.92 -30.14
N GLN A 155 -4.26 10.98 -29.96
CA GLN A 155 -4.62 12.11 -29.03
C GLN A 155 -5.96 12.79 -29.44
N LEU A 156 -5.99 13.41 -30.62
CA LEU A 156 -7.25 13.94 -31.15
C LEU A 156 -8.49 13.08 -30.89
N ARG A 157 -8.40 11.78 -31.20
CA ARG A 157 -9.58 10.90 -31.04
C ARG A 157 -10.10 11.02 -29.61
N ALA A 158 -9.17 10.92 -28.65
CA ALA A 158 -9.49 11.06 -27.23
C ALA A 158 -10.17 12.38 -26.87
N TYR A 159 -9.66 13.50 -27.37
CA TYR A 159 -10.37 14.78 -27.28
C TYR A 159 -11.73 14.68 -27.89
N LEU A 160 -11.77 14.43 -29.20
CA LEU A 160 -13.02 14.52 -29.97
C LEU A 160 -14.17 13.60 -29.47
N GLU A 161 -13.88 12.34 -29.18
CA GLU A 161 -14.88 11.41 -28.62
C GLU A 161 -15.16 11.69 -27.15
N GLY A 162 -14.13 11.78 -26.32
CA GLY A 162 -14.35 11.92 -24.88
C GLY A 162 -14.62 13.36 -24.43
N THR A 163 -13.54 14.12 -24.27
CA THR A 163 -13.54 15.45 -23.71
C THR A 163 -14.44 16.50 -24.41
N CYS A 164 -14.31 16.63 -25.72
CA CYS A 164 -15.09 17.60 -26.50
C CYS A 164 -16.60 17.43 -26.16
N VAL A 165 -17.13 16.24 -26.44
CA VAL A 165 -18.48 15.84 -26.06
C VAL A 165 -18.91 16.12 -24.59
N GLU A 166 -18.07 15.78 -23.58
CA GLU A 166 -18.37 16.12 -22.17
C GLU A 166 -18.57 17.62 -21.98
N TRP A 167 -17.59 18.39 -22.42
CA TRP A 167 -17.71 19.84 -22.42
C TRP A 167 -18.93 20.35 -23.18
N LEU A 168 -19.17 19.79 -24.37
CA LEU A 168 -20.31 20.22 -25.19
C LEU A 168 -21.59 20.00 -24.42
N ARG A 169 -21.73 18.80 -23.83
CA ARG A 169 -22.83 18.46 -22.94
C ARG A 169 -22.95 19.41 -21.74
N ARG A 170 -21.82 19.84 -21.16
CA ARG A 170 -21.82 20.84 -20.09
C ARG A 170 -22.45 22.15 -20.57
N TYR A 171 -22.02 22.61 -21.73
CA TYR A 171 -22.45 23.90 -22.25
C TYR A 171 -23.96 23.95 -22.55
N LEU A 172 -24.47 22.88 -23.14
CA LEU A 172 -25.88 22.77 -23.47
C LEU A 172 -26.73 22.85 -22.21
N GLU A 173 -26.33 22.21 -21.12
CA GLU A 173 -27.00 22.45 -19.80
C GLU A 173 -26.79 23.88 -19.20
N ASN A 174 -25.55 24.22 -18.87
CA ASN A 174 -25.26 25.44 -18.17
C ASN A 174 -25.89 26.65 -18.84
N GLY A 175 -25.92 26.61 -20.18
CA GLY A 175 -26.50 27.67 -20.95
C GLY A 175 -27.74 27.26 -21.70
N LYS A 176 -28.61 26.47 -21.08
CA LYS A 176 -29.75 25.93 -21.81
C LYS A 176 -30.71 27.03 -22.22
N GLU A 177 -30.85 28.06 -21.39
CA GLU A 177 -31.77 29.21 -21.64
C GLU A 177 -31.56 29.81 -23.04
N THR A 178 -30.31 29.85 -23.51
CA THR A 178 -29.95 30.50 -24.78
C THR A 178 -29.74 29.52 -25.93
N LEU A 179 -28.95 28.46 -25.69
CA LEU A 179 -28.59 27.44 -26.70
C LEU A 179 -29.70 26.48 -27.13
N GLN A 180 -30.66 26.21 -26.25
CA GLN A 180 -31.71 25.26 -26.48
C GLN A 180 -33.02 25.97 -26.75
N ARG A 181 -32.99 27.24 -27.11
CA ARG A 181 -34.22 27.87 -27.52
C ARG A 181 -34.42 27.62 -29.01
N THR A 182 -35.60 28.06 -29.43
CA THR A 182 -35.97 28.30 -30.80
C THR A 182 -36.61 29.71 -30.75
N ASP A 183 -36.24 30.60 -31.68
CA ASP A 183 -37.05 31.80 -31.92
C ASP A 183 -37.63 31.58 -33.32
N ALA A 184 -38.96 31.53 -33.43
CA ALA A 184 -39.63 31.44 -34.73
C ALA A 184 -39.29 32.68 -35.56
N PRO A 185 -39.23 32.53 -36.87
CA PRO A 185 -38.95 33.69 -37.69
C PRO A 185 -40.10 34.67 -37.65
N LYS A 186 -39.83 35.91 -38.05
CA LYS A 186 -40.78 36.99 -38.13
C LYS A 186 -40.89 37.38 -39.56
N THR A 187 -41.68 36.58 -40.25
CA THR A 187 -41.82 36.68 -41.69
C THR A 187 -42.62 37.90 -42.04
N HIS A 188 -42.31 38.45 -43.21
CA HIS A 188 -43.04 39.58 -43.78
C HIS A 188 -42.55 39.82 -45.20
N MET A 189 -43.45 40.31 -46.04
CA MET A 189 -43.16 40.48 -47.44
C MET A 189 -43.25 41.94 -47.83
N THR A 190 -42.21 42.41 -48.53
CA THR A 190 -42.20 43.77 -49.02
C THR A 190 -42.79 43.81 -50.40
N HIS A 191 -43.43 44.93 -50.73
CA HIS A 191 -43.85 45.24 -52.10
C HIS A 191 -43.28 46.60 -52.58
N HIS A 192 -42.10 46.58 -53.20
CA HIS A 192 -41.54 47.73 -53.97
C HIS A 192 -41.82 47.45 -55.42
N ALA A 193 -41.55 48.42 -56.28
CA ALA A 193 -41.76 48.26 -57.73
C ALA A 193 -40.46 48.34 -58.56
N VAL A 194 -40.17 47.29 -59.32
CA VAL A 194 -39.10 47.32 -60.33
C VAL A 194 -39.54 48.25 -61.45
N SER A 195 -40.83 48.25 -61.81
CA SER A 195 -41.35 49.19 -62.79
C SER A 195 -42.85 49.38 -62.76
N ASP A 196 -43.35 50.13 -63.75
CA ASP A 196 -44.74 50.09 -64.21
C ASP A 196 -45.26 48.63 -64.32
N HIS A 197 -44.55 47.86 -65.14
CA HIS A 197 -44.92 46.51 -65.59
C HIS A 197 -44.19 45.37 -64.80
N GLU A 198 -43.84 45.60 -63.52
CA GLU A 198 -43.16 44.59 -62.66
C GLU A 198 -43.27 45.10 -61.21
N ALA A 199 -42.83 44.32 -60.22
CA ALA A 199 -43.07 44.65 -58.79
C ALA A 199 -42.23 43.85 -57.76
N THR A 200 -41.14 44.43 -57.26
CA THR A 200 -40.16 43.73 -56.43
C THR A 200 -40.92 43.15 -55.20
N LEU A 201 -41.07 41.82 -55.17
CA LEU A 201 -41.69 41.11 -54.04
C LEU A 201 -40.61 40.36 -53.24
N ARG A 202 -40.37 40.77 -51.99
CA ARG A 202 -39.27 40.18 -51.22
C ARG A 202 -39.83 39.49 -50.01
N CYS A 203 -39.44 38.23 -49.79
CA CYS A 203 -39.89 37.47 -48.63
C CYS A 203 -38.88 37.42 -47.50
N TRP A 204 -39.14 38.16 -46.44
CA TRP A 204 -38.20 38.18 -45.31
C TRP A 204 -38.43 37.01 -44.34
N ALA A 205 -37.52 36.89 -43.37
CA ALA A 205 -37.64 36.01 -42.20
C ALA A 205 -36.64 36.55 -41.17
N LEU A 206 -37.12 37.18 -40.10
CA LEU A 206 -36.20 37.92 -39.19
C LEU A 206 -36.11 37.33 -37.79
N SER A 207 -35.17 37.79 -36.97
CA SER A 207 -35.15 37.40 -35.54
C SER A 207 -35.12 35.89 -35.21
N PHE A 208 -34.67 35.02 -36.11
CA PHE A 208 -34.71 33.58 -35.83
C PHE A 208 -33.44 32.93 -35.26
N TYR A 209 -33.58 32.02 -34.29
CA TYR A 209 -32.55 31.04 -33.85
C TYR A 209 -33.18 29.60 -33.78
N PRO A 210 -32.48 28.54 -34.20
CA PRO A 210 -31.18 28.59 -34.90
C PRO A 210 -31.25 28.88 -36.41
N ALA A 211 -30.09 28.87 -37.02
CA ALA A 211 -29.87 29.49 -38.34
C ALA A 211 -30.39 28.62 -39.47
N GLU A 212 -30.50 27.31 -39.21
CA GLU A 212 -31.06 26.42 -40.20
C GLU A 212 -32.49 26.88 -40.45
N ILE A 213 -32.73 27.39 -41.66
CA ILE A 213 -34.05 27.81 -42.14
C ILE A 213 -34.18 27.48 -43.64
N THR A 214 -35.42 27.49 -44.11
CA THR A 214 -35.76 27.18 -45.51
C THR A 214 -36.86 28.11 -46.00
N LEU A 215 -36.50 28.97 -46.95
CA LEU A 215 -37.45 29.77 -47.69
C LEU A 215 -37.56 29.25 -49.14
N THR A 216 -38.77 29.19 -49.66
CA THR A 216 -38.99 28.63 -50.97
C THR A 216 -40.19 29.36 -51.63
N TRP A 217 -40.14 29.58 -52.95
CA TRP A 217 -41.21 30.28 -53.68
C TRP A 217 -41.86 29.32 -54.58
N GLN A 218 -43.12 29.64 -54.93
CA GLN A 218 -43.98 28.77 -55.73
C GLN A 218 -44.89 29.61 -56.55
N ARG A 219 -44.99 29.26 -57.83
CA ARG A 219 -45.85 29.94 -58.81
C ARG A 219 -46.99 28.94 -58.99
N ASP A 220 -48.15 29.26 -58.42
CA ASP A 220 -49.30 28.37 -58.50
C ASP A 220 -48.73 27.00 -58.16
N GLY A 221 -48.65 26.06 -59.11
CA GLY A 221 -47.89 24.82 -58.83
C GLY A 221 -46.52 24.90 -58.13
N GLU A 222 -45.50 24.29 -58.72
CA GLU A 222 -44.38 23.75 -57.99
C GLU A 222 -43.01 24.41 -58.34
N ASP A 223 -42.97 25.71 -58.71
CA ASP A 223 -41.69 26.47 -58.92
C ASP A 223 -40.91 26.32 -57.68
N GLN A 224 -39.57 26.31 -57.79
CA GLN A 224 -38.69 26.24 -56.59
C GLN A 224 -37.31 27.04 -56.67
N THR A 225 -36.91 27.53 -57.85
CA THR A 225 -35.55 28.11 -58.04
C THR A 225 -35.36 28.93 -59.36
N GLN A 226 -34.57 30.00 -59.28
CA GLN A 226 -34.24 30.89 -60.42
C GLN A 226 -35.36 31.97 -60.75
N ASP A 227 -36.14 32.34 -59.73
CA ASP A 227 -36.61 33.74 -59.54
C ASP A 227 -36.79 33.80 -58.04
N THR A 228 -35.65 33.53 -57.41
CA THR A 228 -35.51 33.16 -56.00
C THR A 228 -34.15 33.69 -55.57
N GLU A 229 -34.17 34.84 -54.89
CA GLU A 229 -32.91 35.48 -54.43
C GLU A 229 -32.54 35.03 -53.01
N LEU A 230 -31.83 33.91 -52.91
CA LEU A 230 -31.49 33.33 -51.60
C LEU A 230 -30.15 33.89 -51.00
N VAL A 231 -30.22 34.99 -50.25
CA VAL A 231 -29.02 35.61 -49.61
C VAL A 231 -28.44 34.64 -48.56
N GLU A 232 -27.15 34.70 -48.23
CA GLU A 232 -26.60 33.77 -47.22
C GLU A 232 -27.28 34.14 -45.92
N THR A 233 -27.59 33.15 -45.05
CA THR A 233 -28.14 33.47 -43.73
C THR A 233 -27.11 34.39 -43.06
N ARG A 234 -27.60 35.46 -42.45
CA ARG A 234 -26.74 36.50 -41.84
C ARG A 234 -27.12 36.83 -40.38
N PRO A 235 -26.18 37.37 -39.63
CA PRO A 235 -26.47 37.66 -38.27
C PRO A 235 -27.04 39.04 -38.12
N ALA A 236 -27.96 39.17 -37.18
CA ALA A 236 -28.53 40.46 -36.86
C ALA A 236 -27.57 41.29 -36.02
N GLY A 237 -26.84 40.63 -35.14
CA GLY A 237 -26.17 41.29 -34.05
C GLY A 237 -26.70 40.84 -32.70
N ASP A 238 -27.99 40.56 -32.60
CA ASP A 238 -28.60 40.22 -31.30
C ASP A 238 -28.67 38.72 -30.99
N GLY A 239 -27.81 37.90 -31.60
CA GLY A 239 -27.76 36.46 -31.32
C GLY A 239 -28.63 35.60 -32.21
N THR A 240 -29.54 36.29 -32.92
CA THR A 240 -30.50 35.71 -33.86
C THR A 240 -30.05 36.03 -35.30
N PHE A 241 -30.77 35.48 -36.28
CA PHE A 241 -30.33 35.50 -37.67
C PHE A 241 -31.39 36.04 -38.59
N GLN A 242 -30.98 36.68 -39.69
CA GLN A 242 -31.89 37.16 -40.77
C GLN A 242 -31.60 36.48 -42.08
N LYS A 243 -32.66 36.22 -42.85
CA LYS A 243 -32.56 35.70 -44.19
C LYS A 243 -33.74 36.20 -45.00
N TRP A 244 -33.61 36.20 -46.32
CA TRP A 244 -34.72 36.49 -47.20
C TRP A 244 -34.49 35.96 -48.62
N ALA A 245 -35.62 35.59 -49.27
CA ALA A 245 -35.65 35.30 -50.72
C ALA A 245 -36.72 36.17 -51.40
N ALA A 246 -36.39 36.62 -52.60
CA ALA A 246 -37.17 37.63 -53.27
C ALA A 246 -37.44 37.18 -54.69
N VAL A 247 -38.59 37.64 -55.19
CA VAL A 247 -39.13 37.31 -56.51
C VAL A 247 -39.51 38.69 -57.08
N VAL A 248 -39.26 38.90 -58.37
CA VAL A 248 -39.72 40.09 -59.07
C VAL A 248 -40.46 39.65 -60.31
N VAL A 249 -41.72 40.07 -60.45
CA VAL A 249 -42.74 39.36 -61.28
C VAL A 249 -43.86 40.23 -61.95
N PRO A 250 -44.39 39.80 -63.16
CA PRO A 250 -45.28 40.68 -63.95
C PRO A 250 -46.42 41.28 -63.12
N SER A 251 -46.47 42.62 -63.00
CA SER A 251 -47.30 43.31 -61.97
C SER A 251 -48.80 42.95 -62.04
N GLY A 252 -49.42 42.75 -60.88
CA GLY A 252 -50.76 42.17 -60.82
C GLY A 252 -50.77 40.64 -60.95
N GLN A 253 -49.59 39.99 -60.85
CA GLN A 253 -49.48 38.52 -60.68
C GLN A 253 -48.83 38.20 -59.32
N GLU A 254 -48.77 39.19 -58.42
CA GLU A 254 -48.30 38.99 -57.04
C GLU A 254 -48.98 37.74 -56.49
N GLN A 255 -50.31 37.76 -56.60
CA GLN A 255 -51.20 36.81 -55.97
C GLN A 255 -50.85 35.36 -56.22
N ARG A 256 -50.41 35.05 -57.44
CA ARG A 256 -50.03 33.66 -57.82
C ARG A 256 -48.61 33.19 -57.33
N TYR A 257 -47.82 34.07 -56.70
CA TYR A 257 -46.53 33.70 -56.14
C TYR A 257 -46.59 33.76 -54.63
N THR A 258 -46.08 32.67 -54.02
CA THR A 258 -46.19 32.41 -52.57
C THR A 258 -44.89 31.91 -51.93
N CYS A 259 -44.51 32.55 -50.82
CA CYS A 259 -43.31 32.24 -50.04
C CYS A 259 -43.58 31.20 -48.96
N HIS A 260 -42.62 30.29 -48.72
CA HIS A 260 -42.83 29.10 -47.88
C HIS A 260 -41.74 28.93 -46.88
N VAL A 261 -42.05 29.23 -45.65
CA VAL A 261 -41.04 29.42 -44.64
C VAL A 261 -41.06 28.27 -43.70
N GLN A 262 -39.92 27.64 -43.50
CA GLN A 262 -39.86 26.41 -42.74
C GLN A 262 -38.73 26.47 -41.72
N HIS A 263 -39.10 26.47 -40.43
CA HIS A 263 -38.11 26.59 -39.36
C HIS A 263 -38.40 25.57 -38.30
N GLU A 264 -37.38 25.26 -37.51
CA GLU A 264 -37.55 24.54 -36.26
C GLU A 264 -38.03 25.61 -35.30
N GLY A 265 -39.16 25.45 -34.66
CA GLY A 265 -39.75 26.55 -33.95
C GLY A 265 -40.89 27.20 -34.67
N LEU A 266 -41.12 26.79 -35.91
CA LEU A 266 -42.45 26.92 -36.49
C LEU A 266 -43.32 25.70 -36.17
N PRO A 267 -44.60 25.93 -35.76
CA PRO A 267 -45.51 24.78 -35.59
C PRO A 267 -45.70 23.98 -36.90
N LYS A 268 -46.34 24.60 -37.89
CA LYS A 268 -46.37 24.10 -39.25
C LYS A 268 -45.59 25.10 -40.11
N PRO A 269 -45.22 24.70 -41.35
CA PRO A 269 -44.65 25.71 -42.27
C PRO A 269 -45.61 26.86 -42.51
N LEU A 270 -45.08 28.04 -42.30
CA LEU A 270 -45.81 29.26 -42.51
C LEU A 270 -45.76 29.48 -44.01
N THR A 271 -46.82 30.04 -44.59
CA THR A 271 -46.86 30.33 -46.05
C THR A 271 -47.45 31.75 -46.33
N LEU A 272 -46.71 32.60 -47.05
CA LEU A 272 -47.12 33.99 -47.29
C LEU A 272 -47.27 34.29 -48.75
N ARG A 273 -48.17 35.23 -49.04
CA ARG A 273 -48.46 35.70 -50.39
C ARG A 273 -48.78 37.18 -50.23
N TRP A 274 -48.50 38.01 -51.25
CA TRP A 274 -48.91 39.43 -51.12
C TRP A 274 -50.41 39.62 -50.65
N GLU A 275 -50.62 40.27 -49.49
CA GLU A 275 -51.99 40.44 -48.87
C GLU A 275 -52.58 41.86 -49.05
N PRO A 276 -52.03 42.92 -48.34
CA PRO A 276 -52.81 44.20 -48.24
C PRO A 276 -53.51 44.62 -49.54
N MET B 1 -2.39 30.16 -55.41
CA MET B 1 -2.81 30.91 -54.21
C MET B 1 -4.09 31.71 -54.55
N ILE B 2 -5.20 31.34 -53.91
CA ILE B 2 -6.54 31.76 -54.34
C ILE B 2 -6.99 33.06 -53.65
N GLN B 3 -7.51 34.00 -54.44
CA GLN B 3 -8.12 35.21 -53.92
C GLN B 3 -9.56 35.11 -54.25
N ARG B 4 -10.38 35.73 -53.42
CA ARG B 4 -11.81 35.59 -53.50
C ARG B 4 -12.42 36.82 -52.96
N THR B 5 -13.31 37.39 -53.75
CA THR B 5 -13.71 38.77 -53.51
C THR B 5 -14.90 38.84 -52.53
N PRO B 6 -14.86 39.80 -51.63
CA PRO B 6 -15.85 39.81 -50.60
C PRO B 6 -17.28 39.96 -51.09
N LYS B 7 -18.24 39.18 -50.61
CA LYS B 7 -19.67 39.55 -50.70
C LYS B 7 -19.94 40.59 -49.59
N ILE B 8 -20.77 41.61 -49.85
CA ILE B 8 -21.10 42.66 -48.89
C ILE B 8 -22.58 42.83 -48.75
N GLN B 9 -23.08 42.72 -47.53
CA GLN B 9 -24.51 42.92 -47.24
C GLN B 9 -24.62 44.02 -46.20
N VAL B 10 -25.58 44.93 -46.35
CA VAL B 10 -25.73 46.07 -45.41
C VAL B 10 -27.14 46.22 -44.94
N TYR B 11 -27.32 46.16 -43.63
CA TYR B 11 -28.64 46.06 -43.05
C TYR B 11 -28.72 46.46 -41.57
N SER B 12 -29.91 46.84 -41.13
CA SER B 12 -30.23 47.05 -39.70
C SER B 12 -30.61 45.80 -38.93
N ARG B 13 -30.36 45.84 -37.64
CA ARG B 13 -30.67 44.72 -36.74
C ARG B 13 -32.15 44.54 -36.63
N HIS B 14 -32.83 45.68 -36.66
CA HIS B 14 -34.23 45.81 -36.41
C HIS B 14 -34.90 46.54 -37.58
N PRO B 15 -36.10 46.09 -37.96
CA PRO B 15 -36.93 46.93 -38.79
C PRO B 15 -36.76 48.48 -38.54
N ALA B 16 -36.25 49.20 -39.55
CA ALA B 16 -35.93 50.62 -39.43
C ALA B 16 -37.14 51.52 -39.41
N GLU B 17 -37.49 52.04 -38.25
CA GLU B 17 -38.31 53.27 -38.13
C GLU B 17 -37.34 54.44 -37.97
N ASN B 18 -37.78 55.63 -38.37
CA ASN B 18 -36.97 56.85 -38.26
C ASN B 18 -37.01 57.48 -36.91
N GLY B 19 -36.03 58.35 -36.67
CA GLY B 19 -35.83 58.93 -35.32
C GLY B 19 -35.54 57.89 -34.24
N LYS B 20 -35.38 56.63 -34.62
CA LYS B 20 -35.53 55.53 -33.71
C LYS B 20 -34.27 54.65 -33.69
N SER B 21 -33.77 54.39 -32.49
CA SER B 21 -32.43 53.79 -32.30
C SER B 21 -32.30 52.44 -32.94
N ASN B 22 -31.12 52.13 -33.48
CA ASN B 22 -30.95 50.89 -34.22
C ASN B 22 -29.49 50.54 -34.30
N PHE B 23 -29.19 49.36 -34.82
CA PHE B 23 -27.86 49.02 -35.29
C PHE B 23 -27.76 48.80 -36.82
N LEU B 24 -26.75 49.43 -37.44
CA LEU B 24 -26.39 49.25 -38.83
C LEU B 24 -25.32 48.20 -38.83
N ASN B 25 -25.45 47.21 -39.72
CA ASN B 25 -24.50 46.12 -39.79
C ASN B 25 -23.93 46.09 -41.19
N CYS B 26 -22.64 45.78 -41.30
CA CYS B 26 -22.06 45.35 -42.55
C CYS B 26 -21.44 43.98 -42.39
N TYR B 27 -22.03 43.00 -43.08
CA TYR B 27 -21.57 41.58 -43.15
C TYR B 27 -20.83 41.26 -44.46
N VAL B 28 -19.54 40.95 -44.29
CA VAL B 28 -18.61 40.68 -45.39
C VAL B 28 -18.21 39.22 -45.30
N SER B 29 -18.24 38.53 -46.44
CA SER B 29 -18.14 37.09 -46.46
C SER B 29 -17.60 36.62 -47.77
N GLY B 30 -17.09 35.39 -47.77
CA GLY B 30 -16.57 34.77 -48.98
C GLY B 30 -15.20 35.28 -49.37
N PHE B 31 -14.53 36.02 -48.50
CA PHE B 31 -13.34 36.74 -48.93
C PHE B 31 -12.13 36.02 -48.50
N HIS B 32 -11.07 36.26 -49.28
CA HIS B 32 -9.72 35.75 -49.04
C HIS B 32 -8.69 36.55 -49.86
N PRO B 33 -7.64 37.08 -49.23
CA PRO B 33 -7.29 36.81 -47.84
C PRO B 33 -7.96 37.68 -46.75
N SER B 34 -7.70 37.27 -45.53
CA SER B 34 -8.14 37.88 -44.27
C SER B 34 -8.03 39.38 -44.15
N ASP B 35 -7.05 39.98 -44.80
CA ASP B 35 -6.83 41.43 -44.71
C ASP B 35 -7.93 42.12 -45.44
N ILE B 36 -8.72 42.88 -44.74
CA ILE B 36 -9.80 43.60 -45.40
C ILE B 36 -10.06 44.82 -44.58
N GLU B 37 -10.38 45.94 -45.23
CA GLU B 37 -10.75 47.19 -44.54
C GLU B 37 -12.27 47.39 -44.73
N VAL B 38 -12.98 47.64 -43.63
CA VAL B 38 -14.40 47.91 -43.72
C VAL B 38 -14.74 49.11 -42.87
N ASP B 39 -15.31 50.14 -43.51
CA ASP B 39 -15.83 51.33 -42.83
C ASP B 39 -17.33 51.49 -43.02
N LEU B 40 -18.06 51.75 -41.93
CA LEU B 40 -19.46 52.16 -42.03
C LEU B 40 -19.46 53.66 -42.27
N LEU B 41 -20.35 54.18 -43.12
CA LEU B 41 -20.31 55.56 -43.58
C LEU B 41 -21.60 56.28 -43.30
N LYS B 42 -21.52 57.60 -43.16
CA LYS B 42 -22.70 58.43 -42.98
C LYS B 42 -22.59 59.71 -43.82
N ASN B 43 -23.20 59.67 -44.99
CA ASN B 43 -23.19 60.74 -45.98
C ASN B 43 -21.84 60.88 -46.63
N GLY B 44 -21.13 59.75 -46.74
CA GLY B 44 -19.78 59.74 -47.27
C GLY B 44 -18.76 59.88 -46.16
N GLU B 45 -19.02 60.74 -45.17
CA GLU B 45 -18.24 60.77 -43.92
C GLU B 45 -18.23 59.40 -43.23
N ARG B 46 -17.26 59.19 -42.35
CA ARG B 46 -16.88 57.86 -41.91
C ARG B 46 -17.26 57.70 -40.46
N ILE B 47 -18.08 56.72 -40.13
CA ILE B 47 -18.67 56.67 -38.78
C ILE B 47 -17.57 56.24 -37.80
N GLU B 48 -17.65 56.78 -36.58
CA GLU B 48 -16.52 56.76 -35.63
C GLU B 48 -16.37 55.46 -34.73
N LYS B 49 -17.43 54.82 -34.23
CA LYS B 49 -17.18 53.75 -33.20
C LYS B 49 -17.49 52.27 -33.60
N VAL B 50 -17.45 51.97 -34.90
CA VAL B 50 -17.78 50.66 -35.44
C VAL B 50 -17.01 49.55 -34.79
N GLU B 51 -17.71 48.58 -34.23
CA GLU B 51 -17.11 47.36 -33.70
C GLU B 51 -17.19 46.26 -34.73
N HIS B 52 -16.58 45.12 -34.42
CA HIS B 52 -16.47 44.05 -35.42
C HIS B 52 -16.30 42.67 -34.81
N SER B 53 -16.96 41.68 -35.45
CA SER B 53 -16.94 40.28 -35.01
C SER B 53 -15.51 39.70 -34.98
N ASP B 54 -15.35 38.54 -34.37
CA ASP B 54 -14.07 37.87 -34.42
C ASP B 54 -14.07 37.02 -35.69
N LEU B 55 -12.95 37.06 -36.37
CA LEU B 55 -12.87 36.46 -37.69
C LEU B 55 -13.10 34.95 -37.59
N SER B 56 -13.83 34.47 -38.57
CA SER B 56 -14.26 33.10 -38.66
C SER B 56 -14.30 32.78 -40.14
N PHE B 57 -14.46 31.49 -40.44
CA PHE B 57 -14.54 31.07 -41.82
C PHE B 57 -15.59 30.03 -42.09
N SER B 58 -15.98 29.91 -43.36
CA SER B 58 -17.01 29.00 -43.81
C SER B 58 -16.32 27.74 -44.30
N LYS B 59 -17.03 26.65 -44.55
CA LYS B 59 -16.30 25.37 -44.71
C LYS B 59 -15.58 25.30 -46.04
N ASP B 60 -15.84 26.19 -46.98
CA ASP B 60 -14.93 26.42 -48.19
C ASP B 60 -13.67 27.36 -48.02
N TRP B 61 -13.20 27.38 -46.81
CA TRP B 61 -12.17 28.24 -46.34
C TRP B 61 -12.29 29.77 -46.42
N SER B 62 -13.37 30.32 -47.01
CA SER B 62 -13.47 31.74 -47.16
C SER B 62 -13.80 32.40 -45.80
N PHE B 63 -13.55 33.70 -45.66
CA PHE B 63 -13.71 34.39 -44.37
C PHE B 63 -14.93 35.24 -44.21
N TYR B 64 -15.50 35.29 -43.01
CA TYR B 64 -16.54 36.30 -42.77
C TYR B 64 -16.29 37.27 -41.60
N LEU B 65 -16.89 38.46 -41.68
CA LEU B 65 -16.91 39.43 -40.59
C LEU B 65 -18.21 40.21 -40.54
N LEU B 66 -18.61 40.53 -39.29
CA LEU B 66 -19.64 41.52 -39.03
C LEU B 66 -19.03 42.80 -38.42
N TYR B 67 -19.23 43.93 -39.10
CA TYR B 67 -18.95 45.26 -38.58
C TYR B 67 -20.28 45.92 -38.32
N TYR B 68 -20.38 46.59 -37.18
CA TYR B 68 -21.66 47.16 -36.73
C TYR B 68 -21.54 48.35 -35.85
N THR B 69 -22.41 49.33 -36.03
CA THR B 69 -22.47 50.52 -35.16
C THR B 69 -23.92 50.93 -34.96
N GLU B 70 -24.18 51.59 -33.84
CA GLU B 70 -25.54 51.96 -33.47
C GLU B 70 -26.08 53.31 -33.90
N PHE B 71 -26.50 53.35 -35.13
CA PHE B 71 -27.11 54.56 -35.68
C PHE B 71 -28.56 54.96 -35.29
N THR B 72 -29.03 56.08 -35.79
CA THR B 72 -30.47 56.39 -35.83
C THR B 72 -30.86 56.70 -37.27
N PRO B 73 -31.72 55.88 -37.89
CA PRO B 73 -32.02 56.16 -39.27
C PRO B 73 -32.80 57.42 -39.36
N THR B 74 -32.66 58.13 -40.47
CA THR B 74 -33.55 59.24 -40.76
C THR B 74 -33.91 59.30 -42.21
N GLU B 75 -34.92 60.10 -42.51
CA GLU B 75 -35.40 60.22 -43.86
C GLU B 75 -34.28 60.41 -44.84
N LYS B 76 -33.43 61.38 -44.55
CA LYS B 76 -32.54 62.02 -45.52
C LYS B 76 -31.13 61.45 -45.48
N ASP B 77 -30.66 61.04 -44.31
CA ASP B 77 -29.26 60.64 -44.16
C ASP B 77 -29.01 59.34 -44.91
N GLU B 78 -27.97 59.35 -45.74
CA GLU B 78 -27.55 58.18 -46.43
C GLU B 78 -26.53 57.46 -45.59
N TYR B 79 -26.64 56.15 -45.47
CA TYR B 79 -25.61 55.34 -44.85
C TYR B 79 -25.17 54.33 -45.85
N ALA B 80 -23.95 53.82 -45.68
CA ALA B 80 -23.39 52.80 -46.56
C ALA B 80 -22.30 52.05 -45.86
N CYS B 81 -21.81 51.03 -46.55
CA CYS B 81 -20.65 50.25 -46.12
C CYS B 81 -19.56 50.26 -47.23
N ARG B 82 -18.40 50.90 -46.95
CA ARG B 82 -17.26 50.94 -47.89
C ARG B 82 -16.27 49.83 -47.49
N VAL B 83 -15.93 48.96 -48.44
CA VAL B 83 -15.03 47.80 -48.23
C VAL B 83 -13.86 47.89 -49.18
N ASN B 84 -12.66 47.62 -48.67
CA ASN B 84 -11.45 47.58 -49.50
C ASN B 84 -10.76 46.26 -49.26
N HIS B 85 -10.13 45.73 -50.31
CA HIS B 85 -9.60 44.36 -50.27
C HIS B 85 -8.72 44.13 -51.51
N VAL B 86 -7.71 43.25 -51.35
CA VAL B 86 -6.72 43.04 -52.41
C VAL B 86 -7.36 42.76 -53.78
N THR B 87 -8.48 42.04 -53.78
CA THR B 87 -9.21 41.75 -55.02
C THR B 87 -9.80 43.00 -55.60
N LEU B 88 -10.29 43.90 -54.77
CA LEU B 88 -10.90 45.12 -55.26
C LEU B 88 -9.89 46.15 -55.81
N SER B 89 -10.24 46.81 -56.90
CA SER B 89 -9.34 47.79 -57.45
C SER B 89 -9.51 49.15 -56.76
N GLN B 90 -10.72 49.48 -56.32
CA GLN B 90 -10.97 50.67 -55.52
C GLN B 90 -11.66 50.19 -54.29
N PRO B 91 -11.63 50.98 -53.21
CA PRO B 91 -12.60 50.63 -52.16
C PRO B 91 -14.03 50.77 -52.70
N LYS B 92 -14.87 49.75 -52.52
CA LYS B 92 -16.21 49.83 -53.02
C LYS B 92 -17.30 50.01 -51.92
N ILE B 93 -18.32 50.78 -52.28
CA ILE B 93 -19.30 51.33 -51.33
C ILE B 93 -20.63 50.68 -51.65
N VAL B 94 -21.26 50.04 -50.66
CA VAL B 94 -22.59 49.43 -50.84
C VAL B 94 -23.57 50.18 -50.00
N LYS B 95 -24.59 50.76 -50.63
CA LYS B 95 -25.45 51.69 -49.92
C LYS B 95 -26.44 50.89 -49.08
N TRP B 96 -26.81 51.43 -47.93
CA TRP B 96 -27.88 50.88 -47.12
C TRP B 96 -29.17 51.10 -47.84
N ASP B 97 -30.08 50.16 -47.66
CA ASP B 97 -31.39 50.16 -48.29
C ASP B 97 -32.34 49.41 -47.33
N ARG B 98 -33.38 50.02 -46.85
CA ARG B 98 -34.27 49.20 -46.02
C ARG B 98 -34.89 48.04 -46.87
N ASP B 99 -35.21 48.34 -48.11
CA ASP B 99 -35.72 47.35 -49.07
C ASP B 99 -34.75 46.15 -49.33
N MET B 100 -33.60 46.39 -50.02
CA MET B 100 -32.34 45.55 -49.98
C MET B 100 -31.80 45.09 -51.35
N ALA C 1 -13.50 24.96 -23.80
CA ALA C 1 -12.64 23.74 -23.61
C ALA C 1 -12.09 23.23 -24.90
N GLN C 2 -10.83 23.56 -25.16
CA GLN C 2 -10.21 23.15 -26.37
C GLN C 2 -9.35 21.88 -26.24
N TRP C 3 -8.87 21.42 -27.41
CA TRP C 3 -7.74 20.50 -27.58
C TRP C 3 -6.47 21.11 -27.07
N GLY C 4 -5.83 20.31 -26.24
CA GLY C 4 -4.80 20.79 -25.40
C GLY C 4 -3.93 19.68 -24.88
N PRO C 5 -2.69 20.02 -24.62
CA PRO C 5 -2.31 21.44 -24.52
C PRO C 5 -2.07 22.20 -25.88
N ASP C 6 -1.52 21.54 -26.90
CA ASP C 6 -1.22 22.20 -28.18
C ASP C 6 -1.20 21.22 -29.30
N PRO C 7 -1.68 21.63 -30.47
CA PRO C 7 -1.55 20.86 -31.66
C PRO C 7 -0.17 20.30 -31.91
N ALA C 8 -0.10 19.18 -32.60
CA ALA C 8 1.13 18.73 -33.21
C ALA C 8 1.39 19.50 -34.50
N ALA C 9 2.60 20.07 -34.56
CA ALA C 9 3.06 20.92 -35.65
C ALA C 9 3.45 20.13 -36.94
N ALA C 10 3.35 20.80 -38.08
CA ALA C 10 3.04 20.20 -39.37
C ALA C 10 4.19 19.50 -40.08
N LYS D 1 -4.04 21.04 -7.41
CA LYS D 1 -2.73 20.58 -7.97
C LYS D 1 -1.84 19.95 -6.86
N GLU D 2 -2.42 19.05 -6.04
CA GLU D 2 -1.78 18.60 -4.80
C GLU D 2 -2.12 17.15 -4.61
N VAL D 3 -1.14 16.36 -4.23
CA VAL D 3 -1.25 14.93 -4.30
C VAL D 3 -0.57 14.35 -3.08
N GLU D 4 -1.28 13.55 -2.29
CA GLU D 4 -0.71 13.03 -1.06
C GLU D 4 0.15 11.82 -1.39
N GLN D 5 1.28 11.65 -0.69
CA GLN D 5 2.20 10.53 -0.91
C GLN D 5 3.11 10.21 0.31
N ASP D 6 2.96 9.03 0.93
CA ASP D 6 3.78 8.71 2.09
C ASP D 6 5.27 8.65 1.75
N PRO D 7 6.10 9.51 2.39
CA PRO D 7 7.48 9.64 1.92
C PRO D 7 8.45 8.52 2.34
N GLY D 8 7.97 7.50 3.05
CA GLY D 8 8.83 6.40 3.50
C GLY D 8 9.74 6.87 4.68
N PRO D 9 10.97 6.35 4.82
CA PRO D 9 11.56 5.37 3.89
C PRO D 9 10.91 3.98 3.93
N LEU D 10 10.60 3.45 2.77
CA LEU D 10 10.05 2.14 2.64
C LEU D 10 11.19 1.21 2.47
N SER D 11 11.33 0.28 3.43
CA SER D 11 12.44 -0.64 3.50
C SER D 11 11.86 -2.05 3.35
N VAL D 12 12.26 -2.76 2.30
CA VAL D 12 11.71 -4.09 1.93
C VAL D 12 12.85 -4.97 1.54
N PRO D 13 12.71 -6.29 1.61
CA PRO D 13 13.87 -7.10 1.32
C PRO D 13 14.00 -7.33 -0.14
N GLU D 14 15.21 -7.66 -0.56
CA GLU D 14 15.48 -8.10 -1.91
C GLU D 14 14.65 -9.32 -2.13
N GLY D 15 13.86 -9.32 -3.20
CA GLY D 15 12.89 -10.36 -3.47
C GLY D 15 11.43 -9.93 -3.29
N ALA D 16 11.19 -8.87 -2.52
CA ALA D 16 9.81 -8.48 -2.18
C ALA D 16 8.99 -7.95 -3.35
N ILE D 17 7.80 -7.44 -3.02
CA ILE D 17 6.98 -6.73 -3.96
C ILE D 17 6.69 -5.51 -3.15
N VAL D 18 6.77 -4.36 -3.81
CA VAL D 18 6.54 -3.10 -3.12
C VAL D 18 5.30 -2.46 -3.73
N SER D 19 4.37 -2.01 -2.88
CA SER D 19 3.32 -1.10 -3.35
C SER D 19 3.73 0.34 -3.03
N LEU D 20 3.80 1.12 -4.10
CA LEU D 20 3.87 2.56 -3.97
C LEU D 20 2.56 3.16 -4.44
N ASN D 21 2.12 4.23 -3.77
CA ASN D 21 0.94 4.94 -4.21
C ASN D 21 0.81 6.39 -3.78
N CYS D 22 0.16 7.16 -4.65
CA CYS D 22 -0.39 8.47 -4.34
C CYS D 22 -1.88 8.43 -4.51
N THR D 23 -2.55 9.24 -3.69
CA THR D 23 -3.93 9.64 -3.93
C THR D 23 -3.84 11.15 -4.26
N TYR D 24 -4.78 11.64 -5.06
CA TYR D 24 -4.82 13.05 -5.56
C TYR D 24 -6.22 13.67 -5.49
N SER D 25 -6.30 15.00 -5.42
CA SER D 25 -7.63 15.64 -5.14
C SER D 25 -8.34 16.18 -6.40
N ASN D 26 -7.63 16.59 -7.42
CA ASN D 26 -8.29 17.15 -8.58
C ASN D 26 -8.50 16.13 -9.73
N SER D 27 -9.73 16.02 -10.21
CA SER D 27 -10.13 14.99 -11.20
C SER D 27 -10.11 15.50 -12.62
N ALA D 28 -9.65 16.73 -12.82
CA ALA D 28 -9.34 17.18 -14.15
C ALA D 28 -8.14 16.43 -14.69
N PHE D 29 -7.37 15.78 -13.82
CA PHE D 29 -6.19 15.01 -14.23
C PHE D 29 -6.54 13.85 -15.16
N GLN D 30 -5.61 13.46 -16.01
CA GLN D 30 -5.94 12.50 -17.07
C GLN D 30 -4.85 11.51 -17.51
N TYR D 31 -3.59 11.90 -17.32
CA TYR D 31 -2.45 11.05 -17.57
C TYR D 31 -1.69 10.86 -16.24
N PHE D 32 -1.19 9.65 -16.01
CA PHE D 32 -0.61 9.32 -14.73
C PHE D 32 0.60 8.51 -15.00
N MET D 33 1.68 8.81 -14.30
CA MET D 33 2.95 8.14 -14.55
C MET D 33 3.77 8.13 -13.32
N TRP D 34 4.87 7.42 -13.43
CA TRP D 34 5.83 7.27 -12.35
C TRP D 34 7.24 7.51 -12.86
N TYR D 35 7.91 8.41 -12.18
CA TYR D 35 9.27 8.79 -12.44
C TYR D 35 10.01 8.21 -11.28
N ARG D 36 11.25 7.87 -11.53
CA ARG D 36 12.09 7.34 -10.48
C ARG D 36 13.29 8.28 -10.46
N GLN D 37 13.72 8.67 -9.25
CA GLN D 37 14.85 9.58 -9.06
C GLN D 37 15.90 8.90 -8.22
N TYR D 38 17.09 8.70 -8.76
CA TYR D 38 18.18 8.14 -7.95
C TYR D 38 18.91 9.22 -7.20
N SER D 39 19.56 8.87 -6.08
CA SER D 39 20.24 9.87 -5.20
C SER D 39 21.22 10.75 -5.95
N ARG D 40 20.95 12.05 -5.97
CA ARG D 40 21.69 12.96 -6.86
C ARG D 40 21.56 12.55 -8.34
N LYS D 41 20.42 12.76 -8.97
CA LYS D 41 20.36 12.57 -10.43
C LYS D 41 19.08 13.23 -10.79
N GLY D 42 18.83 13.41 -12.07
CA GLY D 42 17.51 13.83 -12.52
C GLY D 42 16.54 12.68 -12.45
N PRO D 43 15.25 12.99 -12.40
CA PRO D 43 14.27 11.89 -12.50
C PRO D 43 14.11 11.44 -13.96
N GLU D 44 14.01 10.14 -14.17
CA GLU D 44 13.72 9.58 -15.49
C GLU D 44 12.37 8.84 -15.37
N LEU D 45 11.63 8.80 -16.48
CA LEU D 45 10.34 8.14 -16.52
C LEU D 45 10.54 6.66 -16.37
N LEU D 46 9.71 6.05 -15.53
CA LEU D 46 9.75 4.63 -15.26
C LEU D 46 8.67 3.95 -16.11
N MET D 47 7.44 4.42 -15.90
CA MET D 47 6.23 3.83 -16.47
C MET D 47 5.20 4.92 -16.50
N TYR D 48 4.36 4.87 -17.53
CA TYR D 48 3.22 5.77 -17.67
C TYR D 48 1.97 4.93 -17.92
N THR D 49 0.81 5.46 -17.58
CA THR D 49 -0.44 4.80 -17.92
C THR D 49 -1.55 5.79 -18.25
N TYR D 50 -1.91 5.76 -19.55
CA TYR D 50 -3.17 6.34 -20.04
C TYR D 50 -4.26 5.70 -19.19
N SER D 51 -4.96 6.59 -18.47
CA SER D 51 -6.32 6.38 -17.98
C SER D 51 -6.51 5.11 -17.13
N SER D 52 -7.76 4.74 -16.83
CA SER D 52 -8.03 3.42 -16.24
C SER D 52 -7.67 2.32 -17.27
N GLY D 53 -6.82 1.43 -16.79
CA GLY D 53 -6.08 0.50 -17.60
C GLY D 53 -4.83 0.36 -16.73
N ASN D 54 -4.14 -0.75 -16.87
CA ASN D 54 -2.86 -0.97 -16.19
C ASN D 54 -1.77 -1.29 -17.22
N LYS D 55 -0.69 -0.48 -17.29
CA LYS D 55 0.44 -0.86 -18.15
C LYS D 55 1.37 -1.75 -17.33
N GLU D 56 1.92 -2.77 -17.98
CA GLU D 56 2.92 -3.69 -17.42
C GLU D 56 4.20 -3.64 -18.30
N ASP D 57 5.34 -3.77 -17.66
CA ASP D 57 6.64 -3.63 -18.28
C ASP D 57 7.42 -4.57 -17.36
N GLY D 58 7.81 -5.75 -17.83
CA GLY D 58 8.54 -6.72 -16.96
C GLY D 58 8.09 -6.75 -15.51
N ARG D 59 8.94 -6.24 -14.63
CA ARG D 59 8.71 -6.28 -13.18
C ARG D 59 7.81 -5.14 -12.63
N PHE D 60 7.54 -4.12 -13.44
CA PHE D 60 6.77 -2.92 -13.03
C PHE D 60 5.38 -2.90 -13.65
N THR D 61 4.37 -2.72 -12.80
CA THR D 61 3.00 -2.58 -13.23
C THR D 61 2.59 -1.25 -12.68
N ALA D 62 1.79 -0.51 -13.41
CA ALA D 62 1.28 0.75 -12.89
C ALA D 62 -0.20 0.91 -13.25
N GLN D 63 -0.93 1.48 -12.28
CA GLN D 63 -2.39 1.51 -12.24
C GLN D 63 -2.90 2.90 -11.93
N VAL D 64 -4.05 3.19 -12.49
CA VAL D 64 -4.84 4.27 -11.96
C VAL D 64 -6.29 3.81 -11.86
N ASP D 65 -6.87 4.00 -10.68
CA ASP D 65 -8.31 3.87 -10.46
C ASP D 65 -8.80 5.30 -10.25
N LYS D 66 -9.63 5.79 -11.15
CA LYS D 66 -10.02 7.21 -11.10
C LYS D 66 -11.18 7.56 -10.15
N SER D 67 -12.04 6.59 -9.77
CA SER D 67 -13.15 6.88 -8.88
C SER D 67 -12.56 7.14 -7.52
N SER D 68 -11.72 6.22 -7.07
CA SER D 68 -11.04 6.38 -5.79
C SER D 68 -10.05 7.55 -5.86
N LYS D 69 -9.55 7.86 -7.04
CA LYS D 69 -8.47 8.86 -7.27
C LYS D 69 -7.17 8.36 -6.64
N TYR D 70 -6.71 7.23 -7.16
CA TYR D 70 -5.66 6.43 -6.53
C TYR D 70 -4.73 5.86 -7.58
N ILE D 71 -3.45 6.20 -7.45
CA ILE D 71 -2.44 5.87 -8.44
C ILE D 71 -1.55 4.89 -7.75
N SER D 72 -1.12 3.84 -8.46
CA SER D 72 -0.21 2.88 -7.87
C SER D 72 0.78 2.24 -8.84
N LEU D 73 1.90 1.86 -8.25
CA LEU D 73 2.99 1.21 -8.90
C LEU D 73 3.33 -0.03 -8.09
N PHE D 74 3.60 -1.11 -8.82
CA PHE D 74 3.90 -2.41 -8.26
C PHE D 74 5.19 -2.92 -8.84
N ILE D 75 6.16 -3.11 -7.95
CA ILE D 75 7.44 -3.68 -8.32
C ILE D 75 7.45 -5.11 -7.80
N ARG D 76 7.52 -6.09 -8.71
CA ARG D 76 7.80 -7.47 -8.31
C ARG D 76 9.31 -7.72 -8.40
N ASP D 77 9.74 -8.84 -7.79
CA ASP D 77 11.14 -9.27 -7.79
C ASP D 77 12.14 -8.17 -7.36
N SER D 78 11.78 -7.35 -6.37
CA SER D 78 12.63 -6.24 -5.89
C SER D 78 14.14 -6.46 -6.06
N GLN D 79 14.78 -5.57 -6.81
CA GLN D 79 16.23 -5.60 -6.95
C GLN D 79 16.72 -4.44 -6.12
N PRO D 80 17.98 -4.50 -5.63
CA PRO D 80 18.53 -3.38 -4.86
C PRO D 80 18.72 -2.17 -5.67
N SER D 81 19.09 -2.34 -6.93
CA SER D 81 19.14 -1.24 -7.90
C SER D 81 17.85 -0.40 -7.98
N ASP D 82 16.74 -0.99 -7.57
CA ASP D 82 15.50 -0.26 -7.40
C ASP D 82 15.45 0.69 -6.22
N SER D 83 16.45 0.67 -5.33
CA SER D 83 16.57 1.71 -4.31
C SER D 83 16.63 3.05 -5.02
N ALA D 84 15.75 3.95 -4.56
CA ALA D 84 15.51 5.19 -5.25
C ALA D 84 14.34 5.86 -4.54
N THR D 85 14.18 7.16 -4.80
CA THR D 85 12.89 7.84 -4.63
C THR D 85 12.04 7.55 -5.83
N TYR D 86 10.74 7.39 -5.60
CA TYR D 86 9.72 7.10 -6.66
C TYR D 86 8.67 8.22 -6.59
N LEU D 87 8.49 8.94 -7.69
CA LEU D 87 7.59 10.07 -7.69
C LEU D 87 6.49 9.88 -8.71
N CYS D 88 5.23 9.90 -8.27
CA CYS D 88 4.09 9.89 -9.20
C CYS D 88 3.83 11.32 -9.71
N ALA D 89 3.95 11.46 -11.01
CA ALA D 89 3.50 12.65 -11.71
C ALA D 89 2.14 12.37 -12.35
N MET D 90 1.57 13.44 -12.92
CA MET D 90 0.27 13.42 -13.57
C MET D 90 -0.07 14.84 -14.04
N ARG D 91 -0.88 14.95 -15.10
CA ARG D 91 -1.28 16.23 -15.65
C ARG D 91 -2.69 16.20 -16.23
N GLY D 92 -3.10 17.31 -16.82
CA GLY D 92 -4.38 17.44 -17.46
C GLY D 92 -4.31 17.99 -18.86
N ASP D 93 -5.47 18.41 -19.35
CA ASP D 93 -5.71 18.79 -20.73
C ASP D 93 -4.94 20.01 -21.05
N SER D 94 -4.76 20.85 -20.03
CA SER D 94 -4.52 22.30 -20.21
C SER D 94 -3.08 22.76 -20.37
N SER D 95 -2.12 21.85 -20.14
CA SER D 95 -0.72 22.20 -20.02
C SER D 95 0.17 20.94 -19.86
N TYR D 96 1.42 20.98 -20.30
CA TYR D 96 2.33 19.85 -20.10
C TYR D 96 2.89 19.77 -18.71
N LYS D 97 2.60 20.73 -17.87
CA LYS D 97 3.12 20.74 -16.53
C LYS D 97 2.73 19.52 -15.82
N LEU D 98 3.71 18.77 -15.36
CA LEU D 98 3.48 17.62 -14.48
C LEU D 98 3.27 18.07 -13.04
N ILE D 99 2.32 17.43 -12.36
CA ILE D 99 2.16 17.58 -10.91
C ILE D 99 2.70 16.34 -10.19
N PHE D 100 3.69 16.54 -9.32
CA PHE D 100 4.45 15.45 -8.72
C PHE D 100 3.98 15.25 -7.26
N GLY D 101 3.94 14.03 -6.79
CA GLY D 101 3.84 13.81 -5.38
C GLY D 101 5.20 14.04 -4.73
N SER D 102 5.23 14.49 -3.47
CA SER D 102 6.48 14.55 -2.64
C SER D 102 7.51 13.47 -2.98
N GLY D 103 7.05 12.22 -3.05
CA GLY D 103 7.87 11.06 -3.45
C GLY D 103 7.96 10.03 -2.32
N THR D 104 8.24 8.77 -2.65
CA THR D 104 8.47 7.75 -1.63
C THR D 104 9.85 7.14 -1.78
N ARG D 105 10.66 7.11 -0.72
CA ARG D 105 12.04 6.57 -0.83
C ARG D 105 12.02 5.08 -0.61
N LEU D 106 12.39 4.34 -1.65
CA LEU D 106 12.41 2.89 -1.55
C LEU D 106 13.85 2.50 -1.33
N LEU D 107 14.01 1.49 -0.48
CA LEU D 107 15.30 0.97 -0.04
C LEU D 107 15.10 -0.53 -0.04
N VAL D 108 15.92 -1.25 -0.81
CA VAL D 108 15.82 -2.69 -0.88
C VAL D 108 17.17 -3.27 -0.44
N ARG D 109 17.10 -4.12 0.59
CA ARG D 109 18.20 -4.51 1.41
C ARG D 109 18.60 -5.80 0.80
N PRO D 110 19.80 -5.86 0.20
CA PRO D 110 20.18 -7.05 -0.56
C PRO D 110 20.56 -8.22 0.34
N ASP D 111 20.13 -9.42 -0.03
CA ASP D 111 20.35 -10.59 0.79
C ASP D 111 21.84 -10.87 0.84
N ILE D 112 22.23 -11.60 1.87
CA ILE D 112 23.63 -11.85 2.19
C ILE D 112 23.74 -13.36 2.50
N GLN D 113 24.55 -14.08 1.73
CA GLN D 113 24.64 -15.55 1.85
C GLN D 113 25.14 -16.00 3.25
N ASN D 114 26.20 -15.36 3.76
CA ASN D 114 26.87 -15.76 5.02
C ASN D 114 27.16 -14.57 5.93
N PRO D 115 26.20 -14.21 6.79
CA PRO D 115 26.45 -13.14 7.77
C PRO D 115 27.62 -13.49 8.68
N ASP D 116 28.40 -12.49 9.09
CA ASP D 116 29.68 -12.74 9.78
C ASP D 116 30.04 -11.60 10.75
N PRO D 117 29.08 -11.19 11.58
CA PRO D 117 29.12 -9.84 12.21
C PRO D 117 30.28 -9.55 13.22
N ALA D 118 31.12 -8.54 12.96
CA ALA D 118 32.24 -8.17 13.87
C ALA D 118 32.53 -6.66 13.87
N VAL D 119 33.37 -6.20 14.80
CA VAL D 119 33.50 -4.75 15.07
C VAL D 119 34.94 -4.28 15.10
N TYR D 120 35.46 -3.84 13.95
CA TYR D 120 36.89 -3.62 13.77
C TYR D 120 37.40 -2.19 14.10
N GLN D 121 38.59 -2.13 14.70
CA GLN D 121 39.29 -0.89 15.09
C GLN D 121 40.17 -0.46 13.96
N LEU D 122 40.23 0.84 13.64
CA LEU D 122 41.17 1.30 12.59
C LEU D 122 41.94 2.63 12.75
N ARG D 123 43.27 2.54 12.84
CA ARG D 123 44.16 3.73 12.95
C ARG D 123 44.23 4.47 11.57
N ASP D 124 44.59 5.76 11.63
CA ASP D 124 44.88 6.61 10.44
C ASP D 124 46.25 6.36 9.72
N SER D 125 46.25 6.63 8.42
CA SER D 125 47.45 6.70 7.59
C SER D 125 48.49 7.82 7.98
N LYS D 126 48.15 8.64 8.99
CA LYS D 126 48.87 9.85 9.40
C LYS D 126 49.17 9.83 10.92
N SER D 127 50.26 10.53 11.33
CA SER D 127 50.87 10.47 12.75
C SER D 127 49.88 10.71 13.93
N SER D 128 49.11 11.81 13.85
CA SER D 128 47.94 12.05 14.70
C SER D 128 46.96 11.05 14.14
N ASP D 129 47.14 9.81 14.57
CA ASP D 129 46.22 8.78 14.17
C ASP D 129 45.04 8.93 15.20
N LYS D 130 43.87 9.29 14.65
CA LYS D 130 42.60 9.05 15.34
C LYS D 130 42.28 7.58 15.00
N SER D 131 41.40 7.02 15.83
CA SER D 131 40.69 5.75 15.56
C SER D 131 39.28 6.00 15.03
N VAL D 132 38.67 4.90 14.60
CA VAL D 132 37.35 4.84 13.97
C VAL D 132 36.94 3.37 13.83
N CYS D 133 35.64 3.09 13.94
CA CYS D 133 35.11 1.70 14.02
C CYS D 133 34.28 1.30 12.83
N LEU D 134 34.50 0.09 12.36
CA LEU D 134 33.65 -0.52 11.35
C LEU D 134 32.86 -1.65 12.00
N PHE D 135 31.55 -1.49 12.12
CA PHE D 135 30.65 -2.63 12.37
C PHE D 135 30.18 -3.14 11.01
N THR D 136 30.55 -4.36 10.67
CA THR D 136 30.33 -4.85 9.33
C THR D 136 30.07 -6.33 9.28
N ASP D 137 29.64 -6.77 8.10
CA ASP D 137 29.20 -8.16 7.81
C ASP D 137 27.97 -8.63 8.63
N PHE D 138 27.08 -7.72 8.94
CA PHE D 138 25.84 -8.11 9.56
C PHE D 138 24.77 -8.30 8.49
N ASP D 139 23.74 -9.04 8.84
CA ASP D 139 22.69 -9.38 7.88
C ASP D 139 21.72 -8.22 7.58
N SER D 140 21.05 -8.32 6.43
CA SER D 140 20.10 -7.30 5.93
C SER D 140 18.84 -7.17 6.77
N GLN D 141 18.73 -7.95 7.83
CA GLN D 141 17.69 -7.79 8.81
C GLN D 141 18.12 -6.79 9.92
N THR D 142 19.41 -6.63 10.16
CA THR D 142 19.91 -5.77 11.25
C THR D 142 19.75 -4.27 10.98
N ASN D 143 19.09 -3.58 11.92
CA ASN D 143 19.04 -2.12 11.96
C ASN D 143 20.25 -1.63 12.70
N VAL D 144 20.95 -0.66 12.12
CA VAL D 144 21.85 0.16 12.86
C VAL D 144 21.05 1.38 13.22
N SER D 145 21.07 1.69 14.49
CA SER D 145 20.60 2.93 14.96
C SER D 145 21.58 3.19 16.03
N GLN D 146 21.92 4.44 16.16
CA GLN D 146 22.44 4.90 17.40
C GLN D 146 22.42 6.41 17.43
N SER D 147 22.58 6.82 18.66
CA SER D 147 22.46 8.14 19.14
C SER D 147 22.84 7.76 20.58
N LYS D 148 23.41 8.65 21.39
CA LYS D 148 23.92 8.20 22.71
C LYS D 148 23.79 9.26 23.84
N ASP D 149 24.17 8.86 25.06
CA ASP D 149 24.75 9.76 26.11
C ASP D 149 26.05 10.57 25.66
N SER D 150 26.59 10.28 24.45
CA SER D 150 27.73 11.00 23.87
C SER D 150 27.47 11.70 22.56
N ASP D 151 28.22 12.80 22.38
CA ASP D 151 28.62 13.32 21.05
C ASP D 151 29.64 12.35 20.36
N VAL D 152 29.14 11.11 20.20
CA VAL D 152 29.64 9.92 19.46
C VAL D 152 28.78 9.83 18.22
N TYR D 153 29.43 9.69 17.06
CA TYR D 153 28.77 9.67 15.74
C TYR D 153 28.71 8.24 15.19
N ILE D 154 27.52 7.80 14.81
CA ILE D 154 27.33 6.50 14.17
C ILE D 154 26.52 6.76 12.91
N THR D 155 27.04 6.26 11.79
CA THR D 155 26.42 6.50 10.52
C THR D 155 25.39 5.45 10.36
N ASP D 156 24.27 5.86 9.80
CA ASP D 156 23.34 4.93 9.20
C ASP D 156 24.20 4.08 8.28
N LYS D 157 23.94 2.78 8.19
CA LYS D 157 24.78 1.90 7.36
C LYS D 157 24.81 2.28 5.84
N CYS D 158 25.41 1.42 5.02
CA CYS D 158 24.95 1.23 3.63
C CYS D 158 25.49 -0.08 3.11
N VAL D 159 25.06 -0.47 1.91
CA VAL D 159 25.47 -1.77 1.34
C VAL D 159 26.54 -1.66 0.25
N LEU D 160 27.75 -2.07 0.63
CA LEU D 160 28.89 -2.19 -0.29
C LEU D 160 28.73 -3.49 -1.09
N ASP D 161 28.89 -3.40 -2.41
CA ASP D 161 28.67 -4.52 -3.31
C ASP D 161 29.95 -4.94 -4.07
N MET D 162 30.53 -6.09 -3.66
CA MET D 162 31.62 -6.78 -4.40
C MET D 162 31.01 -7.78 -5.40
N ARG D 163 30.74 -7.24 -6.58
CA ARG D 163 30.01 -7.91 -7.64
C ARG D 163 30.68 -9.22 -8.08
N SER D 164 32.00 -9.18 -8.28
CA SER D 164 32.76 -10.31 -8.83
C SER D 164 32.95 -11.55 -7.89
N MET D 165 33.04 -11.32 -6.56
CA MET D 165 33.06 -12.38 -5.54
C MET D 165 31.61 -12.80 -5.14
N ASP D 166 30.59 -12.07 -5.63
CA ASP D 166 29.16 -12.21 -5.26
C ASP D 166 28.95 -11.95 -3.75
N PHE D 167 29.83 -11.09 -3.16
CA PHE D 167 29.88 -10.80 -1.71
C PHE D 167 29.42 -9.35 -1.41
N LYS D 168 28.15 -9.22 -1.04
CA LYS D 168 27.55 -7.95 -0.77
C LYS D 168 27.75 -7.83 0.72
N SER D 169 28.26 -6.70 1.20
CA SER D 169 28.33 -6.47 2.64
C SER D 169 27.70 -5.13 3.10
N ASN D 170 27.00 -5.19 4.25
CA ASN D 170 26.58 -4.01 5.03
C ASN D 170 27.73 -3.56 5.94
N SER D 171 27.68 -2.30 6.34
CA SER D 171 28.75 -1.68 7.13
C SER D 171 28.25 -0.37 7.66
N ALA D 172 28.57 -0.08 8.90
CA ALA D 172 28.32 1.24 9.44
C ALA D 172 29.54 1.64 10.23
N VAL D 173 29.73 2.93 10.38
CA VAL D 173 30.99 3.47 10.91
C VAL D 173 30.70 4.36 12.11
N ALA D 174 31.59 4.31 13.10
CA ALA D 174 31.43 5.07 14.35
C ALA D 174 32.76 5.63 14.85
N TRP D 175 32.77 6.92 15.20
CA TRP D 175 33.97 7.55 15.75
C TRP D 175 33.67 8.59 16.84
N SER D 176 34.71 8.99 17.57
CA SER D 176 34.66 10.15 18.48
C SER D 176 36.11 10.64 18.79
N ASN D 177 36.24 11.86 19.33
CA ASN D 177 37.56 12.39 19.73
C ASN D 177 37.99 12.08 21.18
N LYS D 178 37.03 11.80 22.08
CA LYS D 178 37.36 11.63 23.51
C LYS D 178 37.80 10.20 23.84
N SER D 179 38.70 10.13 24.84
CA SER D 179 39.27 8.93 25.44
C SER D 179 38.38 7.69 25.67
N ASP D 180 37.41 7.84 26.56
CA ASP D 180 36.45 6.72 26.91
C ASP D 180 35.59 6.25 25.67
N PHE D 181 36.30 5.90 24.62
CA PHE D 181 35.69 5.36 23.44
C PHE D 181 36.43 4.07 23.14
N ALA D 182 35.72 3.12 22.57
CA ALA D 182 36.30 1.85 22.26
C ALA D 182 35.43 1.18 21.21
N CYS D 183 35.98 0.25 20.44
CA CYS D 183 35.13 -0.50 19.55
C CYS D 183 34.43 -1.68 20.25
N ALA D 184 33.50 -2.28 19.50
CA ALA D 184 32.59 -3.33 19.95
C ALA D 184 31.47 -2.70 20.81
N ASN D 185 31.78 -2.29 22.04
CA ASN D 185 30.82 -1.59 22.90
C ASN D 185 30.19 -0.32 22.27
N ALA D 186 30.96 0.42 21.44
CA ALA D 186 30.48 1.67 20.81
C ALA D 186 29.26 1.52 19.92
N PHE D 187 29.10 0.33 19.35
CA PHE D 187 27.93 -0.04 18.55
C PHE D 187 26.86 -0.79 19.30
N ASN D 188 27.08 -0.99 20.60
CA ASN D 188 26.29 -1.94 21.39
C ASN D 188 24.88 -1.45 21.77
N ASN D 189 24.60 -0.16 21.52
CA ASN D 189 23.26 0.38 21.73
C ASN D 189 22.29 -0.15 20.63
N SER D 190 22.79 -0.33 19.40
CA SER D 190 22.12 -1.18 18.37
C SER D 190 22.13 -2.65 18.89
N ILE D 191 20.95 -3.21 19.22
CA ILE D 191 20.81 -4.42 20.13
C ILE D 191 20.80 -5.73 19.29
N ILE D 192 22.00 -6.11 18.82
CA ILE D 192 22.21 -7.16 17.75
C ILE D 192 21.76 -8.61 18.23
N PRO D 193 21.88 -9.67 17.37
CA PRO D 193 21.01 -10.85 17.64
C PRO D 193 21.20 -11.56 19.01
N ASP E 1 22.20 13.25 -27.05
CA ASP E 1 23.38 12.32 -27.10
C ASP E 1 24.15 12.38 -25.75
N ALA E 2 24.53 13.59 -25.34
CA ALA E 2 24.50 13.96 -23.94
C ALA E 2 23.21 14.76 -23.81
N GLY E 3 22.53 14.59 -22.66
CA GLY E 3 21.20 15.15 -22.41
C GLY E 3 21.20 16.60 -21.97
N VAL E 4 20.20 16.98 -21.17
CA VAL E 4 20.08 18.35 -20.67
C VAL E 4 21.32 18.66 -19.82
N ILE E 5 21.95 19.81 -20.09
CA ILE E 5 23.13 20.25 -19.36
C ILE E 5 22.78 21.43 -18.50
N GLN E 6 23.09 21.35 -17.22
CA GLN E 6 22.87 22.50 -16.35
C GLN E 6 24.15 22.88 -15.68
N SER E 7 24.48 24.17 -15.80
CA SER E 7 25.51 24.81 -14.99
C SER E 7 24.78 25.67 -13.94
N PRO E 8 25.30 25.77 -12.71
CA PRO E 8 26.34 24.91 -12.11
C PRO E 8 25.77 23.61 -11.62
N ARG E 9 26.60 22.74 -11.08
CA ARG E 9 26.09 21.50 -10.45
C ARG E 9 25.70 21.81 -9.02
N HIS E 10 26.49 22.65 -8.37
CA HIS E 10 26.18 23.17 -7.03
C HIS E 10 26.49 24.65 -6.98
N GLU E 11 25.70 25.40 -6.24
CA GLU E 11 25.89 26.87 -6.10
C GLU E 11 25.57 27.31 -4.67
N VAL E 12 26.63 27.42 -3.89
CA VAL E 12 26.51 27.99 -2.59
C VAL E 12 26.68 29.49 -2.78
N THR E 13 25.69 30.26 -2.32
CA THR E 13 25.72 31.72 -2.40
C THR E 13 25.18 32.40 -1.13
N GLU E 14 25.42 33.70 -0.98
CA GLU E 14 24.88 34.45 0.16
C GLU E 14 23.60 35.08 -0.31
N MET E 15 22.75 35.39 0.65
CA MET E 15 21.50 35.98 0.29
C MET E 15 21.81 37.40 -0.13
N GLY E 16 20.87 38.02 -0.83
CA GLY E 16 21.09 39.27 -1.53
C GLY E 16 21.61 39.06 -2.93
N GLN E 17 22.34 37.98 -3.15
CA GLN E 17 23.07 37.83 -4.39
C GLN E 17 22.22 37.25 -5.50
N GLN E 18 22.30 37.87 -6.68
CA GLN E 18 21.71 37.40 -7.93
C GLN E 18 22.26 36.03 -8.16
N VAL E 19 21.41 35.01 -8.16
CA VAL E 19 21.83 33.72 -8.64
C VAL E 19 21.30 33.65 -10.08
N THR E 20 22.06 32.96 -10.95
CA THR E 20 21.72 32.82 -12.34
C THR E 20 21.91 31.36 -12.63
N LEU E 21 20.90 30.70 -13.15
CA LEU E 21 20.94 29.27 -13.45
C LEU E 21 20.79 29.11 -14.91
N ARG E 22 21.56 28.19 -15.49
CA ARG E 22 21.58 27.96 -16.94
C ARG E 22 21.17 26.55 -17.21
N CYS E 23 20.65 26.40 -18.44
CA CYS E 23 20.28 25.13 -19.03
C CYS E 23 20.37 25.19 -20.49
N LYS E 24 21.07 24.23 -21.06
CA LYS E 24 20.98 23.92 -22.49
C LYS E 24 20.22 22.60 -22.69
N PRO E 25 19.15 22.63 -23.49
CA PRO E 25 18.35 21.45 -23.63
C PRO E 25 18.92 20.59 -24.68
N ILE E 26 18.23 19.49 -24.92
CA ILE E 26 18.66 18.52 -25.89
C ILE E 26 18.41 19.11 -27.23
N SER E 27 19.38 19.00 -28.13
CA SER E 27 19.24 19.48 -29.50
C SER E 27 18.03 18.88 -30.15
N GLY E 28 17.16 19.73 -30.70
CA GLY E 28 15.91 19.28 -31.33
C GLY E 28 14.64 19.40 -30.50
N HIS E 29 14.76 19.61 -29.18
CA HIS E 29 13.63 19.70 -28.25
C HIS E 29 13.10 21.14 -28.14
N ASP E 30 11.86 21.37 -28.56
CA ASP E 30 11.27 22.72 -28.53
C ASP E 30 10.59 23.07 -27.21
N TYR E 31 10.57 22.14 -26.26
CA TYR E 31 9.87 22.39 -25.01
C TYR E 31 10.97 22.33 -24.03
N LEU E 32 10.96 23.28 -23.10
CA LEU E 32 11.97 23.36 -22.03
C LEU E 32 11.26 23.72 -20.74
N PHE E 33 11.58 22.99 -19.69
CA PHE E 33 10.87 23.10 -18.39
C PHE E 33 11.88 23.37 -17.29
N TRP E 34 11.57 24.36 -16.44
CA TRP E 34 12.29 24.61 -15.21
C TRP E 34 11.43 24.05 -14.12
N TYR E 35 11.92 23.04 -13.43
CA TYR E 35 11.26 22.50 -12.22
C TYR E 35 12.14 22.80 -11.02
N ARG E 36 11.55 23.18 -9.89
CA ARG E 36 12.31 23.12 -8.61
C ARG E 36 11.85 21.96 -7.73
N GLN E 37 12.72 21.55 -6.82
CA GLN E 37 12.41 20.59 -5.84
C GLN E 37 12.89 21.02 -4.48
N THR E 38 12.02 21.14 -3.49
CA THR E 38 12.50 21.24 -2.11
C THR E 38 12.04 20.02 -1.39
N MET E 39 12.33 19.90 -0.10
CA MET E 39 11.73 18.81 0.69
C MET E 39 10.30 19.18 1.16
N MET E 40 10.06 20.47 1.42
CA MET E 40 8.78 20.92 1.98
C MET E 40 7.59 20.92 0.94
N ARG E 41 7.83 21.39 -0.28
CA ARG E 41 6.81 21.34 -1.38
C ARG E 41 6.98 20.25 -2.46
N GLY E 42 8.06 19.48 -2.43
CA GLY E 42 8.30 18.43 -3.47
C GLY E 42 8.84 18.94 -4.79
N LEU E 43 8.85 18.13 -5.86
CA LEU E 43 9.09 18.65 -7.22
C LEU E 43 7.95 19.53 -7.65
N GLU E 44 8.23 20.70 -8.19
CA GLU E 44 7.19 21.62 -8.68
C GLU E 44 7.60 22.27 -10.00
N LEU E 45 6.66 22.55 -10.90
CA LEU E 45 6.97 23.38 -12.06
C LEU E 45 7.16 24.82 -11.62
N LEU E 46 8.10 25.51 -12.25
CA LEU E 46 8.21 26.97 -12.18
C LEU E 46 7.58 27.57 -13.42
N ILE E 47 8.02 27.06 -14.58
CA ILE E 47 7.70 27.61 -15.87
C ILE E 47 8.15 26.63 -16.92
N TYR E 48 7.54 26.75 -18.10
CA TYR E 48 8.04 26.02 -19.28
C TYR E 48 7.79 26.86 -20.54
N PHE E 49 8.76 26.71 -21.46
CA PHE E 49 8.77 27.43 -22.70
C PHE E 49 8.49 26.44 -23.78
N ASN E 50 7.82 26.95 -24.81
CA ASN E 50 7.48 26.20 -26.00
C ASN E 50 7.97 27.06 -27.17
N ASN E 51 8.94 26.55 -27.92
CA ASN E 51 9.56 27.31 -29.02
C ASN E 51 9.81 28.69 -28.50
N ASN E 52 10.46 28.71 -27.33
CA ASN E 52 11.04 29.91 -26.67
C ASN E 52 10.12 30.91 -26.01
N VAL E 53 8.80 30.74 -26.05
CA VAL E 53 7.89 31.68 -25.38
C VAL E 53 7.34 30.98 -24.16
N PRO E 54 7.13 31.70 -23.07
CA PRO E 54 6.67 31.03 -21.86
C PRO E 54 5.19 30.71 -21.96
N ILE E 55 4.77 29.53 -21.46
CA ILE E 55 3.39 29.01 -21.65
C ILE E 55 2.71 28.84 -20.33
N ASP E 56 3.28 27.99 -19.48
CA ASP E 56 2.80 27.81 -18.12
C ASP E 56 3.91 28.32 -17.25
N ASP E 57 3.55 29.34 -16.47
CA ASP E 57 4.41 30.01 -15.53
C ASP E 57 3.64 30.29 -14.24
N SER E 58 2.86 29.33 -13.77
CA SER E 58 1.99 29.51 -12.61
C SER E 58 2.70 29.29 -11.28
N GLY E 59 3.85 28.65 -11.35
CA GLY E 59 4.64 28.34 -10.18
C GLY E 59 5.83 29.27 -10.02
N MET E 60 5.85 30.37 -10.74
CA MET E 60 6.85 31.37 -10.55
C MET E 60 6.42 32.18 -9.38
N PRO E 61 7.26 32.28 -8.35
CA PRO E 61 6.84 33.23 -7.30
C PRO E 61 6.79 34.73 -7.73
N GLU E 62 6.04 35.49 -6.95
CA GLU E 62 5.49 36.82 -7.31
C GLU E 62 6.49 37.89 -7.71
N ASP E 63 7.55 38.04 -6.91
CA ASP E 63 8.76 38.75 -7.36
C ASP E 63 9.95 37.82 -7.26
N ARG E 64 11.07 38.35 -7.79
CA ARG E 64 12.43 37.84 -7.73
C ARG E 64 12.79 36.86 -8.84
N PHE E 65 11.84 36.11 -9.35
CA PHE E 65 12.22 35.04 -10.23
C PHE E 65 11.97 35.60 -11.59
N SER E 66 12.85 35.29 -12.52
CA SER E 66 12.75 35.74 -13.88
C SER E 66 13.24 34.58 -14.69
N ALA E 67 12.75 34.41 -15.91
CA ALA E 67 13.24 33.31 -16.74
C ALA E 67 13.05 33.55 -18.21
N LYS E 68 14.11 33.27 -18.96
CA LYS E 68 14.07 33.42 -20.40
C LYS E 68 14.74 32.31 -21.16
N MET E 69 14.37 32.24 -22.44
CA MET E 69 15.01 31.47 -23.48
C MET E 69 15.34 32.48 -24.57
N PRO E 70 16.54 33.11 -24.48
CA PRO E 70 16.87 34.07 -25.53
C PRO E 70 16.96 33.42 -26.89
N ASN E 71 17.22 32.11 -26.95
CA ASN E 71 17.15 31.28 -28.17
C ASN E 71 16.90 29.82 -27.81
N ALA E 72 16.70 28.98 -28.85
CA ALA E 72 16.38 27.53 -28.70
C ALA E 72 17.39 26.62 -27.91
N SER E 73 18.53 27.15 -27.49
CA SER E 73 19.64 26.33 -27.05
C SER E 73 20.10 26.66 -25.66
N PHE E 74 19.36 27.53 -24.99
CA PHE E 74 19.80 28.06 -23.72
C PHE E 74 18.71 28.80 -22.98
N SER E 75 18.63 28.57 -21.67
CA SER E 75 17.77 29.33 -20.77
C SER E 75 18.41 29.68 -19.45
N THR E 76 18.13 30.88 -18.96
CA THR E 76 18.45 31.27 -17.62
C THR E 76 17.20 31.26 -16.81
N LEU E 77 17.34 30.88 -15.56
CA LEU E 77 16.32 31.16 -14.54
C LEU E 77 17.03 32.01 -13.48
N LYS E 78 16.59 33.23 -13.32
CA LYS E 78 17.36 34.20 -12.55
C LYS E 78 16.59 34.61 -11.25
N ILE E 79 17.23 34.47 -10.10
CA ILE E 79 16.66 34.90 -8.84
C ILE E 79 17.44 36.14 -8.37
N GLN E 80 16.75 37.23 -8.05
CA GLN E 80 17.39 38.48 -7.66
C GLN E 80 16.47 39.32 -6.73
N PRO E 81 16.84 39.59 -5.46
CA PRO E 81 17.88 38.93 -4.74
C PRO E 81 17.48 37.50 -4.48
N SER E 82 18.43 36.70 -4.00
CA SER E 82 18.13 35.42 -3.38
C SER E 82 17.68 35.63 -1.94
N GLU E 83 17.10 34.56 -1.38
CA GLU E 83 16.78 34.49 0.04
C GLU E 83 17.11 33.09 0.45
N PRO E 84 17.23 32.83 1.76
CA PRO E 84 17.54 31.44 2.13
C PRO E 84 16.44 30.46 1.71
N ARG E 85 15.20 30.88 1.67
CA ARG E 85 14.17 29.98 1.19
C ARG E 85 14.14 29.62 -0.30
N ASP E 86 15.11 30.09 -1.06
CA ASP E 86 15.22 29.64 -2.43
C ASP E 86 16.10 28.42 -2.51
N SER E 87 16.73 28.04 -1.39
CA SER E 87 17.48 26.80 -1.36
C SER E 87 16.61 25.67 -1.80
N ALA E 88 17.04 24.92 -2.80
CA ALA E 88 16.25 23.85 -3.49
C ALA E 88 17.13 23.15 -4.47
N VAL E 89 16.74 22.01 -5.01
CA VAL E 89 17.39 21.65 -6.26
C VAL E 89 16.51 22.25 -7.33
N TYR E 90 17.11 22.73 -8.42
CA TYR E 90 16.41 23.33 -9.54
C TYR E 90 16.75 22.52 -10.79
N PHE E 91 15.86 21.65 -11.25
CA PHE E 91 16.06 20.85 -12.51
C PHE E 91 15.59 21.60 -13.74
N CYS E 92 16.16 21.20 -14.85
CA CYS E 92 15.81 21.71 -16.11
C CYS E 92 15.35 20.48 -16.87
N ALA E 93 14.47 20.66 -17.84
CA ALA E 93 14.14 19.52 -18.69
C ALA E 93 13.65 19.92 -20.06
N SER E 94 13.89 19.06 -21.05
CA SER E 94 13.37 19.27 -22.41
C SER E 94 12.62 18.03 -22.98
N SER E 95 11.67 18.32 -23.90
CA SER E 95 10.84 17.28 -24.56
C SER E 95 10.32 17.75 -25.92
N LEU E 96 9.70 16.85 -26.66
CA LEU E 96 9.05 17.11 -27.95
C LEU E 96 7.59 16.72 -27.85
N TRP E 97 6.79 17.22 -28.77
CA TRP E 97 5.39 16.76 -28.88
C TRP E 97 5.15 15.23 -28.90
N GLU E 98 5.91 14.48 -29.71
CA GLU E 98 5.77 12.98 -29.79
C GLU E 98 6.19 12.28 -28.51
N LYS E 99 6.93 12.96 -27.63
CA LYS E 99 7.34 12.42 -26.32
C LYS E 99 6.53 12.97 -25.19
N LEU E 100 6.02 14.20 -25.31
CA LEU E 100 5.11 14.76 -24.31
C LEU E 100 3.76 14.11 -24.46
N ALA E 101 3.46 13.64 -25.66
CA ALA E 101 2.40 12.69 -25.89
C ALA E 101 2.37 11.60 -24.84
N LYS E 102 3.47 10.88 -24.66
CA LYS E 102 3.55 9.83 -23.63
C LYS E 102 4.07 10.35 -22.25
N ASN E 103 4.01 11.66 -22.01
CA ASN E 103 4.70 12.37 -20.90
C ASN E 103 6.14 12.04 -20.50
N ILE E 104 6.95 11.71 -21.49
CA ILE E 104 8.38 11.66 -21.35
C ILE E 104 8.98 13.10 -21.42
N GLN E 105 9.39 13.61 -20.28
CA GLN E 105 10.28 14.73 -20.20
C GLN E 105 11.63 14.16 -19.77
N TYR E 106 12.70 14.78 -20.28
CA TYR E 106 14.12 14.38 -20.07
C TYR E 106 14.78 15.43 -19.17
N PHE E 107 15.42 15.00 -18.09
CA PHE E 107 15.92 15.94 -17.05
C PHE E 107 17.44 16.08 -17.04
N GLY E 108 17.89 17.22 -16.50
CA GLY E 108 19.30 17.49 -16.18
C GLY E 108 19.56 16.89 -14.82
N ALA E 109 20.80 16.98 -14.31
CA ALA E 109 21.04 16.53 -12.93
C ALA E 109 20.84 17.62 -11.92
N GLY E 110 20.49 18.80 -12.36
CA GLY E 110 20.12 19.82 -11.41
C GLY E 110 21.22 20.56 -10.62
N THR E 111 20.95 21.83 -10.37
CA THR E 111 21.81 22.72 -9.66
C THR E 111 21.41 22.80 -8.18
N ARG E 112 22.05 22.03 -7.30
CA ARG E 112 21.73 22.09 -5.86
C ARG E 112 22.10 23.47 -5.40
N LEU E 113 21.12 24.33 -5.19
CA LEU E 113 21.37 25.71 -4.74
C LEU E 113 21.13 25.83 -3.23
N SER E 114 22.16 26.20 -2.46
CA SER E 114 21.99 26.62 -1.06
C SER E 114 22.20 28.13 -0.93
N VAL E 115 21.13 28.87 -0.66
CA VAL E 115 21.27 30.27 -0.31
C VAL E 115 21.30 30.34 1.22
N LEU E 116 22.28 31.09 1.75
CA LEU E 116 22.68 31.05 3.15
C LEU E 116 22.53 32.38 3.85
N GLU E 117 22.49 32.34 5.18
CA GLU E 117 22.36 33.55 5.96
C GLU E 117 23.61 34.45 6.01
N ASP E 118 24.78 33.81 5.96
CA ASP E 118 26.07 34.48 6.06
C ASP E 118 27.14 33.47 5.70
N LEU E 119 28.03 33.85 4.79
CA LEU E 119 29.06 32.94 4.31
C LEU E 119 30.10 32.52 5.35
N LYS E 120 30.05 33.11 6.54
CA LYS E 120 31.08 32.97 7.55
C LYS E 120 31.07 31.59 8.21
N ASN E 121 30.01 30.80 7.98
CA ASN E 121 29.91 29.41 8.46
C ASN E 121 30.23 28.35 7.41
N VAL E 122 30.72 28.76 6.26
CA VAL E 122 31.20 27.82 5.24
C VAL E 122 32.63 27.38 5.57
N PHE E 123 32.87 26.08 5.38
CA PHE E 123 34.15 25.41 5.63
C PHE E 123 34.30 24.23 4.68
N PRO E 124 35.51 24.00 4.13
CA PRO E 124 35.67 22.83 3.31
C PRO E 124 35.91 21.65 4.22
N PRO E 125 35.83 20.43 3.67
CA PRO E 125 36.13 19.27 4.48
C PRO E 125 37.63 19.11 4.76
N GLU E 126 37.94 18.55 5.92
CA GLU E 126 39.24 18.03 6.27
C GLU E 126 39.02 16.56 6.07
N VAL E 127 39.90 15.92 5.29
CA VAL E 127 39.65 14.53 4.88
C VAL E 127 40.76 13.62 5.30
N ALA E 128 40.37 12.48 5.86
CA ALA E 128 41.29 11.44 6.32
C ALA E 128 40.87 10.10 5.70
N VAL E 129 41.80 9.16 5.68
CA VAL E 129 41.56 7.80 5.26
C VAL E 129 42.07 6.90 6.36
N PHE E 130 41.41 5.78 6.54
CA PHE E 130 41.85 4.82 7.52
C PHE E 130 42.09 3.50 6.77
N GLU E 131 43.06 2.73 7.26
CA GLU E 131 43.58 1.58 6.50
C GLU E 131 43.26 0.29 7.25
N PRO E 132 42.75 -0.74 6.54
CA PRO E 132 42.10 -1.95 7.08
C PRO E 132 42.82 -2.60 8.27
N SER E 133 42.05 -3.25 9.14
CA SER E 133 42.56 -3.86 10.36
C SER E 133 43.29 -5.16 10.02
N GLU E 134 44.30 -5.52 10.82
CA GLU E 134 44.92 -6.82 10.67
C GLU E 134 43.85 -7.91 10.91
N ALA E 135 43.03 -7.70 11.95
CA ALA E 135 41.93 -8.62 12.33
C ALA E 135 41.04 -9.03 11.14
N GLU E 136 40.47 -8.01 10.49
CA GLU E 136 39.57 -8.14 9.34
C GLU E 136 40.17 -8.96 8.19
N ILE E 137 41.50 -9.07 8.14
CA ILE E 137 42.21 -9.68 7.00
C ILE E 137 42.47 -11.20 7.16
N SER E 138 42.67 -11.66 8.39
CA SER E 138 42.65 -13.10 8.61
C SER E 138 41.24 -13.67 8.81
N HIS E 139 40.29 -12.85 9.32
CA HIS E 139 38.89 -13.31 9.56
C HIS E 139 38.16 -13.53 8.24
N THR E 140 38.42 -12.63 7.28
CA THR E 140 37.99 -12.75 5.88
C THR E 140 39.15 -12.29 5.03
N GLN E 141 39.31 -12.79 3.80
CA GLN E 141 40.47 -12.37 2.98
C GLN E 141 40.22 -11.00 2.37
N LYS E 142 39.90 -10.04 3.24
CA LYS E 142 39.26 -8.80 2.84
C LYS E 142 39.66 -7.63 3.75
N ALA E 143 39.92 -6.48 3.11
CA ALA E 143 40.38 -5.28 3.79
C ALA E 143 39.51 -4.06 3.37
N THR E 144 38.79 -3.49 4.36
CA THR E 144 37.94 -2.32 4.17
C THR E 144 38.75 -1.09 4.59
N LEU E 145 38.89 -0.12 3.67
CA LEU E 145 39.36 1.24 3.97
C LEU E 145 38.14 2.07 4.26
N VAL E 146 38.33 3.14 5.03
CA VAL E 146 37.25 4.02 5.46
C VAL E 146 37.69 5.46 5.22
N CYS E 147 36.87 6.26 4.53
CA CYS E 147 37.14 7.67 4.35
C CYS E 147 36.16 8.52 5.06
N LEU E 148 36.66 9.41 5.94
CA LEU E 148 35.86 10.44 6.59
C LEU E 148 36.18 11.77 5.96
N ALA E 149 35.12 12.50 5.66
CA ALA E 149 35.18 13.90 5.35
C ALA E 149 34.37 14.52 6.49
N THR E 150 34.98 15.50 7.16
CA THR E 150 34.39 16.07 8.36
C THR E 150 34.65 17.56 8.38
N GLY E 151 33.96 18.23 9.31
CA GLY E 151 34.11 19.67 9.54
C GLY E 151 33.60 20.64 8.46
N PHE E 152 32.68 20.18 7.59
CA PHE E 152 32.26 20.96 6.40
C PHE E 152 30.83 21.43 6.47
N TYR E 153 30.52 22.42 5.63
CA TYR E 153 29.21 23.07 5.53
C TYR E 153 29.30 24.04 4.36
N PRO E 154 28.22 24.24 3.61
CA PRO E 154 27.10 23.37 3.59
C PRO E 154 27.44 22.03 2.92
N ASP E 155 26.51 21.11 2.99
CA ASP E 155 26.76 19.73 2.64
C ASP E 155 26.68 19.53 1.14
N HIS E 156 27.64 20.14 0.45
CA HIS E 156 27.77 19.98 -0.96
C HIS E 156 29.08 19.35 -1.18
N VAL E 157 29.11 18.01 -1.03
CA VAL E 157 30.32 17.21 -1.29
C VAL E 157 30.02 16.06 -2.21
N GLU E 158 31.08 15.42 -2.74
CA GLU E 158 30.97 14.35 -3.78
C GLU E 158 32.14 13.42 -3.61
N LEU E 159 31.94 12.37 -2.86
CA LEU E 159 33.03 11.54 -2.43
C LEU E 159 33.20 10.47 -3.48
N SER E 160 34.45 10.20 -3.79
CA SER E 160 34.79 9.20 -4.79
C SER E 160 36.18 8.57 -4.44
N TRP E 161 36.30 7.24 -4.65
CA TRP E 161 37.60 6.55 -4.54
C TRP E 161 38.23 6.41 -5.92
N TRP E 162 39.53 6.62 -5.92
CA TRP E 162 40.32 6.41 -7.06
C TRP E 162 41.37 5.40 -6.62
N VAL E 163 41.44 4.29 -7.33
CA VAL E 163 42.43 3.26 -7.06
C VAL E 163 43.34 3.32 -8.24
N ASN E 164 44.62 3.62 -8.00
CA ASN E 164 45.66 3.79 -9.02
C ASN E 164 45.34 4.77 -10.13
N GLY E 165 44.74 5.90 -9.81
CA GLY E 165 44.39 6.88 -10.85
C GLY E 165 43.16 6.67 -11.74
N LYS E 166 42.52 5.49 -11.65
CA LYS E 166 41.20 5.28 -12.22
C LYS E 166 40.24 5.30 -11.04
N GLU E 167 39.08 5.93 -11.23
CA GLU E 167 38.02 5.89 -10.22
C GLU E 167 37.35 4.52 -10.14
N VAL E 168 37.30 3.90 -8.96
CA VAL E 168 36.46 2.64 -8.76
C VAL E 168 35.12 2.98 -8.21
N HIS E 169 34.12 2.23 -8.67
CA HIS E 169 32.80 2.23 -8.06
C HIS E 169 32.49 0.89 -7.35
N SER E 170 33.01 -0.22 -7.83
CA SER E 170 32.88 -1.50 -7.13
C SER E 170 33.40 -1.46 -5.72
N GLY E 171 32.72 -2.10 -4.78
CA GLY E 171 33.18 -2.19 -3.40
C GLY E 171 33.11 -0.90 -2.57
N VAL E 172 32.38 0.12 -3.05
CA VAL E 172 32.35 1.44 -2.42
C VAL E 172 31.05 1.56 -1.65
N CYS E 173 30.95 2.48 -0.70
CA CYS E 173 29.71 2.64 0.05
C CYS E 173 29.62 4.04 0.62
N THR E 174 29.49 5.05 -0.21
CA THR E 174 29.30 6.39 0.33
C THR E 174 28.01 6.42 1.21
N ASP E 175 28.03 7.19 2.31
CA ASP E 175 26.85 7.38 3.15
C ASP E 175 25.68 8.03 2.38
N PRO E 176 24.47 7.54 2.68
CA PRO E 176 23.24 8.12 2.17
C PRO E 176 23.20 9.64 2.37
N GLN E 177 23.43 10.09 3.59
CA GLN E 177 23.38 11.52 3.90
C GLN E 177 24.61 11.91 4.72
N PRO E 178 25.00 13.19 4.65
CA PRO E 178 25.85 13.77 5.69
C PRO E 178 25.25 13.54 7.07
N LEU E 179 26.06 13.56 8.13
CA LEU E 179 25.52 13.59 9.50
C LEU E 179 26.14 14.78 10.23
N LYS E 180 25.34 15.54 10.98
CA LYS E 180 25.83 16.79 11.58
C LYS E 180 26.83 16.52 12.67
N GLU E 181 27.90 17.31 12.67
CA GLU E 181 28.95 17.26 13.69
C GLU E 181 28.35 17.75 14.98
N GLN E 182 27.77 18.95 14.92
CA GLN E 182 27.12 19.56 16.06
C GLN E 182 25.59 19.60 15.90
N PRO E 183 24.89 18.52 16.28
CA PRO E 183 23.43 18.64 16.39
C PRO E 183 22.94 19.75 17.39
N ALA E 184 23.86 20.31 18.19
CA ALA E 184 23.57 21.41 19.12
C ALA E 184 23.50 22.84 18.53
N LEU E 185 24.13 23.12 17.38
CA LEU E 185 23.96 24.46 16.73
C LEU E 185 22.94 24.43 15.50
N ASN E 186 22.10 25.49 15.43
CA ASN E 186 21.04 25.64 14.38
C ASN E 186 21.63 25.44 12.97
N ASP E 187 22.84 26.00 12.73
CA ASP E 187 23.55 25.93 11.44
C ASP E 187 24.94 25.31 11.67
N SER E 188 24.95 23.98 11.73
CA SER E 188 26.14 23.24 12.17
C SER E 188 26.77 22.48 11.04
N ARG E 189 28.05 22.19 11.26
CA ARG E 189 28.90 21.46 10.33
C ARG E 189 28.61 19.97 10.29
N TYR E 190 29.13 19.32 9.23
CA TYR E 190 28.79 17.95 8.82
C TYR E 190 29.99 17.02 8.77
N ALA E 191 29.69 15.72 8.84
CA ALA E 191 30.63 14.68 8.46
C ALA E 191 29.96 13.73 7.51
N LEU E 192 30.77 13.11 6.68
CA LEU E 192 30.30 12.08 5.77
C LEU E 192 31.31 10.99 5.61
N SER E 193 30.86 9.75 5.70
CA SER E 193 31.72 8.59 5.77
C SER E 193 31.52 7.75 4.52
N SER E 194 32.57 7.06 4.09
CA SER E 194 32.53 6.09 2.96
C SER E 194 33.43 4.90 3.24
N ARG E 195 33.23 3.78 2.53
CA ARG E 195 34.12 2.59 2.65
C ARG E 195 34.52 2.03 1.30
N LEU E 196 35.64 1.34 1.31
CA LEU E 196 36.11 0.60 0.16
C LEU E 196 36.68 -0.72 0.66
N ARG E 197 36.04 -1.82 0.29
CA ARG E 197 36.56 -3.14 0.60
C ARG E 197 37.23 -3.79 -0.62
N VAL E 198 38.41 -4.38 -0.43
CA VAL E 198 39.12 -5.14 -1.49
C VAL E 198 39.77 -6.36 -0.86
N SER E 199 40.39 -7.20 -1.69
CA SER E 199 41.03 -8.41 -1.18
C SER E 199 42.31 -8.13 -0.38
N ALA E 200 42.68 -9.07 0.46
CA ALA E 200 43.97 -9.09 1.10
C ALA E 200 45.09 -9.03 0.05
N THR E 201 44.98 -9.89 -0.96
CA THR E 201 45.95 -9.93 -2.08
C THR E 201 45.98 -8.67 -2.94
N PHE E 202 45.06 -7.73 -2.71
CA PHE E 202 45.11 -6.38 -3.34
C PHE E 202 45.55 -5.24 -2.37
N TRP E 203 45.02 -5.25 -1.14
CA TRP E 203 45.48 -4.31 -0.15
C TRP E 203 46.95 -4.53 0.20
N GLN E 204 47.42 -5.77 0.17
CA GLN E 204 48.77 -6.06 0.69
C GLN E 204 49.88 -5.67 -0.30
N ASP E 205 49.55 -5.70 -1.60
CA ASP E 205 50.46 -5.28 -2.68
C ASP E 205 50.76 -3.78 -2.58
N PRO E 206 52.03 -3.41 -2.24
CA PRO E 206 52.39 -2.01 -2.08
C PRO E 206 52.36 -1.21 -3.40
N ARG E 207 52.38 -1.91 -4.53
CA ARG E 207 52.07 -1.33 -5.79
C ARG E 207 50.74 -0.50 -5.77
N ASN E 208 49.72 -0.95 -5.07
CA ASN E 208 48.40 -0.31 -5.17
C ASN E 208 48.25 1.03 -4.36
N HIS E 209 47.72 2.04 -5.07
CA HIS E 209 47.42 3.37 -4.55
C HIS E 209 45.89 3.60 -4.42
N PHE E 210 45.54 4.06 -3.23
CA PHE E 210 44.17 4.25 -2.82
C PHE E 210 44.02 5.71 -2.50
N ARG E 211 43.06 6.37 -3.14
CA ARG E 211 42.78 7.77 -2.84
C ARG E 211 41.26 8.04 -2.67
N CYS E 212 41.00 8.85 -1.64
CA CYS E 212 39.71 9.30 -1.30
C CYS E 212 39.59 10.77 -1.71
N GLN E 213 38.73 11.07 -2.68
CA GLN E 213 38.62 12.44 -3.19
C GLN E 213 37.26 13.01 -2.85
N VAL E 214 37.24 14.17 -2.20
CA VAL E 214 35.99 14.81 -1.80
C VAL E 214 35.89 16.15 -2.53
N GLN E 215 35.06 16.22 -3.57
CA GLN E 215 34.95 17.43 -4.37
C GLN E 215 33.95 18.26 -3.58
N PHE E 216 34.33 19.47 -3.22
CA PHE E 216 33.48 20.27 -2.34
C PHE E 216 33.08 21.47 -3.14
N TYR E 217 31.81 21.89 -3.01
CA TYR E 217 31.32 23.12 -3.63
C TYR E 217 31.10 24.19 -2.56
N GLY E 218 31.46 25.41 -2.92
CA GLY E 218 31.64 26.49 -1.96
C GLY E 218 31.52 27.82 -2.67
N LEU E 219 32.39 28.78 -2.33
CA LEU E 219 32.34 30.09 -2.98
C LEU E 219 33.20 30.11 -4.25
N SER E 220 33.08 31.16 -5.04
CA SER E 220 33.84 31.33 -6.28
C SER E 220 34.64 32.58 -6.12
N GLU E 221 35.62 32.81 -7.00
CA GLU E 221 36.56 33.94 -6.81
C GLU E 221 35.92 35.36 -6.76
N ASN E 222 34.72 35.53 -7.35
CA ASN E 222 33.96 36.82 -7.26
C ASN E 222 33.32 37.11 -5.86
N ASP E 223 32.91 36.05 -5.13
CA ASP E 223 32.32 36.16 -3.77
C ASP E 223 33.33 36.86 -2.90
N GLU E 224 32.87 37.85 -2.16
CA GLU E 224 33.82 38.70 -1.48
C GLU E 224 34.00 38.20 -0.04
N TRP E 225 35.05 37.43 0.12
CA TRP E 225 35.54 37.00 1.42
C TRP E 225 36.25 38.12 2.14
N THR E 226 35.96 38.30 3.41
CA THR E 226 36.73 39.25 4.17
C THR E 226 36.80 38.88 5.66
N GLN E 227 37.09 37.60 5.87
CA GLN E 227 38.12 37.25 6.86
C GLN E 227 39.39 36.85 6.10
N ASP E 228 40.53 36.73 6.79
CA ASP E 228 41.72 36.14 6.19
C ASP E 228 41.99 34.78 6.89
N ARG E 229 40.95 33.92 6.87
CA ARG E 229 41.15 32.47 6.93
C ARG E 229 41.39 32.29 5.47
N ALA E 230 41.82 31.11 5.09
CA ALA E 230 41.75 30.73 3.69
C ALA E 230 40.26 30.71 3.33
N LYS E 231 39.98 31.15 2.11
CA LYS E 231 38.65 31.22 1.59
C LYS E 231 38.16 29.81 1.20
N PRO E 232 36.93 29.44 1.61
CA PRO E 232 36.39 28.14 1.25
C PRO E 232 35.73 28.21 -0.09
N VAL E 233 36.37 27.62 -1.07
CA VAL E 233 35.92 27.73 -2.44
C VAL E 233 35.94 26.37 -3.06
N THR E 234 35.24 26.25 -4.16
CA THR E 234 35.03 24.95 -4.74
C THR E 234 36.38 24.34 -5.10
N GLN E 235 36.70 23.30 -4.35
CA GLN E 235 38.02 22.74 -4.28
C GLN E 235 37.95 21.23 -4.09
N ILE E 236 39.07 20.56 -4.28
CA ILE E 236 39.18 19.14 -4.03
C ILE E 236 40.03 18.95 -2.80
N VAL E 237 39.47 18.30 -1.80
CA VAL E 237 40.22 17.81 -0.66
C VAL E 237 40.42 16.29 -0.77
N SER E 238 41.64 15.81 -0.49
CA SER E 238 41.95 14.41 -0.69
C SER E 238 42.69 13.80 0.53
N ALA E 239 42.63 12.47 0.67
CA ALA E 239 43.52 11.70 1.55
C ALA E 239 43.92 10.43 0.80
N GLU E 240 45.12 9.90 1.03
CA GLU E 240 45.54 8.74 0.28
C GLU E 240 46.27 7.75 1.15
N ALA E 241 46.54 6.57 0.59
CA ALA E 241 47.20 5.46 1.29
C ALA E 241 47.68 4.35 0.31
N TRP E 242 48.80 3.69 0.65
CA TRP E 242 49.36 2.59 -0.17
C TRP E 242 49.20 1.25 0.53
N GLY E 243 49.30 0.19 -0.25
CA GLY E 243 49.40 -1.16 0.29
C GLY E 243 50.66 -1.36 1.10
N ARG E 244 50.59 -2.22 2.11
CA ARG E 244 51.73 -2.49 2.99
C ARG E 244 51.76 -3.96 3.39
N ALA E 245 52.75 -4.33 4.18
CA ALA E 245 52.83 -5.66 4.78
C ALA E 245 53.89 -5.66 5.91
N ASP E 246 53.75 -4.75 6.88
CA ASP E 246 54.75 -4.59 7.97
C ASP E 246 54.23 -3.83 9.22
N GLY F 1 33.42 -23.10 28.69
CA GLY F 1 33.64 -24.14 27.63
C GLY F 1 32.39 -24.37 26.80
N SER F 2 31.91 -25.59 26.75
CA SER F 2 30.61 -25.82 26.13
C SER F 2 29.45 -25.32 27.00
N HIS F 3 28.25 -25.18 26.43
CA HIS F 3 27.04 -24.89 27.19
C HIS F 3 25.81 -25.52 26.55
N SER F 4 24.85 -25.88 27.38
CA SER F 4 23.65 -26.56 26.91
C SER F 4 22.44 -25.95 27.55
N MET F 5 21.28 -26.12 26.89
CA MET F 5 19.94 -25.96 27.55
C MET F 5 19.08 -27.16 27.24
N ARG F 6 18.67 -27.90 28.26
CA ARG F 6 17.89 -29.11 28.03
C ARG F 6 16.62 -29.06 28.82
N TYR F 7 15.55 -29.49 28.18
CA TYR F 7 14.31 -29.70 28.87
C TYR F 7 14.04 -31.20 28.93
N PHE F 8 13.69 -31.69 30.09
CA PHE F 8 13.31 -33.07 30.24
C PHE F 8 11.84 -33.20 30.65
N PHE F 9 11.03 -33.91 29.88
CA PHE F 9 9.66 -34.21 30.27
C PHE F 9 9.40 -35.71 30.41
N THR F 10 8.57 -36.02 31.38
CA THR F 10 8.23 -37.38 31.76
C THR F 10 6.73 -37.44 32.00
N SER F 11 6.12 -38.57 31.73
CA SER F 11 4.68 -38.68 31.89
C SER F 11 4.30 -40.10 32.16
N VAL F 12 3.56 -40.30 33.22
CA VAL F 12 3.21 -41.64 33.68
C VAL F 12 1.69 -41.82 33.87
N SER F 13 1.08 -42.63 33.02
CA SER F 13 -0.29 -42.99 33.16
C SER F 13 -0.50 -43.51 34.55
N ARG F 14 -1.71 -43.28 35.06
CA ARG F 14 -2.14 -44.02 36.28
C ARG F 14 -3.59 -44.42 36.13
N PRO F 15 -3.87 -45.61 35.53
CA PRO F 15 -5.26 -45.99 35.20
C PRO F 15 -6.26 -45.58 36.26
N GLY F 16 -6.04 -46.10 37.47
CA GLY F 16 -6.90 -45.81 38.59
C GLY F 16 -7.15 -44.34 38.91
N ARG F 17 -6.09 -43.52 38.91
CA ARG F 17 -6.15 -42.14 39.40
C ARG F 17 -6.24 -41.02 38.33
N GLY F 18 -7.13 -41.17 37.34
CA GLY F 18 -7.38 -40.11 36.34
C GLY F 18 -6.15 -39.67 35.56
N GLU F 19 -5.97 -38.37 35.39
CA GLU F 19 -4.94 -37.81 34.49
C GLU F 19 -3.53 -38.25 34.96
N PRO F 20 -2.58 -38.39 34.07
CA PRO F 20 -1.26 -38.88 34.42
C PRO F 20 -0.36 -37.89 35.13
N ARG F 21 0.70 -38.40 35.75
CA ARG F 21 1.74 -37.56 36.34
C ARG F 21 2.66 -36.93 35.31
N PHE F 22 2.82 -35.64 35.42
CA PHE F 22 3.71 -34.95 34.57
C PHE F 22 4.84 -34.32 35.32
N ILE F 23 6.08 -34.48 34.84
CA ILE F 23 7.17 -33.72 35.40
C ILE F 23 8.08 -33.19 34.31
N ALA F 24 7.97 -31.90 34.07
CA ALA F 24 8.96 -31.18 33.31
C ALA F 24 10.06 -30.62 34.19
N VAL F 25 11.30 -30.64 33.71
CA VAL F 25 12.35 -29.80 34.29
C VAL F 25 13.22 -29.25 33.20
N GLY F 26 13.78 -28.06 33.44
CA GLY F 26 14.71 -27.43 32.49
C GLY F 26 16.08 -27.20 33.11
N TYR F 27 17.13 -27.61 32.42
CA TYR F 27 18.48 -27.30 32.86
C TYR F 27 19.17 -26.32 31.93
N VAL F 28 20.07 -25.54 32.52
CA VAL F 28 21.20 -24.90 31.82
C VAL F 28 22.46 -25.45 32.42
N ASP F 29 23.26 -26.01 31.54
CA ASP F 29 24.43 -26.76 31.97
C ASP F 29 23.88 -27.85 32.85
N ASP F 30 24.35 -27.92 34.09
CA ASP F 30 23.81 -28.86 35.03
C ASP F 30 23.14 -28.07 36.16
N THR F 31 22.82 -26.81 35.95
CA THR F 31 22.00 -26.10 36.90
C THR F 31 20.51 -26.23 36.46
N GLN F 32 19.66 -26.67 37.39
CA GLN F 32 18.24 -26.79 37.21
C GLN F 32 17.62 -25.38 37.37
N PHE F 33 16.74 -24.94 36.46
CA PHE F 33 16.17 -23.58 36.55
C PHE F 33 14.65 -23.42 36.49
N VAL F 34 13.93 -24.36 35.90
CA VAL F 34 12.50 -24.32 35.96
C VAL F 34 12.06 -25.70 36.25
N ARG F 35 10.81 -25.87 36.69
CA ARG F 35 10.18 -27.22 36.79
C ARG F 35 8.73 -27.04 36.74
N PHE F 36 8.07 -28.10 36.30
CA PHE F 36 6.61 -28.16 36.47
C PHE F 36 6.28 -29.49 37.11
N ASP F 37 5.43 -29.50 38.12
CA ASP F 37 4.85 -30.79 38.49
C ASP F 37 3.33 -30.73 38.47
N SER F 38 2.70 -31.60 37.67
CA SER F 38 1.22 -31.68 37.55
C SER F 38 0.57 -31.86 38.90
N ASP F 39 1.17 -32.70 39.74
CA ASP F 39 0.62 -32.94 41.09
C ASP F 39 0.83 -31.92 42.21
N ALA F 40 1.53 -30.84 41.88
CA ALA F 40 1.78 -29.81 42.77
C ALA F 40 0.68 -28.82 42.65
N ALA F 41 0.37 -28.16 43.78
CA ALA F 41 -0.60 -27.06 43.87
C ALA F 41 -0.58 -25.94 42.80
N SER F 42 0.57 -25.38 42.45
CA SER F 42 0.50 -24.14 41.66
C SER F 42 0.04 -24.26 40.25
N GLN F 43 0.38 -25.38 39.58
CA GLN F 43 0.07 -25.53 38.12
C GLN F 43 0.68 -24.35 37.36
N ARG F 44 1.97 -24.19 37.63
CA ARG F 44 2.69 -23.00 37.20
C ARG F 44 4.03 -23.57 37.00
N MET F 45 4.66 -23.07 35.95
CA MET F 45 6.06 -23.40 35.65
C MET F 45 6.79 -22.59 36.67
N GLU F 46 7.61 -23.22 37.48
CA GLU F 46 8.21 -22.58 38.66
C GLU F 46 9.72 -22.31 38.52
N PRO F 47 10.19 -21.09 38.85
CA PRO F 47 11.64 -20.90 38.88
C PRO F 47 12.35 -21.79 39.88
N ARG F 48 13.58 -22.16 39.57
CA ARG F 48 14.39 -22.97 40.47
C ARG F 48 15.80 -22.45 40.47
N ALA F 49 15.91 -21.14 40.22
CA ALA F 49 17.19 -20.49 40.29
C ALA F 49 16.89 -19.02 40.48
N PRO F 50 17.77 -18.31 41.20
CA PRO F 50 17.60 -16.89 41.38
C PRO F 50 17.65 -16.04 40.10
N TRP F 51 18.34 -16.50 39.05
CA TRP F 51 18.54 -15.65 37.86
C TRP F 51 17.42 -15.55 36.88
N ILE F 52 16.48 -16.51 36.94
CA ILE F 52 15.27 -16.58 36.06
C ILE F 52 14.08 -15.92 36.67
N GLU F 53 14.09 -15.76 37.98
CA GLU F 53 12.98 -15.07 38.63
C GLU F 53 12.82 -13.59 38.15
N GLN F 54 13.88 -12.95 37.65
CA GLN F 54 13.78 -11.63 37.00
C GLN F 54 12.69 -11.64 35.93
N GLU F 55 12.55 -12.73 35.19
CA GLU F 55 11.64 -12.80 34.05
C GLU F 55 10.22 -12.30 34.30
N GLY F 56 9.72 -11.55 33.32
CA GLY F 56 8.39 -10.92 33.40
C GLY F 56 7.18 -11.86 33.28
N PRO F 57 5.98 -11.30 33.42
CA PRO F 57 4.75 -12.02 33.26
C PRO F 57 4.64 -12.69 31.88
N GLU F 58 4.93 -11.97 30.77
CA GLU F 58 4.94 -12.55 29.40
C GLU F 58 5.63 -13.90 29.49
N TYR F 59 6.80 -13.97 30.08
CA TYR F 59 7.54 -15.24 30.21
C TYR F 59 6.81 -16.32 31.01
N TRP F 60 6.38 -16.01 32.24
CA TRP F 60 5.88 -17.05 33.14
C TRP F 60 4.51 -17.58 32.75
N ASP F 61 3.68 -16.76 32.11
CA ASP F 61 2.42 -17.25 31.63
C ASP F 61 2.84 -18.17 30.51
N GLY F 62 3.54 -17.63 29.50
CA GLY F 62 3.88 -18.40 28.28
C GLY F 62 4.63 -19.70 28.46
N GLU F 63 5.39 -19.81 29.53
CA GLU F 63 6.03 -21.09 29.81
C GLU F 63 5.00 -22.02 30.40
N THR F 64 4.12 -21.54 31.29
CA THR F 64 3.10 -22.38 31.91
C THR F 64 2.15 -22.91 30.89
N ARG F 65 1.76 -22.09 29.94
CA ARG F 65 1.09 -22.60 28.75
C ARG F 65 1.87 -23.68 28.01
N LYS F 66 3.03 -23.37 27.48
CA LYS F 66 3.73 -24.36 26.72
C LYS F 66 3.68 -25.71 27.43
N VAL F 67 4.05 -25.71 28.71
CA VAL F 67 4.18 -26.93 29.50
C VAL F 67 2.82 -27.63 29.66
N LYS F 68 1.76 -26.88 29.94
CA LYS F 68 0.50 -27.52 30.17
C LYS F 68 0.15 -28.19 28.93
N ALA F 69 0.08 -27.44 27.85
CA ALA F 69 -0.27 -28.02 26.56
C ALA F 69 0.57 -29.23 26.19
N HIS F 70 1.82 -29.20 26.56
CA HIS F 70 2.70 -30.34 26.42
C HIS F 70 2.16 -31.56 27.23
N SER F 71 1.68 -31.38 28.46
CA SER F 71 1.21 -32.50 29.30
C SER F 71 0.01 -33.18 28.65
N GLN F 72 -0.86 -32.36 28.06
CA GLN F 72 -2.01 -32.82 27.34
C GLN F 72 -1.59 -33.60 26.06
N THR F 73 -0.62 -33.11 25.29
CA THR F 73 -0.09 -33.91 24.20
C THR F 73 0.41 -35.29 24.73
N HIS F 74 1.15 -35.34 25.82
CA HIS F 74 1.56 -36.62 26.42
C HIS F 74 0.43 -37.49 26.89
N ARG F 75 -0.53 -36.87 27.57
CA ARG F 75 -1.83 -37.53 27.86
C ARG F 75 -2.40 -38.26 26.66
N VAL F 76 -2.66 -37.54 25.57
CA VAL F 76 -3.03 -38.18 24.28
C VAL F 76 -2.03 -39.25 23.84
N ASP F 77 -0.74 -38.93 23.88
CA ASP F 77 0.27 -39.83 23.36
C ASP F 77 0.26 -41.18 24.11
N LEU F 78 0.23 -41.15 25.45
CA LEU F 78 -0.04 -42.36 26.28
C LEU F 78 -1.18 -43.23 25.80
N GLY F 79 -2.31 -42.60 25.52
CA GLY F 79 -3.43 -43.28 24.84
C GLY F 79 -3.13 -43.90 23.46
N THR F 80 -2.66 -43.06 22.51
CA THR F 80 -2.22 -43.53 21.21
C THR F 80 -1.33 -44.75 21.30
N LEU F 81 -0.32 -44.74 22.17
CA LEU F 81 0.68 -45.83 22.22
C LEU F 81 0.16 -47.11 22.90
N ARG F 82 -0.67 -46.97 23.91
CA ARG F 82 -1.46 -48.11 24.42
C ARG F 82 -2.14 -48.80 23.24
N GLY F 83 -2.71 -47.98 22.37
CA GLY F 83 -3.22 -48.40 21.14
C GLY F 83 -2.19 -49.13 20.34
N TYR F 84 -1.22 -48.40 19.78
CA TYR F 84 -0.32 -48.93 18.74
C TYR F 84 0.29 -50.27 19.20
N TYR F 85 0.67 -50.34 20.48
CA TYR F 85 1.19 -51.57 21.11
C TYR F 85 0.18 -52.62 21.69
N ASN F 86 -1.08 -52.23 21.76
CA ASN F 86 -2.16 -53.06 22.23
C ASN F 86 -1.98 -53.50 23.63
N GLN F 87 -1.80 -52.55 24.50
CA GLN F 87 -1.58 -52.88 25.92
C GLN F 87 -2.87 -52.81 26.71
N SER F 88 -2.85 -53.53 27.83
CA SER F 88 -3.91 -53.47 28.78
C SER F 88 -3.99 -52.09 29.38
N GLU F 89 -5.19 -51.80 29.88
CA GLU F 89 -5.57 -50.52 30.42
C GLU F 89 -5.43 -50.42 31.91
N ALA F 90 -4.97 -51.44 32.61
CA ALA F 90 -4.61 -51.27 34.02
C ALA F 90 -3.14 -51.03 34.21
N GLY F 91 -2.40 -51.00 33.09
CA GLY F 91 -0.93 -50.94 33.10
C GLY F 91 -0.55 -49.51 33.15
N SER F 92 0.50 -49.22 33.92
CA SER F 92 1.04 -47.88 34.01
C SER F 92 2.12 -47.82 32.99
N HIS F 93 2.14 -46.79 32.15
CA HIS F 93 3.16 -46.70 31.12
C HIS F 93 3.70 -45.30 31.10
N THR F 94 4.89 -45.18 30.53
CA THR F 94 5.64 -43.96 30.57
C THR F 94 6.00 -43.36 29.22
N VAL F 95 5.69 -42.09 28.98
CA VAL F 95 6.31 -41.37 27.89
C VAL F 95 7.38 -40.45 28.45
N GLN F 96 8.57 -40.37 27.80
CA GLN F 96 9.66 -39.39 28.12
C GLN F 96 10.17 -38.66 26.88
N ARG F 97 10.54 -37.40 27.02
CA ARG F 97 11.04 -36.58 25.90
C ARG F 97 12.12 -35.66 26.39
N MET F 98 13.20 -35.56 25.64
CA MET F 98 14.18 -34.57 25.97
C MET F 98 14.71 -33.93 24.73
N TYR F 99 14.65 -32.62 24.73
CA TYR F 99 15.25 -31.86 23.69
C TYR F 99 16.10 -30.75 24.28
N GLY F 100 16.91 -30.11 23.41
CA GLY F 100 17.85 -29.06 23.79
C GLY F 100 18.95 -28.78 22.81
N CYS F 101 19.80 -27.82 23.13
CA CYS F 101 20.81 -27.36 22.16
C CYS F 101 22.11 -27.03 22.86
N ASP F 102 23.24 -27.40 22.27
CA ASP F 102 24.54 -27.11 22.84
C ASP F 102 25.21 -25.93 22.09
N VAL F 103 26.22 -25.32 22.74
CA VAL F 103 27.04 -24.22 22.16
C VAL F 103 28.50 -24.35 22.62
N GLY F 104 29.45 -23.84 21.81
CA GLY F 104 30.88 -23.84 22.14
C GLY F 104 31.31 -22.67 23.00
N SER F 105 32.58 -22.61 23.33
CA SER F 105 33.12 -21.48 24.10
C SER F 105 32.89 -20.08 23.47
N ASP F 106 32.70 -20.05 22.14
CA ASP F 106 32.28 -18.87 21.40
C ASP F 106 30.77 -18.54 21.53
N TRP F 107 30.01 -19.38 22.26
CA TRP F 107 28.51 -19.35 22.39
C TRP F 107 27.77 -19.54 21.06
N ARG F 108 28.44 -19.94 19.98
CA ARG F 108 27.72 -20.25 18.74
C ARG F 108 26.95 -21.53 18.90
N PHE F 109 25.98 -21.75 18.04
CA PHE F 109 25.37 -23.06 17.90
C PHE F 109 26.37 -24.18 17.51
N LEU F 110 26.29 -25.31 18.23
CA LEU F 110 27.19 -26.46 18.13
C LEU F 110 26.47 -27.76 17.76
N ARG F 111 25.39 -28.09 18.45
CA ARG F 111 24.53 -29.23 18.05
C ARG F 111 23.13 -29.04 18.54
N GLY F 112 22.24 -29.97 18.19
CA GLY F 112 20.84 -29.95 18.71
C GLY F 112 20.16 -31.31 18.78
N TYR F 113 19.21 -31.47 19.65
CA TYR F 113 18.64 -32.80 19.82
C TYR F 113 17.25 -32.83 20.34
N HIS F 114 16.59 -33.96 20.07
CA HIS F 114 15.20 -34.19 20.49
C HIS F 114 14.98 -35.70 20.44
N GLN F 115 14.70 -36.35 21.56
CA GLN F 115 14.55 -37.81 21.60
C GLN F 115 13.35 -38.13 22.45
N TYR F 116 12.70 -39.24 22.13
CA TYR F 116 11.37 -39.54 22.68
C TYR F 116 11.30 -41.05 22.93
N ALA F 117 10.67 -41.44 24.01
CA ALA F 117 10.69 -42.81 24.40
C ALA F 117 9.37 -43.18 25.03
N TYR F 118 8.83 -44.35 24.64
CA TYR F 118 7.70 -45.04 25.29
C TYR F 118 8.27 -46.17 26.14
N ASP F 119 7.76 -46.32 27.35
CA ASP F 119 8.30 -47.26 28.35
C ASP F 119 9.81 -47.41 28.40
N GLY F 120 10.51 -46.30 28.55
CA GLY F 120 11.95 -46.33 28.93
C GLY F 120 12.89 -47.00 27.94
N LYS F 121 12.51 -47.02 26.67
CA LYS F 121 13.24 -47.62 25.63
C LYS F 121 13.17 -46.54 24.52
N ASP F 122 14.17 -46.51 23.63
CA ASP F 122 14.13 -45.64 22.47
C ASP F 122 12.89 -45.92 21.58
N TYR F 123 12.07 -44.90 21.40
CA TYR F 123 11.03 -44.82 20.38
C TYR F 123 11.72 -43.76 19.52
N ILE F 124 11.01 -43.07 18.65
CA ILE F 124 11.61 -41.99 17.85
C ILE F 124 12.54 -40.81 18.38
N ALA F 125 13.50 -40.46 17.55
CA ALA F 125 14.46 -39.32 17.83
C ALA F 125 14.89 -38.61 16.57
N LEU F 126 15.24 -37.35 16.73
CA LEU F 126 15.62 -36.54 15.63
C LEU F 126 17.06 -36.77 15.44
N LYS F 127 17.43 -37.01 14.20
CA LYS F 127 18.84 -37.23 13.77
C LYS F 127 19.65 -35.97 13.90
N GLU F 128 20.95 -36.13 14.00
CA GLU F 128 21.87 -35.01 14.24
C GLU F 128 21.74 -33.92 13.16
N ASP F 129 21.51 -34.32 11.92
CA ASP F 129 21.30 -33.36 10.85
C ASP F 129 20.06 -32.47 11.00
N LEU F 130 19.20 -32.73 11.98
CA LEU F 130 17.90 -32.03 12.22
C LEU F 130 16.91 -31.96 11.05
N ARG F 131 17.18 -32.70 10.00
CA ARG F 131 16.33 -32.71 8.84
C ARG F 131 15.41 -33.98 8.86
N SER F 132 15.89 -35.09 9.44
CA SER F 132 15.15 -36.36 9.45
C SER F 132 15.02 -37.11 10.80
N TRP F 133 14.18 -38.16 10.79
CA TRP F 133 13.87 -38.96 12.02
C TRP F 133 14.43 -40.39 12.00
N THR F 134 14.71 -40.91 13.19
CA THR F 134 15.12 -42.32 13.38
C THR F 134 14.15 -43.02 14.35
N ALA F 135 13.47 -44.06 13.84
CA ALA F 135 12.29 -44.61 14.45
C ALA F 135 12.50 -46.07 14.83
N ALA F 136 12.15 -46.38 16.09
CA ALA F 136 12.54 -47.67 16.63
C ALA F 136 11.89 -48.88 16.02
N ASP F 137 10.65 -48.73 15.55
CA ASP F 137 9.81 -49.87 15.16
C ASP F 137 8.64 -49.49 14.27
N MET F 138 7.79 -50.45 13.97
CA MET F 138 6.67 -50.14 13.15
C MET F 138 5.75 -49.11 13.71
N ALA F 139 5.55 -49.06 15.01
CA ALA F 139 4.66 -47.99 15.55
C ALA F 139 5.39 -46.67 15.43
N ALA F 140 6.62 -46.56 15.94
CA ALA F 140 7.36 -45.36 15.68
C ALA F 140 7.25 -45.00 14.18
N GLN F 141 7.35 -45.98 13.27
CA GLN F 141 7.18 -45.70 11.85
C GLN F 141 5.89 -44.93 11.53
N THR F 142 4.84 -45.11 12.30
CA THR F 142 3.58 -44.38 12.07
C THR F 142 3.66 -42.96 12.60
N THR F 143 4.32 -42.79 13.74
CA THR F 143 4.52 -41.48 14.33
C THR F 143 5.35 -40.65 13.38
N LYS F 144 6.42 -41.27 12.84
CA LYS F 144 7.30 -40.59 11.91
C LYS F 144 6.57 -40.13 10.64
N HIS F 145 5.77 -41.01 10.05
CA HIS F 145 4.98 -40.60 8.91
C HIS F 145 4.16 -39.37 9.24
N LYS F 146 3.45 -39.39 10.34
CA LYS F 146 2.73 -38.19 10.81
C LYS F 146 3.59 -36.92 10.97
N TRP F 147 4.74 -37.09 11.59
CA TRP F 147 5.68 -36.00 11.80
C TRP F 147 6.33 -35.48 10.49
N GLU F 148 6.72 -36.39 9.61
CA GLU F 148 7.16 -35.96 8.30
C GLU F 148 6.15 -35.04 7.65
N ALA F 149 4.87 -35.39 7.75
CA ALA F 149 3.79 -34.74 7.02
C ALA F 149 3.34 -33.41 7.60
N ALA F 150 3.50 -33.20 8.90
CA ALA F 150 3.27 -31.88 9.49
C ALA F 150 4.53 -30.99 9.49
N HIS F 151 5.62 -31.53 8.95
CA HIS F 151 6.88 -30.88 8.96
C HIS F 151 7.26 -30.51 10.39
N VAL F 152 7.20 -31.49 11.28
CA VAL F 152 7.64 -31.25 12.64
C VAL F 152 9.16 -30.94 12.77
N ALA F 153 10.03 -31.66 12.06
CA ALA F 153 11.45 -31.34 12.13
C ALA F 153 11.72 -29.94 11.64
N GLU F 154 11.08 -29.45 10.57
CA GLU F 154 11.29 -28.07 10.16
C GLU F 154 11.09 -27.09 11.37
N GLN F 155 9.99 -27.20 12.11
CA GLN F 155 9.73 -26.35 13.29
C GLN F 155 10.81 -26.54 14.34
N LEU F 156 10.96 -27.76 14.82
CA LEU F 156 12.05 -28.07 15.72
C LEU F 156 13.38 -27.47 15.33
N ARG F 157 13.78 -27.61 14.06
CA ARG F 157 15.08 -27.11 13.63
C ARG F 157 15.14 -25.63 13.97
N ALA F 158 14.10 -24.89 13.59
CA ALA F 158 13.98 -23.46 13.89
C ALA F 158 14.08 -23.12 15.38
N TYR F 159 13.38 -23.85 16.27
CA TYR F 159 13.61 -23.77 17.71
C TYR F 159 15.07 -24.04 18.03
N LEU F 160 15.53 -25.26 17.74
CA LEU F 160 16.84 -25.72 18.23
C LEU F 160 18.01 -24.85 17.79
N GLU F 161 18.07 -24.51 16.49
CA GLU F 161 19.13 -23.63 15.96
C GLU F 161 18.90 -22.21 16.39
N GLY F 162 17.71 -21.66 16.19
CA GLY F 162 17.47 -20.23 16.47
C GLY F 162 17.17 -19.89 17.91
N THR F 163 15.91 -20.07 18.28
CA THR F 163 15.34 -19.70 19.60
C THR F 163 16.02 -20.27 20.84
N CYS F 164 16.24 -21.58 20.86
CA CYS F 164 16.86 -22.27 22.01
C CYS F 164 18.19 -21.58 22.36
N VAL F 165 19.10 -21.55 21.40
CA VAL F 165 20.36 -20.79 21.45
C VAL F 165 20.28 -19.29 21.90
N GLU F 166 19.35 -18.50 21.34
CA GLU F 166 19.12 -17.12 21.84
C GLU F 166 18.80 -17.11 23.35
N TRP F 167 17.78 -17.88 23.75
CA TRP F 167 17.42 -18.00 25.17
C TRP F 167 18.57 -18.51 26.04
N LEU F 168 19.28 -19.52 25.53
CA LEU F 168 20.45 -20.05 26.25
C LEU F 168 21.44 -18.95 26.51
N ARG F 169 21.76 -18.19 25.46
CA ARG F 169 22.68 -17.02 25.58
C ARG F 169 22.17 -16.04 26.62
N ARG F 170 20.86 -15.84 26.66
CA ARG F 170 20.29 -14.89 27.61
C ARG F 170 20.63 -15.37 29.02
N TYR F 171 20.41 -16.65 29.27
CA TYR F 171 20.49 -17.21 30.63
C TYR F 171 21.91 -17.11 31.14
N LEU F 172 22.85 -17.40 30.25
CA LEU F 172 24.24 -17.39 30.60
C LEU F 172 24.63 -15.97 31.03
N GLU F 173 24.17 -14.90 30.35
CA GLU F 173 24.37 -13.51 30.84
C GLU F 173 23.62 -13.16 32.15
N ASN F 174 22.28 -13.22 32.09
CA ASN F 174 21.45 -12.79 33.19
C ASN F 174 21.82 -13.47 34.53
N GLY F 175 22.25 -14.72 34.44
CA GLY F 175 22.70 -15.46 35.60
C GLY F 175 24.14 -15.82 35.58
N LYS F 176 24.99 -14.90 35.14
CA LYS F 176 26.42 -15.25 34.92
C LYS F 176 27.10 -15.59 36.23
N GLU F 177 26.72 -14.89 37.30
CA GLU F 177 27.32 -15.08 38.65
C GLU F 177 27.37 -16.57 39.06
N THR F 178 26.31 -17.32 38.68
CA THR F 178 26.11 -18.73 39.11
C THR F 178 26.50 -19.74 38.03
N LEU F 179 26.04 -19.52 36.80
CA LEU F 179 26.30 -20.44 35.65
C LEU F 179 27.70 -20.43 35.08
N GLN F 180 28.40 -19.31 35.17
CA GLN F 180 29.73 -19.15 34.57
C GLN F 180 30.80 -19.19 35.64
N ARG F 181 30.54 -19.79 36.79
CA ARG F 181 31.64 -20.02 37.70
C ARG F 181 32.37 -21.29 37.27
N THR F 182 33.51 -21.47 37.91
CA THR F 182 34.19 -22.72 38.02
C THR F 182 34.53 -22.82 39.52
N ASP F 183 34.29 -23.99 40.12
CA ASP F 183 34.89 -24.31 41.40
C ASP F 183 35.80 -25.48 41.09
N ALA F 184 37.08 -25.32 41.37
CA ALA F 184 38.04 -26.43 41.27
C ALA F 184 37.65 -27.53 42.23
N PRO F 185 37.95 -28.79 41.89
CA PRO F 185 37.66 -29.84 42.81
C PRO F 185 38.50 -29.78 44.04
N LYS F 186 38.07 -30.47 45.08
CA LYS F 186 38.76 -30.60 46.34
C LYS F 186 39.16 -32.04 46.54
N THR F 187 40.25 -32.40 45.89
CA THR F 187 40.69 -33.77 45.79
C THR F 187 41.25 -34.22 47.09
N HIS F 188 41.12 -35.51 47.32
CA HIS F 188 41.71 -36.16 48.47
C HIS F 188 41.53 -37.68 48.34
N MET F 189 42.50 -38.42 48.88
CA MET F 189 42.53 -39.87 48.74
C MET F 189 42.43 -40.54 50.07
N THR F 190 41.51 -41.50 50.18
CA THR F 190 41.30 -42.22 51.42
C THR F 190 42.19 -43.43 51.40
N HIS F 191 42.66 -43.83 52.59
CA HIS F 191 43.35 -45.11 52.80
C HIS F 191 42.64 -45.93 53.90
N HIS F 192 41.65 -46.73 53.50
CA HIS F 192 41.04 -47.76 54.33
C HIS F 192 41.76 -49.07 53.95
N ALA F 193 41.55 -50.14 54.73
CA ALA F 193 42.10 -51.48 54.40
C ALA F 193 41.01 -52.53 54.07
N VAL F 194 41.09 -53.11 52.86
CA VAL F 194 40.28 -54.28 52.49
C VAL F 194 40.76 -55.44 53.35
N SER F 195 42.08 -55.54 53.58
CA SER F 195 42.62 -56.58 54.46
C SER F 195 44.04 -56.33 54.96
N ASP F 196 44.58 -57.35 55.65
CA ASP F 196 46.03 -57.56 55.82
C ASP F 196 46.79 -57.30 54.51
N HIS F 197 46.43 -58.05 53.47
CA HIS F 197 47.17 -58.14 52.20
C HIS F 197 46.54 -57.27 51.06
N GLU F 198 45.89 -56.16 51.41
CA GLU F 198 45.24 -55.28 50.42
C GLU F 198 44.95 -53.95 51.15
N ALA F 199 44.46 -52.90 50.44
CA ALA F 199 44.29 -51.54 51.04
C ALA F 199 43.40 -50.55 50.26
N THR F 200 42.13 -50.39 50.64
CA THR F 200 41.14 -49.65 49.84
C THR F 200 41.69 -48.22 49.63
N LEU F 201 42.07 -47.91 48.39
CA LEU F 201 42.55 -46.56 47.98
C LEU F 201 41.50 -45.87 47.10
N ARG F 202 40.87 -44.80 47.60
CA ARG F 202 39.76 -44.15 46.88
C ARG F 202 40.17 -42.76 46.55
N CYS F 203 40.01 -42.36 45.30
CA CYS F 203 40.35 -41.00 44.85
C CYS F 203 39.14 -40.07 44.74
N TRP F 204 38.97 -39.15 45.69
CA TRP F 204 37.81 -38.28 45.66
C TRP F 204 38.04 -37.06 44.77
N ALA F 205 36.99 -36.29 44.57
CA ALA F 205 37.02 -34.96 43.94
C ALA F 205 35.70 -34.26 44.36
N LEU F 206 35.73 -33.26 45.23
CA LEU F 206 34.51 -32.69 45.85
C LEU F 206 34.22 -31.25 45.47
N SER F 207 33.02 -30.74 45.78
CA SER F 207 32.72 -29.32 45.66
C SER F 207 32.96 -28.69 44.28
N PHE F 208 32.96 -29.45 43.19
CA PHE F 208 33.24 -28.88 41.84
C PHE F 208 32.05 -28.46 40.97
N TYR F 209 32.14 -27.30 40.35
CA TYR F 209 31.24 -26.90 39.24
C TYR F 209 32.13 -26.41 38.04
N PRO F 210 31.81 -26.77 36.78
CA PRO F 210 30.73 -27.68 36.40
C PRO F 210 31.08 -29.19 36.49
N ALA F 211 30.12 -30.01 36.08
CA ALA F 211 30.12 -31.43 36.34
C ALA F 211 31.06 -32.23 35.46
N GLU F 212 31.40 -31.67 34.29
CA GLU F 212 32.39 -32.29 33.43
C GLU F 212 33.70 -32.33 34.21
N ILE F 213 34.12 -33.56 34.56
CA ILE F 213 35.41 -33.86 35.24
C ILE F 213 35.96 -35.22 34.73
N THR F 214 37.23 -35.42 35.00
CA THR F 214 37.95 -36.59 34.53
C THR F 214 38.91 -37.07 35.60
N LEU F 215 38.61 -38.24 36.15
CA LEU F 215 39.49 -38.91 37.05
C LEU F 215 40.03 -40.14 36.35
N THR F 216 41.31 -40.42 36.50
CA THR F 216 41.88 -41.60 35.86
C THR F 216 42.96 -42.15 36.81
N TRP F 217 43.17 -43.47 36.79
CA TRP F 217 44.25 -44.09 37.56
C TRP F 217 45.29 -44.58 36.64
N GLN F 218 46.48 -44.79 37.19
CA GLN F 218 47.66 -45.24 36.45
C GLN F 218 48.52 -46.08 37.36
N ARG F 219 48.98 -47.23 36.84
CA ARG F 219 49.91 -48.13 37.55
C ARG F 219 51.22 -47.89 36.85
N ASP F 220 52.14 -47.22 37.53
CA ASP F 220 53.46 -46.95 36.97
C ASP F 220 53.27 -46.50 35.54
N GLY F 221 52.59 -45.38 35.40
CA GLY F 221 52.34 -44.79 34.11
C GLY F 221 51.24 -45.48 33.29
N GLU F 222 50.98 -46.75 33.56
CA GLU F 222 49.94 -47.53 32.82
C GLU F 222 48.49 -47.12 33.09
N ASP F 223 47.84 -46.64 32.03
CA ASP F 223 46.45 -46.18 32.09
C ASP F 223 45.59 -47.37 32.52
N GLN F 224 44.46 -47.10 33.15
CA GLN F 224 43.57 -48.16 33.64
C GLN F 224 42.05 -48.06 33.53
N THR F 225 41.48 -49.26 33.60
CA THR F 225 40.05 -49.53 33.75
C THR F 225 39.74 -50.72 34.79
N GLN F 226 40.72 -51.58 35.15
CA GLN F 226 40.69 -52.40 36.42
C GLN F 226 41.00 -51.60 37.68
N ASP F 227 40.35 -51.97 38.78
CA ASP F 227 40.35 -51.26 40.06
C ASP F 227 40.19 -49.75 39.75
N THR F 228 39.17 -49.44 38.92
CA THR F 228 38.76 -48.06 38.56
C THR F 228 37.24 -48.05 38.78
N GLU F 229 36.86 -47.62 39.98
CA GLU F 229 35.46 -47.52 40.33
C GLU F 229 34.88 -46.13 40.02
N LEU F 230 34.42 -45.93 38.79
CA LEU F 230 33.91 -44.62 38.33
C LEU F 230 32.39 -44.43 38.60
N VAL F 231 32.05 -43.90 39.79
CA VAL F 231 30.65 -43.62 40.18
C VAL F 231 30.08 -42.49 39.28
N GLU F 232 28.76 -42.44 39.05
CA GLU F 232 28.21 -41.41 38.13
C GLU F 232 28.51 -40.12 38.84
N THR F 233 28.84 -39.04 38.12
CA THR F 233 28.97 -37.74 38.79
C THR F 233 27.61 -37.49 39.52
N ARG F 234 27.72 -37.05 40.78
CA ARG F 234 26.56 -36.82 41.63
C ARG F 234 26.47 -35.38 42.26
N PRO F 235 25.26 -34.95 42.62
CA PRO F 235 25.13 -33.67 43.23
C PRO F 235 25.33 -33.69 44.76
N ALA F 236 25.94 -32.62 45.26
CA ALA F 236 26.16 -32.47 46.69
C ALA F 236 24.86 -32.01 47.35
N GLY F 237 24.08 -31.22 46.63
CA GLY F 237 22.98 -30.47 47.21
C GLY F 237 23.23 -28.96 47.12
N ASP F 238 24.51 -28.52 47.22
CA ASP F 238 24.83 -27.08 47.29
C ASP F 238 25.11 -26.46 45.95
N GLY F 239 24.63 -27.07 44.86
CA GLY F 239 24.86 -26.55 43.48
C GLY F 239 26.10 -27.09 42.80
N THR F 240 26.99 -27.72 43.57
CA THR F 240 28.27 -28.27 43.13
C THR F 240 28.14 -29.78 43.06
N PHE F 241 29.17 -30.46 42.57
CA PHE F 241 29.10 -31.90 42.27
C PHE F 241 30.23 -32.69 42.92
N GLN F 242 29.97 -33.96 43.23
CA GLN F 242 30.98 -34.88 43.74
C GLN F 242 31.19 -36.03 42.81
N LYS F 243 32.41 -36.52 42.75
CA LYS F 243 32.72 -37.76 42.04
C LYS F 243 33.90 -38.43 42.70
N TRP F 244 34.08 -39.72 42.43
CA TRP F 244 35.29 -40.42 42.85
C TRP F 244 35.50 -41.72 42.05
N ALA F 245 36.79 -42.06 41.89
CA ALA F 245 37.25 -43.38 41.41
C ALA F 245 38.24 -44.03 42.40
N ALA F 246 38.12 -45.32 42.55
CA ALA F 246 38.80 -46.00 43.62
C ALA F 246 39.47 -47.20 43.04
N VAL F 247 40.58 -47.55 43.71
CA VAL F 247 41.46 -48.67 43.36
C VAL F 247 41.66 -49.43 44.70
N VAL F 248 41.69 -50.77 44.67
CA VAL F 248 42.04 -51.57 45.83
C VAL F 248 43.11 -52.53 45.38
N VAL F 249 44.27 -52.52 46.04
CA VAL F 249 45.54 -53.02 45.45
C VAL F 249 46.56 -53.66 46.45
N PRO F 250 47.39 -54.65 45.99
CA PRO F 250 48.26 -55.42 46.93
C PRO F 250 49.08 -54.53 47.90
N SER F 251 48.85 -54.67 49.22
CA SER F 251 49.27 -53.64 50.23
C SER F 251 50.78 -53.37 50.20
N GLY F 252 51.14 -52.08 50.34
CA GLY F 252 52.51 -51.66 50.09
C GLY F 252 52.82 -51.50 48.60
N GLN F 253 51.79 -51.47 47.74
CA GLN F 253 51.92 -51.04 46.33
C GLN F 253 51.08 -49.77 46.08
N GLU F 254 50.65 -49.11 47.16
CA GLU F 254 49.94 -47.82 47.07
C GLU F 254 50.69 -46.90 46.13
N GLN F 255 51.96 -46.67 46.46
CA GLN F 255 52.76 -45.60 45.86
C GLN F 255 52.95 -45.76 44.34
N ARG F 256 52.81 -46.98 43.81
CA ARG F 256 52.79 -47.24 42.35
C ARG F 256 51.49 -46.94 41.58
N TYR F 257 50.43 -46.65 42.31
CA TYR F 257 49.18 -46.23 41.74
C TYR F 257 48.93 -44.72 42.04
N THR F 258 48.54 -44.00 40.97
CA THR F 258 48.34 -42.54 40.97
C THR F 258 47.04 -42.08 40.27
N CYS F 259 46.30 -41.21 40.96
CA CYS F 259 45.05 -40.63 40.51
C CYS F 259 45.31 -39.32 39.76
N HIS F 260 44.55 -39.08 38.69
CA HIS F 260 44.77 -37.97 37.78
C HIS F 260 43.49 -37.20 37.58
N VAL F 261 43.42 -36.01 38.15
CA VAL F 261 42.19 -35.24 38.22
C VAL F 261 42.27 -34.05 37.28
N GLN F 262 41.31 -33.94 36.37
CA GLN F 262 41.33 -32.94 35.33
C GLN F 262 39.99 -32.23 35.28
N HIS F 263 40.01 -30.94 35.57
CA HIS F 263 38.79 -30.15 35.57
C HIS F 263 39.01 -28.82 34.84
N GLU F 264 37.95 -28.18 34.41
CA GLU F 264 38.01 -26.87 33.78
C GLU F 264 38.64 -25.78 34.61
N GLY F 265 38.34 -25.77 35.90
CA GLY F 265 38.90 -24.80 36.86
C GLY F 265 40.12 -25.28 37.60
N LEU F 266 40.76 -26.31 37.07
CA LEU F 266 42.13 -26.62 37.42
C LEU F 266 43.15 -25.87 36.50
N PRO F 267 44.19 -25.23 37.10
CA PRO F 267 45.22 -24.72 36.25
C PRO F 267 45.80 -25.86 35.38
N LYS F 268 46.56 -26.78 35.97
CA LYS F 268 47.04 -27.97 35.25
C LYS F 268 46.40 -29.16 35.91
N PRO F 269 46.45 -30.34 35.26
CA PRO F 269 45.90 -31.51 35.93
C PRO F 269 46.63 -31.78 37.25
N LEU F 270 45.83 -31.94 38.29
CA LEU F 270 46.31 -32.27 39.60
C LEU F 270 46.56 -33.79 39.57
N THR F 271 47.59 -34.26 40.25
CA THR F 271 47.89 -35.70 40.29
C THR F 271 48.23 -36.17 41.72
N LEU F 272 47.49 -37.16 42.21
CA LEU F 272 47.65 -37.63 43.60
C LEU F 272 48.07 -39.10 43.66
N ARG F 273 48.85 -39.40 44.69
CA ARG F 273 49.31 -40.75 44.97
C ARG F 273 49.27 -40.82 46.50
N TRP F 274 49.06 -42.01 47.07
CA TRP F 274 49.13 -42.10 48.53
C TRP F 274 50.52 -41.58 49.02
N GLU F 275 50.54 -40.65 49.99
CA GLU F 275 51.84 -40.24 50.68
C GLU F 275 51.96 -40.33 52.23
N PRO F 276 51.27 -39.44 53.01
CA PRO F 276 51.62 -39.28 54.44
C PRO F 276 51.99 -40.60 55.19
N MET G 1 7.77 -53.92 29.35
CA MET G 1 8.70 -53.21 30.31
C MET G 1 10.12 -53.75 30.25
N ILE G 2 11.07 -52.87 29.94
CA ILE G 2 12.41 -53.00 30.48
C ILE G 2 12.31 -52.43 31.93
N GLN G 3 12.80 -53.20 32.87
CA GLN G 3 12.91 -52.77 34.23
C GLN G 3 14.36 -52.73 34.50
N ARG G 4 14.72 -51.84 35.38
CA ARG G 4 16.12 -51.54 35.61
C ARG G 4 16.25 -51.09 37.04
N THR G 5 17.16 -51.73 37.74
CA THR G 5 17.13 -51.67 39.17
C THR G 5 17.96 -50.48 39.69
N PRO G 6 17.44 -49.76 40.70
CA PRO G 6 18.04 -48.51 41.09
C PRO G 6 19.45 -48.66 41.61
N LYS G 7 20.42 -47.85 41.13
CA LYS G 7 21.71 -47.71 41.83
C LYS G 7 21.42 -46.81 42.97
N ILE G 8 21.99 -47.08 44.13
CA ILE G 8 21.80 -46.23 45.34
C ILE G 8 23.14 -45.78 45.90
N GLN G 9 23.34 -44.45 46.00
CA GLN G 9 24.55 -43.89 46.59
C GLN G 9 24.15 -43.04 47.79
N VAL G 10 24.88 -43.16 48.91
CA VAL G 10 24.50 -42.43 50.16
C VAL G 10 25.66 -41.70 50.77
N TYR G 11 25.49 -40.39 50.88
CA TYR G 11 26.64 -39.51 51.18
C TYR G 11 26.23 -38.14 51.74
N SER G 12 27.15 -37.51 52.46
CA SER G 12 26.99 -36.10 52.94
C SER G 12 27.39 -35.05 51.94
N ARG G 13 26.80 -33.87 52.06
CA ARG G 13 27.11 -32.75 51.19
C ARG G 13 28.52 -32.29 51.43
N HIS G 14 28.93 -32.38 52.70
CA HIS G 14 30.17 -31.84 53.19
C HIS G 14 30.93 -32.91 53.93
N PRO G 15 32.26 -32.86 53.86
CA PRO G 15 33.11 -33.61 54.80
C PRO G 15 32.56 -33.71 56.24
N ALA G 16 32.20 -34.94 56.65
CA ALA G 16 31.52 -35.17 57.92
C ALA G 16 32.41 -35.04 59.13
N GLU G 17 32.28 -33.94 59.86
CA GLU G 17 32.75 -33.85 61.26
C GLU G 17 31.54 -34.16 62.14
N ASN G 18 31.82 -34.65 63.35
CA ASN G 18 30.78 -34.95 64.33
C ASN G 18 30.31 -33.76 65.12
N GLY G 19 29.14 -33.90 65.72
CA GLY G 19 28.44 -32.78 66.35
C GLY G 19 28.12 -31.60 65.42
N LYS G 20 28.30 -31.78 64.13
CA LYS G 20 28.42 -30.68 63.23
C LYS G 20 27.41 -30.80 62.07
N SER G 21 26.66 -29.73 61.84
CA SER G 21 25.51 -29.75 60.95
C SER G 21 25.87 -30.08 59.49
N ASN G 22 25.01 -30.81 58.79
CA ASN G 22 25.34 -31.34 57.46
C ASN G 22 24.08 -31.69 56.74
N PHE G 23 24.20 -32.05 55.48
CA PHE G 23 23.14 -32.78 54.72
C PHE G 23 23.49 -34.23 54.29
N LEU G 24 22.58 -35.14 54.57
CA LEU G 24 22.67 -36.54 54.13
C LEU G 24 21.92 -36.60 52.82
N ASN G 25 22.49 -37.25 51.82
CA ASN G 25 21.87 -37.33 50.52
C ASN G 25 21.73 -38.78 50.20
N CYS G 26 20.61 -39.10 49.55
CA CYS G 26 20.50 -40.37 48.83
C CYS G 26 20.16 -40.13 47.38
N TYR G 27 21.12 -40.49 46.53
CA TYR G 27 21.03 -40.41 45.05
C TYR G 27 20.72 -41.81 44.44
N VAL G 28 19.50 -41.90 43.88
CA VAL G 28 18.99 -43.09 43.22
C VAL G 28 18.91 -42.84 41.73
N SER G 29 19.45 -43.75 40.95
CA SER G 29 19.71 -43.52 39.54
C SER G 29 19.70 -44.84 38.77
N GLY G 30 19.51 -44.75 37.46
CA GLY G 30 19.48 -45.90 36.62
C GLY G 30 18.21 -46.72 36.75
N PHE G 31 17.18 -46.20 37.38
CA PHE G 31 16.05 -47.04 37.65
C PHE G 31 14.99 -46.82 36.61
N HIS G 32 14.14 -47.86 36.47
CA HIS G 32 12.91 -47.81 35.70
C HIS G 32 11.98 -48.99 36.09
N PRO G 33 10.72 -48.72 36.43
CA PRO G 33 10.06 -47.43 36.20
C PRO G 33 10.15 -46.39 37.33
N SER G 34 9.63 -45.20 37.01
CA SER G 34 9.57 -43.99 37.82
C SER G 34 9.09 -44.19 39.22
N ASP G 35 8.24 -45.17 39.45
CA ASP G 35 7.64 -45.37 40.77
C ASP G 35 8.70 -45.90 41.67
N ILE G 36 9.05 -45.17 42.70
CA ILE G 36 10.07 -45.63 43.61
C ILE G 36 9.78 -45.00 44.96
N GLU G 37 9.97 -45.74 46.05
CA GLU G 37 9.88 -45.21 47.43
C GLU G 37 11.31 -45.09 48.05
N VAL G 38 11.66 -43.92 48.58
CA VAL G 38 12.98 -43.70 49.18
C VAL G 38 12.84 -42.97 50.50
N ASP G 39 13.30 -43.64 51.57
CA ASP G 39 13.32 -43.10 52.95
C ASP G 39 14.73 -43.01 53.51
N LEU G 40 15.07 -41.85 54.07
CA LEU G 40 16.34 -41.70 54.79
C LEU G 40 16.04 -42.18 56.18
N LEU G 41 16.97 -42.90 56.78
CA LEU G 41 16.74 -43.59 58.05
C LEU G 41 17.77 -43.16 59.11
N LYS G 42 17.37 -43.26 60.39
CA LYS G 42 18.26 -42.97 61.51
C LYS G 42 18.09 -44.02 62.59
N ASN G 43 18.97 -45.01 62.57
CA ASN G 43 18.94 -46.16 63.47
C ASN G 43 17.76 -47.11 63.19
N GLY G 44 17.37 -47.17 61.91
CA GLY G 44 16.26 -48.00 61.49
C GLY G 44 14.97 -47.19 61.50
N GLU G 45 14.77 -46.34 62.52
CA GLU G 45 13.73 -45.28 62.49
C GLU G 45 13.85 -44.34 61.27
N ARG G 46 12.77 -43.66 60.91
CA ARG G 46 12.58 -43.10 59.59
C ARG G 46 12.60 -41.58 59.67
N ILE G 47 13.51 -40.90 58.98
CA ILE G 47 13.74 -39.48 59.27
C ILE G 47 12.60 -38.66 58.67
N GLU G 48 12.29 -37.54 59.33
CA GLU G 48 11.05 -36.78 59.11
C GLU G 48 10.92 -35.79 57.94
N LYS G 49 11.94 -34.97 57.69
CA LYS G 49 11.76 -33.83 56.76
C LYS G 49 12.50 -33.94 55.40
N VAL G 50 12.79 -35.16 54.95
CA VAL G 50 13.45 -35.39 53.68
C VAL G 50 12.79 -34.71 52.50
N GLU G 51 13.52 -33.88 51.78
CA GLU G 51 13.09 -33.31 50.51
C GLU G 51 13.66 -34.08 49.36
N HIS G 52 13.27 -33.68 48.15
CA HIS G 52 13.63 -34.44 46.98
C HIS G 52 13.62 -33.65 45.64
N SER G 53 14.60 -33.97 44.78
CA SER G 53 14.77 -33.37 43.48
C SER G 53 13.58 -33.65 42.56
N ASP G 54 13.51 -32.91 41.46
CA ASP G 54 12.50 -33.18 40.47
C ASP G 54 13.03 -34.28 39.64
N LEU G 55 12.13 -35.17 39.29
CA LEU G 55 12.52 -36.30 38.52
C LEU G 55 13.03 -35.83 37.16
N SER G 56 14.11 -36.51 36.74
CA SER G 56 14.82 -36.28 35.51
C SER G 56 15.37 -37.62 35.07
N PHE G 57 15.91 -37.65 33.86
CA PHE G 57 16.46 -38.92 33.31
C PHE G 57 17.76 -38.72 32.56
N SER G 58 18.50 -39.80 32.40
CA SER G 58 19.81 -39.77 31.79
C SER G 58 19.68 -40.10 30.31
N LYS G 59 20.73 -39.99 29.48
CA LYS G 59 20.52 -40.10 28.00
C LYS G 59 20.17 -41.51 27.53
N ASP G 60 20.43 -42.54 28.34
CA ASP G 60 19.79 -43.85 28.17
C ASP G 60 18.55 -43.43 28.86
N TRP G 61 17.42 -44.12 28.87
CA TRP G 61 16.24 -43.42 29.46
C TRP G 61 16.01 -43.54 30.95
N SER G 62 17.02 -43.94 31.71
CA SER G 62 16.82 -44.33 33.11
C SER G 62 16.60 -43.10 34.00
N PHE G 63 16.00 -43.27 35.16
CA PHE G 63 15.59 -42.11 35.99
C PHE G 63 16.49 -41.79 37.19
N TYR G 64 16.66 -40.51 37.52
CA TYR G 64 17.34 -40.24 38.74
C TYR G 64 16.61 -39.35 39.73
N LEU G 65 16.91 -39.51 41.02
CA LEU G 65 16.39 -38.64 42.09
C LEU G 65 17.41 -38.40 43.17
N LEU G 66 17.38 -37.18 43.74
CA LEU G 66 18.08 -36.88 44.97
C LEU G 66 17.13 -36.65 46.07
N TYR G 67 17.26 -37.46 47.13
CA TYR G 67 16.51 -37.25 48.38
C TYR G 67 17.55 -36.83 49.40
N TYR G 68 17.18 -35.83 50.20
CA TYR G 68 18.11 -35.25 51.12
C TYR G 68 17.50 -34.65 52.35
N THR G 69 18.17 -34.79 53.48
CA THR G 69 17.75 -34.14 54.71
C THR G 69 18.98 -33.69 55.46
N GLU G 70 18.79 -32.69 56.30
CA GLU G 70 19.86 -32.16 57.08
C GLU G 70 19.92 -33.03 58.29
N PHE G 71 21.13 -33.38 58.69
CA PHE G 71 21.37 -34.25 59.86
C PHE G 71 22.54 -33.68 60.65
N THR G 72 22.86 -34.30 61.77
CA THR G 72 24.16 -34.06 62.41
C THR G 72 24.79 -35.42 62.60
N PRO G 73 25.91 -35.70 61.92
CA PRO G 73 26.58 -36.96 62.16
C PRO G 73 27.14 -37.08 63.54
N THR G 74 27.14 -38.29 64.05
CA THR G 74 27.77 -38.55 65.33
C THR G 74 28.52 -39.85 65.29
N GLU G 75 29.36 -40.05 66.29
CA GLU G 75 30.11 -41.26 66.34
C GLU G 75 29.25 -42.48 66.09
N LYS G 76 28.18 -42.64 66.87
CA LYS G 76 27.50 -43.93 66.91
C LYS G 76 26.14 -44.05 66.23
N ASP G 77 25.49 -42.95 65.87
CA ASP G 77 24.22 -43.05 65.14
C ASP G 77 24.48 -43.59 63.75
N GLU G 78 23.72 -44.62 63.38
CA GLU G 78 23.77 -45.19 62.07
C GLU G 78 22.75 -44.45 61.23
N TYR G 79 23.12 -44.05 60.02
CA TYR G 79 22.16 -43.53 59.05
C TYR G 79 22.20 -44.41 57.86
N ALA G 80 21.13 -44.43 57.09
CA ALA G 80 21.05 -45.24 55.88
C ALA G 80 20.02 -44.68 54.94
N CYS G 81 19.98 -45.26 53.75
CA CYS G 81 18.94 -44.99 52.77
C CYS G 81 18.19 -46.28 52.37
N ARG G 82 16.88 -46.38 52.70
CA ARG G 82 16.04 -47.54 52.34
C ARG G 82 15.27 -47.21 51.09
N VAL G 83 15.36 -48.06 50.08
CA VAL G 83 14.72 -47.86 48.73
C VAL G 83 13.86 -49.06 48.40
N ASN G 84 12.66 -48.82 47.88
CA ASN G 84 11.72 -49.86 47.44
C ASN G 84 11.31 -49.57 45.99
N HIS G 85 11.21 -50.62 45.19
CA HIS G 85 11.06 -50.50 43.75
C HIS G 85 10.62 -51.88 43.16
N VAL G 86 9.86 -51.85 42.07
CA VAL G 86 9.31 -53.09 41.47
C VAL G 86 10.35 -54.15 41.24
N THR G 87 11.54 -53.76 40.84
CA THR G 87 12.62 -54.70 40.64
C THR G 87 13.00 -55.34 41.96
N LEU G 88 12.99 -54.57 43.04
CA LEU G 88 13.42 -55.10 44.35
C LEU G 88 12.42 -56.02 45.06
N SER G 89 12.89 -57.10 45.70
CA SER G 89 11.96 -58.03 46.35
C SER G 89 11.58 -57.53 47.74
N GLN G 90 12.52 -56.89 48.41
CA GLN G 90 12.28 -56.25 49.67
C GLN G 90 12.72 -54.82 49.51
N PRO G 91 12.26 -53.91 50.37
CA PRO G 91 12.92 -52.62 50.37
C PRO G 91 14.36 -52.86 50.80
N LYS G 92 15.32 -52.33 50.00
CA LYS G 92 16.81 -52.44 50.22
C LYS G 92 17.35 -51.23 51.00
N ILE G 93 18.18 -51.51 51.99
CA ILE G 93 18.71 -50.47 52.86
C ILE G 93 20.18 -50.38 52.55
N VAL G 94 20.69 -49.19 52.21
CA VAL G 94 22.12 -48.97 51.96
C VAL G 94 22.69 -48.06 53.03
N LYS G 95 23.68 -48.53 53.75
CA LYS G 95 24.08 -47.80 54.95
C LYS G 95 24.96 -46.63 54.55
N TRP G 96 24.87 -45.53 55.30
CA TRP G 96 25.82 -44.45 55.15
C TRP G 96 27.17 -44.87 55.68
N ASP G 97 28.22 -44.37 55.04
CA ASP G 97 29.60 -44.75 55.34
C ASP G 97 30.48 -43.59 54.95
N ARG G 98 31.07 -42.93 55.91
CA ARG G 98 31.53 -41.60 55.57
C ARG G 98 32.83 -41.68 54.78
N ASP G 99 33.42 -42.89 54.62
CA ASP G 99 34.50 -43.22 53.63
C ASP G 99 33.99 -43.59 52.20
N MET G 100 32.88 -42.95 51.80
CA MET G 100 31.96 -43.41 50.72
C MET G 100 30.78 -42.40 50.27
N ALA H 1 13.60 -21.05 27.97
CA ALA H 1 12.33 -20.98 27.15
C ALA H 1 12.18 -22.18 26.23
N GLN H 2 11.01 -22.78 26.34
CA GLN H 2 10.83 -24.13 25.92
C GLN H 2 10.21 -23.98 24.53
N TRP H 3 10.37 -25.03 23.70
CA TRP H 3 9.66 -25.25 22.44
C TRP H 3 8.22 -25.12 22.64
N GLY H 4 7.55 -24.53 21.66
CA GLY H 4 6.16 -24.31 21.73
C GLY H 4 5.52 -23.98 20.40
N PRO H 5 4.17 -23.95 20.38
CA PRO H 5 3.35 -23.83 21.61
C PRO H 5 2.99 -25.14 22.29
N ASP H 6 3.35 -26.23 21.64
CA ASP H 6 2.66 -27.47 21.71
C ASP H 6 3.39 -28.45 20.80
N PRO H 7 3.88 -29.55 21.36
CA PRO H 7 4.49 -30.59 20.46
C PRO H 7 3.45 -31.43 19.70
N ALA H 8 3.90 -32.09 18.62
CA ALA H 8 3.08 -33.05 17.83
C ALA H 8 2.98 -34.46 18.49
N ALA H 9 1.99 -35.18 18.02
CA ALA H 9 1.19 -35.99 18.88
C ALA H 9 1.30 -37.52 18.73
N ALA H 10 2.46 -37.99 18.32
CA ALA H 10 2.73 -39.42 18.25
C ALA H 10 1.90 -40.23 17.17
N LYS I 1 0.43 -6.91 21.80
CA LYS I 1 -0.50 -7.75 20.99
C LYS I 1 -1.49 -6.89 20.18
N GLU I 2 -0.94 -5.93 19.41
CA GLU I 2 -1.72 -4.86 18.78
C GLU I 2 -1.08 -4.50 17.44
N VAL I 3 -1.90 -4.34 16.43
CA VAL I 3 -1.43 -4.31 15.06
C VAL I 3 -2.23 -3.29 14.29
N GLU I 4 -1.57 -2.33 13.68
CA GLU I 4 -2.28 -1.27 12.97
C GLU I 4 -2.68 -1.77 11.61
N GLN I 5 -3.86 -1.33 11.16
CA GLN I 5 -4.41 -1.73 9.85
C GLN I 5 -5.46 -0.75 9.28
N ASP I 6 -5.16 -0.07 8.16
CA ASP I 6 -6.09 0.91 7.55
C ASP I 6 -7.41 0.22 7.20
N PRO I 7 -8.53 0.59 7.85
CA PRO I 7 -9.74 -0.19 7.66
C PRO I 7 -10.47 0.02 6.30
N GLY I 8 -9.96 0.86 5.40
CA GLY I 8 -10.64 1.12 4.13
C GLY I 8 -11.88 1.99 4.35
N PRO I 9 -12.96 1.78 3.58
CA PRO I 9 -13.05 0.83 2.46
C PRO I 9 -12.08 1.10 1.28
N LEU I 10 -11.36 0.08 0.85
CA LEU I 10 -10.62 0.30 -0.36
C LEU I 10 -11.36 -0.30 -1.58
N SER I 11 -11.52 0.57 -2.56
CA SER I 11 -12.41 0.39 -3.69
C SER I 11 -11.48 0.44 -4.91
N VAL I 12 -11.43 -0.67 -5.63
CA VAL I 12 -10.53 -0.85 -6.77
C VAL I 12 -11.31 -1.48 -7.91
N PRO I 13 -10.89 -1.30 -9.17
CA PRO I 13 -11.69 -1.87 -10.23
C PRO I 13 -11.41 -3.33 -10.46
N GLU I 14 -12.38 -4.03 -11.04
CA GLU I 14 -12.22 -5.40 -11.47
C GLU I 14 -11.09 -5.39 -12.45
N GLY I 15 -10.08 -6.22 -12.18
CA GLY I 15 -8.87 -6.24 -12.97
C GLY I 15 -7.66 -5.76 -12.22
N ALA I 16 -7.88 -5.00 -11.15
CA ALA I 16 -6.73 -4.33 -10.45
C ALA I 16 -5.75 -5.25 -9.70
N ILE I 17 -4.83 -4.64 -8.96
CA ILE I 17 -4.01 -5.31 -8.00
C ILE I 17 -4.20 -4.48 -6.77
N VAL I 18 -4.39 -5.17 -5.65
CA VAL I 18 -4.66 -4.49 -4.40
C VAL I 18 -3.53 -4.79 -3.46
N SER I 19 -2.97 -3.77 -2.82
CA SER I 19 -2.09 -4.02 -1.68
C SER I 19 -2.87 -3.86 -0.37
N LEU I 20 -2.88 -4.93 0.41
CA LEU I 20 -3.34 -4.85 1.78
C LEU I 20 -2.16 -5.02 2.69
N ASN I 21 -2.18 -4.31 3.82
CA ASN I 21 -1.11 -4.49 4.81
C ASN I 21 -1.45 -4.11 6.24
N CYS I 22 -0.80 -4.81 7.17
CA CYS I 22 -0.67 -4.41 8.59
C CYS I 22 0.81 -4.20 8.91
N THR I 23 1.04 -3.27 9.84
CA THR I 23 2.30 -3.18 10.56
C THR I 23 1.94 -3.58 11.99
N TYR I 24 2.90 -4.12 12.73
CA TYR I 24 2.71 -4.60 14.13
C TYR I 24 3.83 -4.21 15.10
N SER I 25 3.55 -4.21 16.40
CA SER I 25 4.54 -3.70 17.35
C SER I 25 5.37 -4.72 18.13
N ASN I 26 4.85 -5.90 18.37
CA ASN I 26 5.63 -6.89 19.10
C ASN I 26 6.36 -7.93 18.19
N SER I 27 7.65 -8.09 18.40
CA SER I 27 8.53 -8.92 17.53
C SER I 27 8.75 -10.31 18.07
N ALA I 28 8.04 -10.66 19.15
CA ALA I 28 7.97 -12.02 19.56
C ALA I 28 7.14 -12.82 18.56
N PHE I 29 6.38 -12.12 17.69
CA PHE I 29 5.55 -12.73 16.62
C PHE I 29 6.36 -13.45 15.55
N GLN I 30 5.78 -14.50 14.97
CA GLN I 30 6.60 -15.40 14.15
C GLN I 30 5.93 -16.00 12.93
N TYR I 31 4.61 -16.17 13.02
CA TYR I 31 3.83 -16.70 11.93
C TYR I 31 2.82 -15.65 11.51
N PHE I 32 2.61 -15.51 10.20
CA PHE I 32 1.86 -14.41 9.69
C PHE I 32 0.98 -14.96 8.63
N MET I 33 -0.28 -14.57 8.64
CA MET I 33 -1.22 -15.07 7.70
C MET I 33 -2.29 -14.08 7.44
N TRP I 34 -3.13 -14.41 6.48
CA TRP I 34 -4.25 -13.59 6.11
C TRP I 34 -5.51 -14.41 6.05
N TYR I 35 -6.54 -13.92 6.73
CA TYR I 35 -7.86 -14.52 6.78
C TYR I 35 -8.69 -13.56 6.00
N ARG I 36 -9.71 -14.08 5.33
CA ARG I 36 -10.64 -13.24 4.59
C ARG I 36 -11.99 -13.53 5.21
N GLN I 37 -12.77 -12.48 5.46
CA GLN I 37 -14.08 -12.58 6.06
C GLN I 37 -15.13 -11.99 5.13
N TYR I 38 -16.06 -12.81 4.65
CA TYR I 38 -17.21 -12.27 3.90
C TYR I 38 -18.35 -11.86 4.88
N SER I 39 -19.10 -10.80 4.55
CA SER I 39 -20.17 -10.22 5.41
C SER I 39 -21.21 -11.26 5.81
N ARG I 40 -21.39 -11.49 7.11
CA ARG I 40 -22.24 -12.58 7.73
C ARG I 40 -21.62 -14.03 7.88
N LYS I 41 -20.49 -14.32 7.23
CA LYS I 41 -19.71 -15.58 7.39
C LYS I 41 -18.63 -15.52 8.46
N GLY I 42 -18.07 -16.69 8.76
CA GLY I 42 -16.82 -16.76 9.53
C GLY I 42 -15.63 -16.36 8.67
N PRO I 43 -14.51 -16.00 9.29
CA PRO I 43 -13.28 -15.88 8.53
C PRO I 43 -12.63 -17.20 8.18
N GLU I 44 -12.15 -17.30 6.95
CA GLU I 44 -11.46 -18.50 6.47
C GLU I 44 -10.04 -18.06 6.11
N LEU I 45 -9.09 -18.97 6.29
CA LEU I 45 -7.71 -18.68 5.97
C LEU I 45 -7.59 -18.54 4.47
N LEU I 46 -6.84 -17.51 4.06
CA LEU I 46 -6.59 -17.23 2.65
C LEU I 46 -5.21 -17.76 2.26
N MET I 47 -4.21 -17.31 3.00
CA MET I 47 -2.81 -17.58 2.74
C MET I 47 -2.07 -17.39 4.03
N TYR I 48 -1.02 -18.14 4.22
CA TYR I 48 -0.12 -18.00 5.36
C TYR I 48 1.30 -17.92 4.86
N THR I 49 2.18 -17.37 5.67
CA THR I 49 3.60 -17.38 5.36
C THR I 49 4.50 -17.42 6.61
N TYR I 50 5.21 -18.53 6.78
CA TYR I 50 6.16 -18.59 7.89
C TYR I 50 7.47 -17.80 7.69
N SER I 51 7.64 -16.77 8.55
CA SER I 51 8.95 -16.25 8.99
C SER I 51 9.91 -15.86 7.88
N SER I 52 9.79 -14.60 7.45
CA SER I 52 10.29 -14.05 6.15
C SER I 52 10.32 -15.04 4.91
N GLY I 53 9.19 -15.71 4.69
CA GLY I 53 8.88 -16.34 3.44
C GLY I 53 8.00 -15.35 2.70
N ASN I 54 7.88 -15.55 1.38
CA ASN I 54 6.75 -15.05 0.59
C ASN I 54 6.12 -16.23 -0.08
N LYS I 55 4.93 -16.62 0.36
CA LYS I 55 4.20 -17.68 -0.32
C LYS I 55 3.37 -17.06 -1.45
N GLU I 56 3.28 -17.81 -2.56
CA GLU I 56 2.38 -17.52 -3.70
C GLU I 56 1.37 -18.72 -3.89
N ASP I 57 0.11 -18.41 -4.25
CA ASP I 57 -0.97 -19.39 -4.55
C ASP I 57 -1.65 -18.57 -5.65
N GLY I 58 -1.59 -19.01 -6.90
CA GLY I 58 -2.25 -18.28 -7.99
C GLY I 58 -2.19 -16.75 -7.84
N ARG I 59 -3.33 -16.14 -7.55
CA ARG I 59 -3.46 -14.70 -7.64
C ARG I 59 -3.02 -14.00 -6.40
N PHE I 60 -2.80 -14.76 -5.34
CA PHE I 60 -2.48 -14.20 -4.02
C PHE I 60 -1.04 -14.46 -3.68
N THR I 61 -0.35 -13.39 -3.28
CA THR I 61 1.04 -13.45 -2.76
C THR I 61 0.98 -12.85 -1.40
N ALA I 62 1.72 -13.40 -0.46
CA ALA I 62 1.74 -12.82 0.87
C ALA I 62 3.14 -12.81 1.39
N GLN I 63 3.43 -11.71 2.11
CA GLN I 63 4.78 -11.31 2.54
C GLN I 63 4.86 -10.95 3.99
N VAL I 64 6.02 -11.22 4.56
CA VAL I 64 6.37 -10.57 5.79
C VAL I 64 7.84 -10.09 5.68
N ASP I 65 8.07 -8.82 6.01
CA ASP I 65 9.40 -8.28 6.27
C ASP I 65 9.45 -8.03 7.78
N LYS I 66 10.32 -8.75 8.47
CA LYS I 66 10.31 -8.65 9.92
C LYS I 66 11.12 -7.45 10.55
N SER I 67 12.08 -6.84 9.83
CA SER I 67 12.84 -5.68 10.37
C SER I 67 11.93 -4.50 10.43
N SER I 68 11.27 -4.24 9.31
CA SER I 68 10.27 -3.17 9.23
C SER I 68 9.06 -3.51 10.11
N LYS I 69 8.77 -4.80 10.32
CA LYS I 69 7.57 -5.29 11.04
C LYS I 69 6.33 -4.93 10.22
N TYR I 70 6.30 -5.50 9.02
CA TYR I 70 5.36 -5.12 7.96
C TYR I 70 4.85 -6.37 7.23
N ILE I 71 3.53 -6.58 7.24
CA ILE I 71 2.89 -7.78 6.67
C ILE I 71 2.10 -7.29 5.47
N SER I 72 2.15 -8.04 4.38
CA SER I 72 1.36 -7.66 3.20
C SER I 72 0.80 -8.81 2.38
N LEU I 73 -0.33 -8.51 1.73
CA LEU I 73 -1.00 -9.37 0.82
C LEU I 73 -1.19 -8.63 -0.51
N PHE I 74 -0.99 -9.36 -1.61
CA PHE I 74 -1.07 -8.83 -2.97
C PHE I 74 -2.05 -9.69 -3.75
N ILE I 75 -3.15 -9.08 -4.20
CA ILE I 75 -4.14 -9.74 -5.03
C ILE I 75 -3.91 -9.19 -6.42
N ARG I 76 -3.52 -10.05 -7.36
CA ARG I 76 -3.55 -9.70 -8.78
C ARG I 76 -4.90 -10.16 -9.38
N ASP I 77 -5.21 -9.66 -10.57
CA ASP I 77 -6.45 -9.97 -11.32
C ASP I 77 -7.74 -9.82 -10.51
N SER I 78 -7.84 -8.81 -9.66
CA SER I 78 -9.02 -8.58 -8.80
C SER I 78 -10.32 -9.11 -9.36
N GLN I 79 -10.96 -10.02 -8.62
CA GLN I 79 -12.33 -10.52 -9.00
C GLN I 79 -13.27 -9.84 -8.03
N PRO I 80 -14.55 -9.60 -8.43
CA PRO I 80 -15.52 -9.04 -7.49
C PRO I 80 -15.82 -9.93 -6.30
N SER I 81 -15.84 -11.25 -6.50
CA SER I 81 -15.92 -12.23 -5.41
C SER I 81 -14.89 -11.99 -4.31
N ASP I 82 -13.79 -11.30 -4.64
CA ASP I 82 -12.80 -10.84 -3.64
C ASP I 82 -13.26 -9.73 -2.71
N SER I 83 -14.41 -9.12 -2.99
CA SER I 83 -15.01 -8.17 -2.05
C SER I 83 -15.17 -8.92 -0.75
N ALA I 84 -14.66 -8.31 0.32
CA ALA I 84 -14.57 -8.96 1.61
C ALA I 84 -13.67 -8.17 2.55
N THR I 85 -13.89 -8.25 3.84
CA THR I 85 -12.91 -7.77 4.79
C THR I 85 -11.76 -8.73 4.74
N TYR I 86 -10.55 -8.23 4.90
CA TYR I 86 -9.31 -9.00 4.89
C TYR I 86 -8.63 -8.71 6.23
N LEU I 87 -8.36 -9.75 6.99
CA LEU I 87 -7.76 -9.60 8.32
C LEU I 87 -6.41 -10.33 8.43
N CYS I 88 -5.34 -9.58 8.72
CA CYS I 88 -4.03 -10.19 9.01
C CYS I 88 -3.97 -10.66 10.48
N ALA I 89 -3.83 -11.97 10.62
CA ALA I 89 -3.54 -12.56 11.88
C ALA I 89 -2.04 -12.84 11.95
N MET I 90 -1.63 -13.29 13.12
CA MET I 90 -0.26 -13.65 13.42
C MET I 90 -0.18 -14.07 14.87
N ARG I 91 0.79 -14.90 15.21
CA ARG I 91 0.95 -15.39 16.59
C ARG I 91 2.44 -15.56 16.97
N GLY I 92 2.67 -16.07 18.18
CA GLY I 92 4.02 -16.44 18.62
C GLY I 92 4.13 -17.85 19.16
N ASP I 93 5.22 -18.15 19.81
CA ASP I 93 5.51 -19.53 20.11
C ASP I 93 4.79 -19.96 21.37
N SER I 94 4.13 -19.06 22.11
CA SER I 94 3.54 -19.46 23.43
C SER I 94 2.11 -20.02 23.42
N SER I 95 1.40 -19.91 22.30
CA SER I 95 -0.03 -20.17 22.26
C SER I 95 -0.56 -20.13 20.81
N TYR I 96 -1.62 -20.88 20.50
CA TYR I 96 -2.15 -20.82 19.13
C TYR I 96 -3.00 -19.59 18.92
N LYS I 97 -3.16 -18.75 19.93
CA LYS I 97 -4.05 -17.60 19.82
C LYS I 97 -3.53 -16.69 18.75
N LEU I 98 -4.36 -16.43 17.75
CA LEU I 98 -4.09 -15.46 16.68
C LEU I 98 -4.36 -14.04 17.10
N ILE I 99 -3.48 -13.12 16.71
CA ILE I 99 -3.68 -11.69 16.92
C ILE I 99 -4.03 -11.05 15.60
N PHE I 100 -5.20 -10.43 15.56
CA PHE I 100 -5.80 -10.02 14.30
C PHE I 100 -5.68 -8.54 14.18
N GLY I 101 -5.49 -8.05 12.97
CA GLY I 101 -5.71 -6.60 12.75
C GLY I 101 -7.22 -6.30 12.71
N SER I 102 -7.67 -5.10 13.11
CA SER I 102 -9.03 -4.57 12.83
C SER I 102 -9.64 -5.10 11.52
N GLY I 103 -8.87 -4.99 10.42
CA GLY I 103 -9.26 -5.53 9.08
C GLY I 103 -9.33 -4.44 8.04
N THR I 104 -9.22 -4.79 6.76
CA THR I 104 -9.44 -3.81 5.66
C THR I 104 -10.55 -4.26 4.75
N ARG I 105 -11.55 -3.42 4.49
CA ARG I 105 -12.67 -3.83 3.65
C ARG I 105 -12.33 -3.59 2.17
N LEU I 106 -12.28 -4.66 1.40
CA LEU I 106 -12.01 -4.54 -0.02
C LEU I 106 -13.33 -4.63 -0.72
N LEU I 107 -13.44 -3.84 -1.79
CA LEU I 107 -14.61 -3.73 -2.63
C LEU I 107 -14.07 -3.63 -4.06
N VAL I 108 -14.51 -4.56 -4.92
CA VAL I 108 -14.08 -4.58 -6.30
C VAL I 108 -15.31 -4.47 -7.17
N ARG I 109 -15.28 -3.47 -8.03
CA ARG I 109 -16.40 -2.93 -8.73
C ARG I 109 -16.34 -3.60 -10.06
N PRO I 110 -17.33 -4.43 -10.39
CA PRO I 110 -17.23 -5.23 -11.62
C PRO I 110 -17.52 -4.41 -12.86
N ASP I 111 -16.74 -4.64 -13.91
CA ASP I 111 -16.89 -3.88 -15.16
C ASP I 111 -18.28 -4.14 -15.76
N ILE I 112 -18.73 -3.21 -16.60
CA ILE I 112 -20.08 -3.19 -17.16
C ILE I 112 -19.95 -2.86 -18.66
N GLN I 113 -20.47 -3.74 -19.53
CA GLN I 113 -20.24 -3.61 -20.98
C GLN I 113 -20.84 -2.30 -21.56
N ASN I 114 -22.09 -1.99 -21.20
CA ASN I 114 -22.82 -0.87 -21.77
C ASN I 114 -23.53 -0.08 -20.67
N PRO I 115 -22.86 0.95 -20.12
CA PRO I 115 -23.52 1.85 -19.17
C PRO I 115 -24.73 2.55 -19.79
N ASP I 116 -25.81 2.74 -19.03
CA ASP I 116 -27.11 3.14 -19.59
C ASP I 116 -27.93 3.95 -18.57
N PRO I 117 -27.29 4.94 -17.92
CA PRO I 117 -27.76 5.48 -16.65
C PRO I 117 -29.13 6.20 -16.67
N ALA I 118 -30.11 5.72 -15.88
CA ALA I 118 -31.45 6.33 -15.81
C ALA I 118 -32.06 6.24 -14.40
N VAL I 119 -33.16 6.94 -14.17
CA VAL I 119 -33.71 7.13 -12.80
C VAL I 119 -35.22 6.83 -12.69
N TYR I 120 -35.57 5.58 -12.35
CA TYR I 120 -36.94 5.10 -12.48
C TYR I 120 -37.82 5.25 -11.20
N GLN I 121 -39.09 5.57 -11.43
CA GLN I 121 -40.12 5.74 -10.40
C GLN I 121 -40.75 4.37 -10.27
N LEU I 122 -40.85 3.85 -9.06
CA LEU I 122 -41.34 2.48 -8.89
C LEU I 122 -42.75 2.40 -8.29
N ARG I 123 -43.65 1.67 -8.97
CA ARG I 123 -45.06 1.66 -8.62
C ARG I 123 -45.19 1.13 -7.20
N ASP I 124 -45.89 1.88 -6.37
CA ASP I 124 -46.08 1.52 -4.95
C ASP I 124 -47.14 0.40 -4.76
N SER I 125 -46.67 -0.82 -4.49
CA SER I 125 -47.53 -2.03 -4.42
C SER I 125 -48.47 -2.05 -3.22
N LYS I 126 -49.49 -2.91 -3.28
CA LYS I 126 -50.53 -3.04 -2.23
C LYS I 126 -51.15 -1.65 -1.85
N SER I 127 -50.72 -1.09 -0.73
CA SER I 127 -51.30 0.07 -0.04
C SER I 127 -50.31 1.22 0.09
N SER I 128 -49.07 0.98 -0.37
CA SER I 128 -47.97 1.94 -0.19
C SER I 128 -48.19 3.22 -1.05
N ASP I 129 -47.80 4.37 -0.49
CA ASP I 129 -48.11 5.69 -1.07
C ASP I 129 -46.87 6.57 -1.28
N LYS I 130 -45.78 6.26 -0.58
CA LYS I 130 -44.53 7.02 -0.63
C LYS I 130 -43.72 6.54 -1.81
N SER I 131 -42.96 7.46 -2.39
CA SER I 131 -42.35 7.21 -3.68
C SER I 131 -41.06 6.42 -3.46
N VAL I 132 -40.64 5.57 -4.41
CA VAL I 132 -39.31 4.99 -4.31
C VAL I 132 -38.57 4.91 -5.66
N CYS I 133 -37.29 5.32 -5.64
CA CYS I 133 -36.50 5.56 -6.85
C CYS I 133 -35.36 4.59 -7.04
N LEU I 134 -35.19 4.12 -8.26
CA LEU I 134 -34.04 3.34 -8.64
C LEU I 134 -33.16 4.16 -9.58
N PHE I 135 -31.97 4.58 -9.12
CA PHE I 135 -30.91 5.06 -10.03
C PHE I 135 -30.05 3.86 -10.39
N THR I 136 -30.07 3.45 -11.65
CA THR I 136 -29.48 2.19 -12.06
C THR I 136 -28.90 2.24 -13.45
N ASP I 137 -28.14 1.19 -13.79
CA ASP I 137 -27.34 1.06 -15.02
C ASP I 137 -26.25 2.14 -15.19
N PHE I 138 -25.68 2.60 -14.08
CA PHE I 138 -24.52 3.49 -14.18
C PHE I 138 -23.23 2.65 -14.09
N ASP I 139 -22.15 3.23 -14.59
CA ASP I 139 -20.87 2.53 -14.67
C ASP I 139 -20.14 2.40 -13.31
N SER I 140 -19.24 1.42 -13.24
CA SER I 140 -18.47 1.11 -12.04
C SER I 140 -17.46 2.18 -11.67
N GLN I 141 -17.41 3.26 -12.43
CA GLN I 141 -16.67 4.45 -12.06
C GLN I 141 -17.52 5.41 -11.18
N THR I 142 -18.85 5.36 -11.31
CA THR I 142 -19.73 6.28 -10.58
C THR I 142 -19.86 5.97 -9.09
N ASN I 143 -19.59 6.98 -8.28
CA ASN I 143 -19.87 6.98 -6.83
C ASN I 143 -21.28 7.48 -6.62
N VAL I 144 -22.06 6.76 -5.83
CA VAL I 144 -23.31 7.29 -5.31
C VAL I 144 -22.97 7.87 -3.97
N SER I 145 -23.39 9.12 -3.77
CA SER I 145 -23.18 9.82 -2.51
C SER I 145 -24.45 9.93 -1.65
N GLN I 146 -24.27 9.85 -0.34
CA GLN I 146 -25.39 9.84 0.64
C GLN I 146 -26.19 11.18 0.60
N SER I 147 -27.17 11.35 1.50
CA SER I 147 -28.12 12.53 1.48
C SER I 147 -27.45 13.94 1.67
N LYS I 148 -28.29 14.97 1.79
CA LYS I 148 -27.86 16.27 2.32
C LYS I 148 -28.59 16.68 3.64
N ASP I 149 -29.86 16.29 3.81
CA ASP I 149 -30.57 16.20 5.13
C ASP I 149 -30.65 14.74 5.64
N SER I 150 -31.62 14.39 6.50
CA SER I 150 -31.92 12.95 6.85
C SER I 150 -33.28 12.38 6.31
N ASP I 151 -34.30 13.22 6.01
CA ASP I 151 -35.61 12.70 5.50
C ASP I 151 -35.53 12.05 4.10
N VAL I 152 -34.54 12.45 3.31
CA VAL I 152 -34.37 11.81 2.05
C VAL I 152 -33.21 10.84 2.29
N TYR I 153 -33.53 9.56 2.07
CA TYR I 153 -32.63 8.45 2.28
C TYR I 153 -32.13 7.97 0.91
N ILE I 154 -30.81 7.85 0.79
CA ILE I 154 -30.18 7.26 -0.40
C ILE I 154 -29.19 6.18 0.07
N THR I 155 -29.33 4.98 -0.50
CA THR I 155 -28.54 3.83 -0.12
C THR I 155 -27.29 3.93 -0.92
N ASP I 156 -26.18 3.61 -0.28
CA ASP I 156 -24.96 3.32 -1.01
C ASP I 156 -25.38 2.18 -1.94
N LYS I 157 -24.86 2.18 -3.17
CA LYS I 157 -25.32 1.22 -4.20
C LYS I 157 -25.16 -0.28 -3.81
N CYS I 158 -25.37 -1.18 -4.76
CA CYS I 158 -24.61 -2.43 -4.80
C CYS I 158 -24.71 -3.02 -6.19
N VAL I 159 -23.96 -4.08 -6.45
CA VAL I 159 -23.92 -4.65 -7.79
C VAL I 159 -24.73 -5.92 -7.90
N LEU I 160 -25.88 -5.79 -8.58
CA LEU I 160 -26.76 -6.92 -8.93
C LEU I 160 -26.14 -7.64 -10.12
N ASP I 161 -26.05 -8.96 -9.99
CA ASP I 161 -25.43 -9.80 -10.98
C ASP I 161 -26.60 -10.56 -11.59
N MET I 162 -27.18 -9.98 -12.64
CA MET I 162 -28.28 -10.65 -13.35
C MET I 162 -27.54 -11.79 -14.03
N ARG I 163 -27.41 -12.91 -13.30
CA ARG I 163 -26.55 -14.02 -13.70
C ARG I 163 -26.97 -14.63 -15.03
N SER I 164 -28.28 -14.81 -15.21
CA SER I 164 -28.83 -15.55 -16.35
C SER I 164 -28.73 -14.85 -17.72
N MET I 165 -28.82 -13.53 -17.76
CA MET I 165 -28.57 -12.76 -19.01
C MET I 165 -27.11 -12.21 -19.09
N ASP I 166 -26.26 -12.51 -18.10
CA ASP I 166 -24.85 -12.03 -17.98
C ASP I 166 -24.73 -10.47 -17.89
N PHE I 167 -25.75 -9.84 -17.30
CA PHE I 167 -25.87 -8.36 -17.22
C PHE I 167 -25.62 -7.87 -15.78
N LYS I 168 -24.41 -7.40 -15.51
CA LYS I 168 -23.99 -7.05 -14.13
C LYS I 168 -24.23 -5.56 -13.82
N SER I 169 -25.34 -5.25 -13.15
CA SER I 169 -25.81 -3.86 -13.04
C SER I 169 -25.65 -3.31 -11.60
N ASN I 170 -25.19 -2.06 -11.53
CA ASN I 170 -25.23 -1.27 -10.31
C ASN I 170 -26.62 -0.67 -10.14
N SER I 171 -26.94 -0.32 -8.90
CA SER I 171 -28.23 0.25 -8.57
C SER I 171 -28.18 0.84 -7.20
N ALA I 172 -28.81 1.99 -7.02
CA ALA I 172 -28.98 2.57 -5.68
C ALA I 172 -30.39 3.07 -5.58
N VAL I 173 -30.87 3.15 -4.35
CA VAL I 173 -32.29 3.38 -4.12
C VAL I 173 -32.48 4.57 -3.20
N ALA I 174 -33.53 5.36 -3.46
CA ALA I 174 -33.80 6.60 -2.72
C ALA I 174 -35.29 6.81 -2.50
N TRP I 175 -35.68 7.15 -1.28
CA TRP I 175 -37.09 7.37 -0.95
C TRP I 175 -37.31 8.47 0.06
N SER I 176 -38.56 8.96 0.12
CA SER I 176 -39.00 10.07 0.97
C SER I 176 -40.51 10.00 1.29
N ASN I 177 -40.91 10.48 2.48
CA ASN I 177 -42.33 10.75 2.86
C ASN I 177 -42.79 12.20 2.68
N LYS I 178 -41.88 13.14 2.45
CA LYS I 178 -42.22 14.57 2.49
C LYS I 178 -42.89 14.99 1.18
N SER I 179 -44.01 15.73 1.32
CA SER I 179 -45.10 15.77 0.27
C SER I 179 -45.23 14.39 -0.49
N ASP I 180 -44.99 14.33 -1.81
CA ASP I 180 -44.38 13.18 -2.48
C ASP I 180 -43.29 13.95 -3.25
N PHE I 181 -42.20 13.31 -3.68
CA PHE I 181 -41.19 14.04 -4.43
C PHE I 181 -40.88 13.32 -5.71
N ALA I 182 -40.26 14.06 -6.64
CA ALA I 182 -39.94 13.57 -8.00
C ALA I 182 -38.54 12.95 -8.13
N CYS I 183 -38.50 11.79 -8.79
CA CYS I 183 -37.29 11.04 -9.16
C CYS I 183 -36.49 11.86 -10.18
N ALA I 184 -35.30 11.35 -10.52
CA ALA I 184 -34.30 12.03 -11.35
C ALA I 184 -33.62 13.12 -10.51
N ASN I 185 -34.36 14.20 -10.24
CA ASN I 185 -33.95 15.26 -9.33
C ASN I 185 -33.46 14.78 -7.92
N ALA I 186 -34.10 13.77 -7.34
CA ALA I 186 -33.73 13.24 -6.01
C ALA I 186 -32.28 12.74 -5.88
N PHE I 187 -31.73 12.23 -6.98
CA PHE I 187 -30.33 11.75 -7.03
C PHE I 187 -29.35 12.86 -7.51
N ASN I 188 -29.61 14.16 -7.22
CA ASN I 188 -28.74 15.28 -7.71
C ASN I 188 -27.39 15.48 -7.01
N ASN I 189 -27.22 14.91 -5.82
CA ASN I 189 -25.95 15.01 -5.11
C ASN I 189 -24.89 14.21 -5.84
N SER I 190 -25.32 13.03 -6.32
CA SER I 190 -24.61 12.26 -7.34
C SER I 190 -24.99 12.75 -8.76
N ILE I 191 -24.10 13.50 -9.41
CA ILE I 191 -24.45 14.27 -10.64
C ILE I 191 -24.43 13.41 -11.96
N ILE I 192 -25.61 12.89 -12.40
CA ILE I 192 -25.76 11.83 -13.50
C ILE I 192 -25.28 12.31 -14.93
N PRO I 193 -25.34 11.45 -16.02
CA PRO I 193 -24.47 11.75 -17.18
C PRO I 193 -24.76 13.07 -17.93
N ASP J 1 -19.04 -32.83 7.11
CA ASP J 1 -19.91 -32.07 6.14
C ASP J 1 -20.14 -30.57 6.51
N ALA J 2 -20.79 -30.28 7.65
CA ALA J 2 -20.88 -28.89 8.13
C ALA J 2 -19.59 -28.74 8.87
N GLY J 3 -19.06 -27.51 8.83
CA GLY J 3 -17.94 -27.11 9.65
C GLY J 3 -18.46 -26.84 11.06
N VAL J 4 -17.83 -25.89 11.71
CA VAL J 4 -18.19 -25.49 13.07
C VAL J 4 -19.63 -25.02 13.07
N ILE J 5 -20.41 -25.53 14.02
CA ILE J 5 -21.80 -25.15 14.14
C ILE J 5 -21.96 -24.35 15.40
N GLN J 6 -22.60 -23.18 15.29
CA GLN J 6 -22.89 -22.41 16.48
C GLN J 6 -24.37 -22.11 16.54
N SER J 7 -24.94 -22.38 17.72
CA SER J 7 -26.26 -21.87 18.10
C SER J 7 -26.05 -20.72 19.10
N PRO J 8 -26.88 -19.67 19.11
CA PRO J 8 -27.82 -19.29 18.03
C PRO J 8 -27.12 -18.59 16.92
N ARG J 9 -27.85 -18.22 15.89
CA ARG J 9 -27.27 -17.46 14.81
C ARG J 9 -27.34 -15.96 15.20
N HIS J 10 -28.47 -15.56 15.80
CA HIS J 10 -28.68 -14.23 16.40
C HIS J 10 -29.29 -14.37 17.79
N GLU J 11 -28.92 -13.49 18.71
CA GLU J 11 -29.47 -13.45 20.05
C GLU J 11 -29.63 -11.99 20.52
N VAL J 12 -30.84 -11.43 20.38
CA VAL J 12 -31.16 -10.13 20.97
C VAL J 12 -31.69 -10.33 22.40
N THR J 13 -30.97 -9.74 23.37
CA THR J 13 -31.27 -9.89 24.81
C THR J 13 -31.16 -8.56 25.57
N GLU J 14 -31.72 -8.51 26.77
CA GLU J 14 -31.60 -7.32 27.59
C GLU J 14 -30.45 -7.57 28.53
N MET J 15 -29.88 -6.49 29.03
CA MET J 15 -28.77 -6.62 29.95
C MET J 15 -29.29 -7.13 31.27
N GLY J 16 -28.39 -7.72 32.05
CA GLY J 16 -28.76 -8.51 33.21
C GLY J 16 -28.84 -9.99 32.88
N GLN J 17 -29.27 -10.34 31.67
CA GLN J 17 -29.65 -11.74 31.36
C GLN J 17 -28.45 -12.60 31.04
N GLN J 18 -28.41 -13.79 31.62
CA GLN J 18 -27.45 -14.86 31.29
C GLN J 18 -27.60 -15.17 29.84
N VAL J 19 -26.56 -14.94 29.05
CA VAL J 19 -26.55 -15.41 27.68
C VAL J 19 -25.72 -16.69 27.75
N THR J 20 -26.06 -17.68 26.94
CA THR J 20 -25.33 -18.96 26.84
C THR J 20 -25.09 -19.18 25.36
N LEU J 21 -23.83 -19.39 24.96
CA LEU J 21 -23.44 -19.59 23.55
C LEU J 21 -22.89 -20.97 23.42
N ARG J 22 -23.26 -21.65 22.33
CA ARG J 22 -22.83 -23.03 22.10
C ARG J 22 -22.04 -23.09 20.83
N CYS J 23 -21.19 -24.12 20.80
CA CYS J 23 -20.40 -24.51 19.65
C CYS J 23 -20.13 -25.97 19.67
N LYS J 24 -20.41 -26.60 18.54
CA LYS J 24 -19.89 -27.93 18.26
C LYS J 24 -18.77 -27.75 17.19
N PRO J 25 -17.57 -28.23 17.50
CA PRO J 25 -16.52 -28.18 16.53
C PRO J 25 -16.60 -29.31 15.47
N ILE J 26 -15.64 -29.30 14.58
CA ILE J 26 -15.58 -30.25 13.51
C ILE J 26 -15.15 -31.54 14.13
N SER J 27 -15.80 -32.65 13.73
CA SER J 27 -15.45 -34.00 14.20
C SER J 27 -14.00 -34.30 13.93
N GLY J 28 -13.27 -34.70 14.97
CA GLY J 28 -11.83 -34.97 14.86
C GLY J 28 -10.89 -33.86 15.33
N HIS J 29 -11.39 -32.63 15.53
CA HIS J 29 -10.55 -31.47 15.91
C HIS J 29 -10.41 -31.40 17.43
N ASP J 30 -9.20 -31.51 17.96
CA ASP J 30 -8.96 -31.40 19.43
C ASP J 30 -8.66 -29.97 19.95
N TYR J 31 -8.66 -28.98 19.06
CA TYR J 31 -8.47 -27.63 19.52
C TYR J 31 -9.77 -26.94 19.22
N LEU J 32 -10.24 -26.10 20.17
CA LEU J 32 -11.45 -25.28 20.03
C LEU J 32 -11.21 -23.88 20.58
N PHE J 33 -11.58 -22.88 19.80
CA PHE J 33 -11.29 -21.46 20.08
C PHE J 33 -12.60 -20.67 20.08
N TRP J 34 -12.78 -19.86 21.13
CA TRP J 34 -13.83 -18.85 21.21
C TRP J 34 -13.16 -17.51 20.92
N TYR J 35 -13.55 -16.90 19.82
CA TYR J 35 -13.10 -15.56 19.47
C TYR J 35 -14.31 -14.66 19.56
N ARG J 36 -14.14 -13.45 20.07
CA ARG J 36 -15.15 -12.43 19.78
C ARG J 36 -14.67 -11.40 18.74
N GLN J 37 -15.61 -10.71 18.12
CA GLN J 37 -15.31 -9.58 17.24
C GLN J 37 -16.22 -8.39 17.53
N THR J 38 -15.67 -7.23 17.89
CA THR J 38 -16.48 -6.02 17.87
C THR J 38 -15.92 -5.11 16.79
N MET J 39 -16.50 -3.93 16.61
CA MET J 39 -15.90 -2.91 15.75
C MET J 39 -14.80 -2.11 16.51
N MET J 40 -14.98 -1.90 17.81
CA MET J 40 -14.06 -1.05 18.59
C MET J 40 -12.71 -1.72 18.82
N ARG J 41 -12.69 -3.02 19.12
CA ARG J 41 -11.50 -3.87 19.04
C ARG J 41 -11.83 -4.83 17.92
N GLY J 42 -10.90 -5.57 17.35
CA GLY J 42 -11.27 -6.30 16.14
C GLY J 42 -11.72 -7.67 16.56
N LEU J 43 -11.29 -8.67 15.81
CA LEU J 43 -11.37 -10.05 16.27
C LEU J 43 -10.42 -10.24 17.43
N GLU J 44 -10.86 -10.83 18.52
CA GLU J 44 -10.02 -11.04 19.70
C GLU J 44 -10.20 -12.45 20.25
N LEU J 45 -9.16 -13.09 20.78
CA LEU J 45 -9.35 -14.36 21.47
C LEU J 45 -9.98 -14.08 22.81
N LEU J 46 -10.86 -14.99 23.22
CA LEU J 46 -11.32 -15.06 24.61
C LEU J 46 -10.56 -16.17 25.34
N ILE J 47 -10.55 -17.34 24.72
CA ILE J 47 -10.04 -18.58 25.31
C ILE J 47 -9.90 -19.63 24.24
N TYR J 48 -9.05 -20.62 24.46
CA TYR J 48 -9.08 -21.84 23.63
C TYR J 48 -8.72 -23.08 24.46
N PHE J 49 -9.35 -24.20 24.05
CA PHE J 49 -9.23 -25.48 24.74
C PHE J 49 -8.48 -26.42 23.85
N ASN J 50 -7.74 -27.32 24.50
CA ASN J 50 -6.92 -28.30 23.86
C ASN J 50 -7.23 -29.61 24.54
N ASN J 51 -7.79 -30.54 23.78
CA ASN J 51 -8.32 -31.80 24.30
C ASN J 51 -9.02 -31.44 25.58
N ASN J 52 -9.92 -30.46 25.44
CA ASN J 52 -10.91 -30.07 26.45
C ASN J 52 -10.47 -29.29 27.70
N VAL J 53 -9.17 -29.00 27.86
CA VAL J 53 -8.73 -28.20 29.01
C VAL J 53 -8.36 -26.83 28.50
N PRO J 54 -8.64 -25.76 29.29
CA PRO J 54 -8.37 -24.41 28.78
C PRO J 54 -6.87 -24.10 28.85
N ILE J 55 -6.31 -23.44 27.81
CA ILE J 55 -4.85 -23.23 27.67
C ILE J 55 -4.49 -21.76 27.70
N ASP J 56 -5.02 -20.98 26.77
CA ASP J 56 -4.90 -19.54 26.77
C ASP J 56 -6.29 -19.01 26.96
N ASP J 57 -6.44 -18.25 28.03
CA ASP J 57 -7.69 -17.63 28.47
C ASP J 57 -7.38 -16.22 28.99
N SER J 58 -6.49 -15.51 28.30
CA SER J 58 -6.00 -14.20 28.75
C SER J 58 -6.97 -13.09 28.34
N GLY J 59 -7.88 -13.37 27.39
CA GLY J 59 -8.83 -12.41 26.91
C GLY J 59 -10.20 -12.55 27.53
N MET J 60 -10.31 -13.33 28.59
CA MET J 60 -11.57 -13.49 29.34
C MET J 60 -11.75 -12.42 30.47
N PRO J 61 -12.84 -11.65 30.44
CA PRO J 61 -13.09 -10.70 31.54
C PRO J 61 -13.46 -11.38 32.87
N GLU J 62 -13.38 -10.60 33.93
CA GLU J 62 -13.26 -11.03 35.34
C GLU J 62 -14.27 -11.97 35.98
N ASP J 63 -15.52 -11.57 35.94
CA ASP J 63 -16.60 -12.21 36.65
C ASP J 63 -17.42 -12.79 35.52
N ARG J 64 -17.99 -11.91 34.71
CA ARG J 64 -19.03 -12.24 33.79
C ARG J 64 -18.90 -13.59 33.11
N PHE J 65 -17.75 -13.79 32.50
CA PHE J 65 -17.58 -14.80 31.44
C PHE J 65 -17.15 -16.08 32.06
N SER J 66 -17.69 -17.16 31.51
CA SER J 66 -17.36 -18.50 31.95
C SER J 66 -17.29 -19.32 30.69
N ALA J 67 -16.46 -20.35 30.65
CA ALA J 67 -16.43 -21.21 29.47
C ALA J 67 -15.98 -22.63 29.77
N LYS J 68 -16.68 -23.61 29.21
CA LYS J 68 -16.23 -25.00 29.31
C LYS J 68 -16.46 -25.83 28.03
N MET J 69 -15.76 -26.98 28.01
CA MET J 69 -15.91 -28.06 27.06
C MET J 69 -16.18 -29.28 27.91
N PRO J 70 -17.48 -29.56 28.20
CA PRO J 70 -17.78 -30.74 29.03
C PRO J 70 -17.37 -32.02 28.33
N ASN J 71 -17.27 -32.01 27.00
CA ASN J 71 -16.68 -33.09 26.22
C ASN J 71 -16.19 -32.58 24.88
N ALA J 72 -15.55 -33.46 24.10
CA ALA J 72 -14.92 -33.14 22.79
C ALA J 72 -15.82 -32.58 21.68
N SER J 73 -17.12 -32.49 21.90
CA SER J 73 -18.09 -32.23 20.82
C SER J 73 -18.94 -30.98 21.02
N PHE J 74 -18.60 -30.17 22.03
CA PHE J 74 -19.49 -29.13 22.49
C PHE J 74 -18.85 -28.24 23.53
N SER J 75 -19.11 -26.95 23.39
CA SER J 75 -18.68 -25.94 24.36
C SER J 75 -19.68 -24.82 24.54
N THR J 76 -19.81 -24.37 25.77
CA THR J 76 -20.55 -23.20 26.10
C THR J 76 -19.60 -22.10 26.44
N LEU J 77 -19.98 -20.90 26.09
CA LEU J 77 -19.37 -19.69 26.60
C LEU J 77 -20.52 -18.93 27.23
N LYS J 78 -20.48 -18.75 28.53
CA LYS J 78 -21.62 -18.17 29.25
C LYS J 78 -21.29 -16.79 29.83
N ILE J 79 -22.13 -15.81 29.54
CA ILE J 79 -22.00 -14.48 30.12
C ILE J 79 -23.11 -14.24 31.12
N GLN J 80 -22.79 -13.85 32.38
CA GLN J 80 -23.80 -13.52 33.42
C GLN J 80 -23.24 -12.47 34.40
N PRO J 81 -23.92 -11.33 34.59
CA PRO J 81 -24.97 -10.86 33.71
C PRO J 81 -24.33 -10.48 32.41
N SER J 82 -25.15 -10.22 31.41
CA SER J 82 -24.69 -9.50 30.23
C SER J 82 -24.60 -8.01 30.53
N GLU J 83 -23.92 -7.29 29.65
CA GLU J 83 -23.85 -5.83 29.66
C GLU J 83 -23.94 -5.43 28.22
N PRO J 84 -24.21 -4.15 27.92
CA PRO J 84 -24.32 -3.79 26.49
C PRO J 84 -23.01 -3.92 25.76
N ARG J 85 -21.89 -3.68 26.43
CA ARG J 85 -20.64 -3.85 25.70
C ARG J 85 -20.20 -5.29 25.52
N ASP J 86 -21.07 -6.27 25.78
CA ASP J 86 -20.81 -7.64 25.31
C ASP J 86 -21.37 -7.84 23.92
N SER J 87 -22.16 -6.89 23.43
CA SER J 87 -22.64 -6.90 22.07
C SER J 87 -21.44 -7.01 21.12
N ALA J 88 -21.45 -8.00 20.24
CA ALA J 88 -20.33 -8.38 19.41
C ALA J 88 -20.77 -9.49 18.50
N VAL J 89 -19.97 -9.88 17.52
CA VAL J 89 -20.13 -11.25 17.02
C VAL J 89 -19.18 -12.13 17.82
N TYR J 90 -19.59 -13.32 18.19
CA TYR J 90 -18.78 -14.28 18.94
C TYR J 90 -18.60 -15.50 18.03
N PHE J 91 -17.44 -15.66 17.40
CA PHE J 91 -17.12 -16.88 16.63
C PHE J 91 -16.52 -18.00 17.47
N CYS J 92 -16.63 -19.18 16.91
CA CYS J 92 -16.10 -20.37 17.49
C CYS J 92 -15.20 -20.91 16.41
N ALA J 93 -14.17 -21.65 16.80
CA ALA J 93 -13.34 -22.27 15.76
C ALA J 93 -12.59 -23.46 16.25
N SER J 94 -12.31 -24.39 15.34
CA SER J 94 -11.61 -25.63 15.67
C SER J 94 -10.48 -25.91 14.67
N SER J 95 -9.45 -26.61 15.16
CA SER J 95 -8.29 -26.98 14.35
C SER J 95 -7.58 -28.25 14.90
N LEU J 96 -6.59 -28.73 14.16
CA LEU J 96 -5.71 -29.83 14.55
C LEU J 96 -4.27 -29.38 14.52
N TRP J 97 -3.41 -30.13 15.19
CA TRP J 97 -1.98 -29.82 15.13
C TRP J 97 -1.40 -29.66 13.70
N GLU J 98 -1.75 -30.54 12.76
CA GLU J 98 -1.22 -30.44 11.37
C GLU J 98 -1.74 -29.22 10.65
N LYS J 99 -2.84 -28.64 11.11
CA LYS J 99 -3.43 -27.44 10.52
C LYS J 99 -3.05 -26.18 11.30
N LEU J 100 -2.83 -26.28 12.60
CA LEU J 100 -2.36 -25.15 13.37
C LEU J 100 -0.92 -24.90 13.02
N ALA J 101 -0.24 -25.95 12.61
CA ALA J 101 1.07 -25.85 11.99
C ALA J 101 1.13 -24.76 10.98
N LYS J 102 0.20 -24.75 10.04
CA LYS J 102 0.13 -23.69 9.04
C LYS J 102 -0.81 -22.53 9.44
N ASN J 103 -1.14 -22.42 10.73
CA ASN J 103 -2.22 -21.56 11.30
C ASN J 103 -3.60 -21.47 10.62
N ILE J 104 -4.04 -22.61 10.07
CA ILE J 104 -5.41 -22.81 9.66
C ILE J 104 -6.29 -23.14 10.90
N GLN J 105 -7.06 -22.16 11.32
CA GLN J 105 -8.23 -22.37 12.18
C GLN J 105 -9.49 -22.24 11.28
N TYR J 106 -10.49 -23.09 11.55
CA TYR J 106 -11.77 -23.18 10.78
C TYR J 106 -12.87 -22.57 11.64
N PHE J 107 -13.62 -21.64 11.08
CA PHE J 107 -14.58 -20.85 11.86
C PHE J 107 -16.07 -21.23 11.60
N GLY J 108 -16.91 -20.92 12.61
CA GLY J 108 -18.38 -20.97 12.45
C GLY J 108 -18.84 -19.71 11.79
N ALA J 109 -20.12 -19.52 11.56
CA ALA J 109 -20.59 -18.20 11.12
C ALA J 109 -21.01 -17.28 12.27
N GLY J 110 -20.88 -17.70 13.52
CA GLY J 110 -20.98 -16.78 14.61
C GLY J 110 -22.38 -16.36 15.05
N THR J 111 -22.47 -16.14 16.36
CA THR J 111 -23.67 -15.71 17.02
C THR J 111 -23.69 -14.18 17.19
N ARG J 112 -24.35 -13.45 16.28
CA ARG J 112 -24.43 -11.99 16.41
C ARG J 112 -25.23 -11.74 17.68
N LEU J 113 -24.55 -11.36 18.74
CA LEU J 113 -25.20 -11.05 20.01
C LEU J 113 -25.35 -9.53 20.17
N SER J 114 -26.58 -9.05 20.30
CA SER J 114 -26.82 -7.65 20.76
C SER J 114 -27.41 -7.63 22.18
N VAL J 115 -26.63 -7.19 23.16
CA VAL J 115 -27.14 -6.94 24.49
C VAL J 115 -27.47 -5.45 24.57
N LEU J 116 -28.67 -5.16 25.05
CA LEU J 116 -29.28 -3.82 24.90
C LEU J 116 -29.59 -3.15 26.22
N GLU J 117 -29.81 -1.85 26.17
CA GLU J 117 -30.11 -1.10 27.39
C GLU J 117 -31.49 -1.32 27.93
N ASP J 118 -32.44 -1.51 27.03
CA ASP J 118 -33.80 -1.78 27.40
C ASP J 118 -34.52 -2.23 26.16
N LEU J 119 -35.30 -3.30 26.29
CA LEU J 119 -35.98 -3.89 25.13
C LEU J 119 -37.05 -2.99 24.45
N LYS J 120 -37.33 -1.81 25.02
CA LYS J 120 -38.39 -0.89 24.54
C LYS J 120 -38.15 -0.28 23.17
N ASN J 121 -36.90 -0.27 22.71
CA ASN J 121 -36.56 0.30 21.40
C ASN J 121 -36.45 -0.79 20.31
N VAL J 122 -36.86 -2.02 20.62
CA VAL J 122 -36.90 -3.08 19.61
C VAL J 122 -38.21 -2.98 18.81
N PHE J 123 -38.08 -3.19 17.48
CA PHE J 123 -39.18 -3.13 16.54
C PHE J 123 -38.87 -4.08 15.37
N PRO J 124 -39.88 -4.82 14.87
CA PRO J 124 -39.64 -5.62 13.66
C PRO J 124 -39.75 -4.73 12.46
N PRO J 125 -39.37 -5.23 11.32
CA PRO J 125 -39.46 -4.42 10.14
C PRO J 125 -40.85 -4.41 9.61
N GLU J 126 -41.17 -3.29 8.98
CA GLU J 126 -42.35 -3.14 8.15
C GLU J 126 -41.77 -3.26 6.77
N VAL J 127 -42.33 -4.15 5.96
CA VAL J 127 -41.74 -4.49 4.67
C VAL J 127 -42.72 -4.26 3.53
N ALA J 128 -42.20 -3.63 2.50
CA ALA J 128 -42.94 -3.33 1.31
C ALA J 128 -42.15 -3.82 0.12
N VAL J 129 -42.84 -4.00 -0.99
CA VAL J 129 -42.22 -4.32 -2.26
C VAL J 129 -42.71 -3.30 -3.27
N PHE J 130 -41.86 -2.96 -4.22
CA PHE J 130 -42.24 -2.04 -5.25
C PHE J 130 -42.02 -2.76 -6.60
N GLU J 131 -42.86 -2.42 -7.58
CA GLU J 131 -42.96 -3.21 -8.81
C GLU J 131 -42.48 -2.35 -9.98
N PRO J 132 -41.67 -2.94 -10.88
CA PRO J 132 -40.88 -2.24 -11.92
C PRO J 132 -41.63 -1.16 -12.73
N SER J 133 -40.89 -0.14 -13.18
CA SER J 133 -41.45 1.00 -13.91
C SER J 133 -41.81 0.58 -15.34
N GLU J 134 -42.82 1.22 -15.92
CA GLU J 134 -43.11 1.05 -17.35
C GLU J 134 -41.88 1.52 -18.18
N ALA J 135 -41.30 2.66 -17.79
CA ALA J 135 -40.08 3.22 -18.42
C ALA J 135 -38.95 2.22 -18.60
N GLU J 136 -38.51 1.66 -17.47
CA GLU J 136 -37.44 0.66 -17.39
C GLU J 136 -37.64 -0.55 -18.30
N ILE J 137 -38.88 -0.83 -18.71
CA ILE J 137 -39.23 -2.04 -19.47
C ILE J 137 -39.16 -1.87 -21.00
N SER J 138 -39.46 -0.68 -21.51
CA SER J 138 -39.17 -0.42 -22.92
C SER J 138 -37.72 0.01 -23.15
N HIS J 139 -37.09 0.66 -22.15
CA HIS J 139 -35.68 1.15 -22.28
C HIS J 139 -34.71 -0.02 -22.35
N THR J 140 -34.96 -1.02 -21.51
CA THR J 140 -34.28 -2.30 -21.50
C THR J 140 -35.38 -3.35 -21.33
N GLN J 141 -35.21 -4.57 -21.85
CA GLN J 141 -36.26 -5.60 -21.67
C GLN J 141 -36.23 -6.20 -20.27
N LYS J 142 -36.29 -5.33 -19.27
CA LYS J 142 -35.86 -5.64 -17.91
C LYS J 142 -36.66 -4.88 -16.86
N ALA J 143 -37.06 -5.59 -15.82
CA ALA J 143 -37.89 -5.05 -14.75
C ALA J 143 -37.24 -5.32 -13.36
N THR J 144 -36.87 -4.26 -12.66
CA THR J 144 -36.30 -4.32 -11.32
C THR J 144 -37.42 -4.10 -10.32
N LEU J 145 -37.61 -5.06 -9.42
CA LEU J 145 -38.42 -4.90 -8.18
C LEU J 145 -37.48 -4.39 -7.09
N VAL J 146 -38.04 -3.69 -6.10
CA VAL J 146 -37.27 -3.15 -4.99
C VAL J 146 -37.97 -3.53 -3.67
N CYS J 147 -37.23 -4.08 -2.71
CA CYS J 147 -37.79 -4.36 -1.40
C CYS J 147 -37.15 -3.49 -0.34
N LEU J 148 -37.98 -2.74 0.40
CA LEU J 148 -37.56 -2.01 1.59
C LEU J 148 -38.04 -2.72 2.82
N ALA J 149 -37.13 -2.85 3.78
CA ALA J 149 -37.41 -3.21 5.14
C ALA J 149 -36.95 -2.01 5.95
N THR J 150 -37.85 -1.48 6.75
CA THR J 150 -37.63 -0.20 7.43
C THR J 150 -38.21 -0.24 8.82
N GLY J 151 -37.83 0.76 9.61
CA GLY J 151 -38.37 0.96 10.96
C GLY J 151 -37.93 -0.03 12.02
N PHE J 152 -36.82 -0.76 11.79
CA PHE J 152 -36.42 -1.90 12.65
C PHE J 152 -35.18 -1.64 13.47
N TYR J 153 -34.99 -2.44 14.50
CA TYR J 153 -33.88 -2.35 15.44
C TYR J 153 -34.02 -3.58 16.37
N PRO J 154 -32.93 -4.18 16.83
CA PRO J 154 -31.63 -3.99 16.27
C PRO J 154 -31.54 -4.67 14.89
N ASP J 155 -30.44 -4.43 14.21
CA ASP J 155 -30.31 -4.77 12.79
C ASP J 155 -29.95 -6.22 12.60
N HIS J 156 -30.89 -7.08 12.97
CA HIS J 156 -30.71 -8.50 12.84
C HIS J 156 -31.76 -8.95 11.91
N VAL J 157 -31.52 -8.74 10.61
CA VAL J 157 -32.45 -9.13 9.54
C VAL J 157 -31.72 -9.94 8.48
N GLU J 158 -32.48 -10.58 7.60
CA GLU J 158 -31.95 -11.52 6.61
C GLU J 158 -32.92 -11.53 5.45
N LEU J 159 -32.60 -10.73 4.47
CA LEU J 159 -33.51 -10.49 3.40
C LEU J 159 -33.23 -11.50 2.30
N SER J 160 -34.32 -12.02 1.73
CA SER J 160 -34.27 -13.03 0.67
C SER J 160 -35.49 -12.90 -0.23
N TRP J 161 -35.26 -13.09 -1.53
CA TRP J 161 -36.35 -13.21 -2.51
C TRP J 161 -36.68 -14.66 -2.77
N TRP J 162 -37.98 -14.89 -2.87
CA TRP J 162 -38.50 -16.16 -3.28
C TRP J 162 -39.33 -15.85 -4.54
N VAL J 163 -39.00 -16.51 -5.65
CA VAL J 163 -39.77 -16.42 -6.85
C VAL J 163 -40.42 -17.76 -7.00
N ASN J 164 -41.76 -17.76 -7.00
CA ASN J 164 -42.59 -18.95 -7.09
C ASN J 164 -42.27 -20.01 -6.08
N GLY J 165 -42.05 -19.63 -4.85
CA GLY J 165 -41.82 -20.65 -3.82
C GLY J 165 -40.45 -21.34 -3.75
N LYS J 166 -39.57 -21.08 -4.72
CA LYS J 166 -38.15 -21.39 -4.62
C LYS J 166 -37.44 -20.07 -4.37
N GLU J 167 -36.46 -20.07 -3.47
CA GLU J 167 -35.64 -18.87 -3.26
C GLU J 167 -34.71 -18.66 -4.47
N VAL J 168 -34.74 -17.46 -5.07
CA VAL J 168 -33.68 -17.05 -6.05
C VAL J 168 -32.54 -16.28 -5.40
N HIS J 169 -31.32 -16.51 -5.88
CA HIS J 169 -30.15 -15.63 -5.59
C HIS J 169 -29.72 -14.85 -6.84
N SER J 170 -29.91 -15.40 -8.03
CA SER J 170 -29.64 -14.69 -9.28
C SER J 170 -30.42 -13.38 -9.38
N GLY J 171 -29.79 -12.30 -9.86
CA GLY J 171 -30.50 -11.03 -10.06
C GLY J 171 -30.88 -10.26 -8.79
N VAL J 172 -30.31 -10.61 -7.65
CA VAL J 172 -30.62 -9.99 -6.34
C VAL J 172 -29.53 -8.99 -5.94
N CYS J 173 -29.80 -8.07 -5.01
CA CYS J 173 -28.78 -7.13 -4.56
C CYS J 173 -29.14 -6.58 -3.19
N THR J 174 -29.12 -7.43 -2.18
CA THR J 174 -29.31 -6.89 -0.83
C THR J 174 -28.22 -5.82 -0.53
N ASP J 175 -28.60 -4.79 0.22
CA ASP J 175 -27.64 -3.79 0.70
C ASP J 175 -26.51 -4.39 1.57
N PRO J 176 -25.29 -3.83 1.39
CA PRO J 176 -24.14 -4.13 2.23
C PRO J 176 -24.44 -4.06 3.73
N GLN J 177 -24.98 -2.93 4.16
CA GLN J 177 -25.31 -2.71 5.56
C GLN J 177 -26.74 -2.16 5.67
N PRO J 178 -27.39 -2.35 6.83
CA PRO J 178 -28.51 -1.46 7.19
C PRO J 178 -28.10 0.02 7.08
N LEU J 179 -29.04 0.94 6.89
CA LEU J 179 -28.73 2.38 7.04
C LEU J 179 -29.70 2.97 8.04
N LYS J 180 -29.19 3.78 8.96
CA LYS J 180 -30.01 4.26 10.08
C LYS J 180 -31.08 5.22 9.58
N GLU J 181 -32.29 5.05 10.11
CA GLU J 181 -33.43 5.94 9.82
C GLU J 181 -33.08 7.29 10.41
N GLN J 182 -32.76 7.28 11.70
CA GLN J 182 -32.38 8.47 12.42
C GLN J 182 -30.89 8.48 12.81
N PRO J 183 -30.00 8.98 11.91
CA PRO J 183 -28.62 9.26 12.33
C PRO J 183 -28.48 10.27 13.50
N ALA J 184 -29.57 10.96 13.86
CA ALA J 184 -29.64 11.86 15.01
C ALA J 184 -29.80 11.20 16.40
N LEU J 185 -30.36 9.98 16.50
CA LEU J 185 -30.52 9.27 17.79
C LEU J 185 -29.36 8.33 18.02
N ASN J 186 -28.94 8.28 19.29
CA ASN J 186 -27.83 7.48 19.76
C ASN J 186 -28.10 6.01 19.52
N ASP J 187 -29.21 5.52 20.07
CA ASP J 187 -29.86 4.27 19.60
C ASP J 187 -31.02 4.58 18.62
N SER J 188 -30.79 4.39 17.31
CA SER J 188 -31.84 4.64 16.29
C SER J 188 -32.15 3.47 15.41
N ARG J 189 -33.35 3.53 14.83
CA ARG J 189 -33.87 2.51 13.93
C ARG J 189 -33.21 2.51 12.55
N TYR J 190 -33.41 1.40 11.81
CA TYR J 190 -32.73 1.08 10.53
C TYR J 190 -33.66 0.88 9.36
N ALA J 191 -33.11 1.04 8.18
CA ALA J 191 -33.72 0.54 6.96
C ALA J 191 -32.73 -0.25 6.19
N LEU J 192 -33.24 -1.17 5.39
CA LEU J 192 -32.42 -1.96 4.51
C LEU J 192 -33.17 -2.15 3.20
N SER J 193 -32.49 -1.94 2.09
CA SER J 193 -33.09 -2.03 0.77
C SER J 193 -32.51 -3.22 0.02
N SER J 194 -33.29 -3.83 -0.89
CA SER J 194 -32.82 -4.89 -1.83
C SER J 194 -33.43 -4.73 -3.21
N ARG J 195 -32.85 -5.35 -4.26
CA ARG J 195 -33.45 -5.35 -5.62
C ARG J 195 -33.51 -6.74 -6.22
N LEU J 196 -34.46 -6.91 -7.14
CA LEU J 196 -34.50 -8.07 -8.00
C LEU J 196 -34.80 -7.64 -9.43
N ARG J 197 -33.88 -7.86 -10.37
CA ARG J 197 -34.12 -7.58 -11.78
C ARG J 197 -34.40 -8.87 -12.58
N VAL J 198 -35.45 -8.86 -13.40
CA VAL J 198 -35.78 -9.99 -14.30
C VAL J 198 -36.22 -9.43 -15.66
N SER J 199 -36.46 -10.31 -16.62
CA SER J 199 -36.90 -9.90 -17.94
C SER J 199 -38.36 -9.37 -17.96
N ALA J 200 -38.66 -8.57 -18.97
CA ALA J 200 -40.01 -8.14 -19.28
C ALA J 200 -40.93 -9.36 -19.50
N THR J 201 -40.45 -10.31 -20.31
CA THR J 201 -41.16 -11.57 -20.55
C THR J 201 -41.36 -12.47 -19.29
N PHE J 202 -40.75 -12.13 -18.16
CA PHE J 202 -40.95 -12.82 -16.90
C PHE J 202 -41.80 -12.00 -15.90
N TRP J 203 -41.52 -10.71 -15.79
CA TRP J 203 -42.33 -9.83 -14.94
C TRP J 203 -43.74 -9.72 -15.48
N GLN J 204 -43.92 -9.80 -16.81
CA GLN J 204 -45.26 -9.55 -17.40
C GLN J 204 -46.25 -10.74 -17.33
N ASP J 205 -45.69 -11.96 -17.28
CA ASP J 205 -46.43 -13.18 -17.06
C ASP J 205 -47.05 -13.20 -15.64
N PRO J 206 -48.40 -13.16 -15.57
CA PRO J 206 -49.10 -13.11 -14.28
C PRO J 206 -49.03 -14.42 -13.48
N ARG J 207 -48.67 -15.51 -14.17
CA ARG J 207 -48.22 -16.72 -13.50
C ARG J 207 -47.15 -16.48 -12.41
N ASN J 208 -46.20 -15.55 -12.64
CA ASN J 208 -45.07 -15.42 -11.70
C ASN J 208 -45.33 -14.66 -10.37
N HIS J 209 -44.91 -15.30 -9.28
CA HIS J 209 -45.01 -14.80 -7.91
C HIS J 209 -43.63 -14.39 -7.38
N PHE J 210 -43.61 -13.18 -6.84
CA PHE J 210 -42.44 -12.59 -6.31
C PHE J 210 -42.71 -12.33 -4.86
N ARG J 211 -41.81 -12.79 -3.99
CA ARG J 211 -41.90 -12.47 -2.56
C ARG J 211 -40.56 -12.05 -1.96
N CYS J 212 -40.66 -11.03 -1.12
CA CYS J 212 -39.55 -10.46 -0.36
C CYS J 212 -39.68 -10.86 1.12
N GLN J 213 -38.79 -11.71 1.61
CA GLN J 213 -38.91 -12.26 2.96
C GLN J 213 -37.81 -11.71 3.84
N VAL J 214 -38.17 -11.09 4.97
CA VAL J 214 -37.18 -10.49 5.89
C VAL J 214 -37.27 -11.20 7.24
N GLN J 215 -36.33 -12.08 7.50
CA GLN J 215 -36.39 -12.88 8.72
C GLN J 215 -35.77 -11.94 9.72
N PHE J 216 -36.47 -11.66 10.80
CA PHE J 216 -36.00 -10.72 11.80
C PHE J 216 -35.78 -11.46 13.08
N TYR J 217 -34.70 -11.16 13.78
CA TYR J 217 -34.43 -11.76 15.11
C TYR J 217 -34.65 -10.71 16.19
N GLY J 218 -35.21 -11.16 17.31
CA GLY J 218 -35.82 -10.26 18.29
C GLY J 218 -35.92 -10.99 19.60
N LEU J 219 -37.04 -10.82 20.31
CA LEU J 219 -37.23 -11.49 21.61
C LEU J 219 -37.86 -12.88 21.41
N SER J 220 -37.90 -13.68 22.49
CA SER J 220 -38.54 -15.01 22.46
C SER J 220 -39.66 -15.00 23.47
N GLU J 221 -40.55 -16.00 23.43
CA GLU J 221 -41.81 -15.93 24.23
C GLU J 221 -41.60 -15.85 25.77
N ASN J 222 -40.41 -16.27 26.25
CA ASN J 222 -40.07 -16.15 27.68
C ASN J 222 -39.72 -14.70 28.13
N ASP J 223 -39.14 -13.89 27.24
CA ASP J 223 -38.79 -12.48 27.52
C ASP J 223 -40.06 -11.80 27.98
N GLU J 224 -40.02 -11.09 29.11
CA GLU J 224 -41.27 -10.58 29.66
C GLU J 224 -41.48 -9.13 29.19
N TRP J 225 -42.24 -9.02 28.10
CA TRP J 225 -42.70 -7.75 27.53
C TRP J 225 -43.73 -7.08 28.46
N THR J 226 -43.54 -5.78 28.76
CA THR J 226 -44.45 -4.93 29.58
C THR J 226 -44.92 -3.60 28.93
N GLN J 227 -44.76 -3.43 27.61
CA GLN J 227 -45.24 -2.25 26.84
C GLN J 227 -46.57 -2.62 26.19
N ASP J 228 -47.41 -1.64 25.82
CA ASP J 228 -48.67 -2.00 25.12
C ASP J 228 -48.59 -1.73 23.65
N ARG J 229 -47.78 -2.59 23.06
CA ARG J 229 -47.75 -2.88 21.65
C ARG J 229 -47.78 -4.37 21.46
N ALA J 230 -47.84 -4.79 20.21
CA ALA J 230 -47.46 -6.17 19.88
C ALA J 230 -45.96 -6.35 20.21
N LYS J 231 -45.63 -7.53 20.71
CA LYS J 231 -44.28 -7.86 21.09
C LYS J 231 -43.40 -8.18 19.87
N PRO J 232 -42.17 -7.64 19.86
CA PRO J 232 -41.31 -7.86 18.70
C PRO J 232 -40.49 -9.10 18.92
N VAL J 233 -40.80 -10.15 18.20
CA VAL J 233 -40.20 -11.44 18.43
C VAL J 233 -39.81 -12.04 17.13
N THR J 234 -38.92 -13.01 17.20
CA THR J 234 -38.26 -13.52 16.03
C THR J 234 -39.34 -14.07 15.08
N GLN J 235 -39.49 -13.35 13.97
CA GLN J 235 -40.62 -13.47 13.10
C GLN J 235 -40.19 -13.21 11.68
N ILE J 236 -41.06 -13.59 10.77
CA ILE J 236 -40.87 -13.33 9.36
C ILE J 236 -41.87 -12.26 8.94
N VAL J 237 -41.35 -11.17 8.42
CA VAL J 237 -42.15 -10.12 7.77
C VAL J 237 -41.98 -10.27 6.25
N SER J 238 -43.09 -10.22 5.53
CA SER J 238 -43.04 -10.44 4.11
C SER J 238 -43.85 -9.37 3.34
N ALA J 239 -43.51 -9.21 2.06
CA ALA J 239 -44.33 -8.45 1.10
C ALA J 239 -44.29 -9.27 -0.19
N GLU J 240 -45.36 -9.26 -0.97
CA GLU J 240 -45.34 -10.00 -2.24
C GLU J 240 -45.93 -9.19 -3.39
N ALA J 241 -45.82 -9.73 -4.59
CA ALA J 241 -46.35 -9.13 -5.81
C ALA J 241 -46.42 -10.14 -6.99
N TRP J 242 -47.40 -9.98 -7.89
CA TRP J 242 -47.54 -10.83 -9.10
C TRP J 242 -47.22 -10.05 -10.37
N GLY J 243 -46.96 -10.80 -11.43
CA GLY J 243 -46.85 -10.24 -12.76
C GLY J 243 -48.17 -9.66 -13.24
N ARG J 244 -48.08 -8.61 -14.05
CA ARG J 244 -49.27 -7.93 -14.56
C ARG J 244 -49.02 -7.45 -15.99
N ALA J 245 -50.04 -6.80 -16.57
CA ALA J 245 -49.92 -6.16 -17.87
C ALA J 245 -51.12 -5.22 -18.11
N ASP J 246 -51.35 -4.28 -17.17
CA ASP J 246 -52.51 -3.36 -17.23
C ASP J 246 -52.37 -2.08 -16.39
#